data_7AD3
#
_entry.id   7AD3
#
_cell.length_a   1.00
_cell.length_b   1.00
_cell.length_c   1.00
_cell.angle_alpha   90.00
_cell.angle_beta   90.00
_cell.angle_gamma   90.00
#
_symmetry.space_group_name_H-M   'P 1'
#
loop_
_entity.id
_entity.type
_entity.pdbx_description
1 polymer 'Pheromone alpha factor receptor'
2 polymer 'Alpha-factor mating pheromone'
3 polymer 'STE4 isoform 1'
4 polymer 'Guanine nucleotide-binding protein alpha-1 subunit,Guanine nucleotide-binding protein alpha-1 subunit'
5 polymer 'Guanine nucleotide-binding protein subunit gamma'
6 non-polymer 2-acetamido-2-deoxy-beta-D-glucopyranose
7 non-polymer 'CHOLESTEROL HEMISUCCINATE'
#
loop_
_entity_poly.entity_id
_entity_poly.type
_entity_poly.pdbx_seq_one_letter_code
_entity_poly.pdbx_strand_id
1 'polypeptide(L)'
;MSDAAPSLSNLFYDPTYNPGQSTINYTSIYGNGSTITFDELQGLVNSTVTQAIMFGVRCGAAALTLIVMWMTSRSRKTPI
FIINQVSLFLIILHSALYFKYLLSNYSSVTYALTGFPQFISRGDVHVYGATNIIQVLLVASIETSLVFQIKVIFTGDNFK
RIGLMLTSISFTLGIATVTMYFVSAVKGMIVTYNDVSATQDKYFNASTILLASSINFMSFVLVVKLILAIRSRRFLGLKQ
FDSFHILLIMSCQSLLVPSIIFILAYSLKPNQGTDVLTTVATLLAVLSLPLSSMWATAANNASKTNTITSDFTTSTDRFY
PGTLSSFQTDSINNDAKSSLRSRLYDLYPRRKETTSDKHSERTFVSETADDIEKNQFYQLPTPTSSKNTRIGPFADASYK
EGEVEPVDMYTPDTAADEEARKFWTEDNNNL
;
B,A
2 'polypeptide(L)' WHWLQLKPGQPMY K,I
3 'polypeptide(L)'
;MAAHQMDSITYSNNVTQQYIQPQSLQDISAVEDEIQNKIEAARQESKQLHAQINKAKHKIQDASLFQMANKVTSLTKNKI
NLKPNIVLKGHNNKISDFRWSRDSKRILSASQDGFMLIWDSASGLKQNAIPLDSQWVLSCAISPSSTLVASAGLNNNCTI
YRVSKENRVAQNVASIFKGHTCYISDIEFTDNAHILTASGDMTCALWDIPKAKRVREYSDHLGDVLALAIPEEPNSENSS
NTFASCGSDGYTYIWDSRSPSAVQSFYVNDSDINALRFFKDGMSIVAGSDNGAINMYDLRSDCSIATFSLFRGYEERTPT
PTYMAANMEYNTAQSPQTLKSTSSSYLDNQGVVSLDFSASGRLMYSCYTDIGCVVWDVLKGEIVGKLEGHGGRVTGVRSS
PDGLAVCTGSWDSTMKIWSPGYQ
;
F
4 'polypeptide(L)'
;TVSTQTIGDESDPFLQNKRANDVIEQSLQLEKQRDKNEIKLLLLGADNSGKSTVLKQLKLLHGGSGGSGGTTGITETEFN
IGSSKFKVLDAGGQRSERKKWIHCFEGITAVLFVLDMSDYNRMHESIMLFDTLLNSKWFKDTPFILFLNKIDLFEEKVKS
MPIRKYFPDYQGRVGDAEAGLKYFEKIFLSLNKTNKPIYVKRTCATDTQTAKFILSAVTDLIIQQNLKKIGII
;
E,H
5 'polypeptide(L)'
;TSVQNSPRLQQPQEQQQQQQQLSLKIKQLKLKRINELNNKLRKELSRERITASNACLTIINYTSNTKDYTLPELWGYPVA
GSNHFIEGLKNAQKNSQMSNSNSVSSTLM
;
G
#
loop_
_chem_comp.id
_chem_comp.type
_chem_comp.name
_chem_comp.formula
NAG D-saccharide, beta linking 2-acetamido-2-deoxy-beta-D-glucopyranose 'C8 H15 N O6'
Y01 non-polymer 'CHOLESTEROL HEMISUCCINATE' 'C31 H50 O4'
#
# COMPACT_ATOMS: atom_id res chain seq x y z
N SER A 9 -21.45 51.36 -34.49
CA SER A 9 -20.50 51.26 -33.39
C SER A 9 -20.65 52.45 -32.43
N ASN A 10 -21.90 52.87 -32.21
CA ASN A 10 -22.15 54.03 -31.37
C ASN A 10 -22.00 53.73 -29.88
N LEU A 11 -22.28 52.51 -29.45
CA LEU A 11 -22.40 52.19 -28.03
C LEU A 11 -21.16 51.53 -27.45
N PHE A 12 -20.07 51.44 -28.24
CA PHE A 12 -18.86 50.82 -27.73
C PHE A 12 -18.15 51.72 -26.71
N TYR A 13 -18.19 53.03 -26.92
CA TYR A 13 -17.42 53.95 -26.10
C TYR A 13 -17.97 54.07 -24.68
N ASP A 14 -19.30 54.02 -24.53
CA ASP A 14 -20.03 54.15 -23.28
C ASP A 14 -19.49 53.22 -22.18
N PRO A 15 -18.96 53.78 -21.08
CA PRO A 15 -18.44 52.92 -20.01
C PRO A 15 -19.51 52.23 -19.20
N THR A 16 -20.69 52.83 -19.06
CA THR A 16 -21.79 52.26 -18.27
C THR A 16 -22.96 52.01 -19.21
N TYR A 17 -23.25 50.72 -19.46
CA TYR A 17 -24.29 50.29 -20.38
C TYR A 17 -24.56 48.81 -20.13
N ASN A 18 -25.82 48.42 -20.29
CA ASN A 18 -26.23 47.04 -20.05
C ASN A 18 -26.67 46.38 -21.34
N PRO A 19 -25.81 45.61 -22.01
CA PRO A 19 -26.24 44.90 -23.23
C PRO A 19 -27.08 43.67 -22.98
N GLY A 20 -27.26 43.26 -21.72
CA GLY A 20 -28.18 42.18 -21.41
C GLY A 20 -29.64 42.54 -21.61
N GLN A 21 -29.98 43.83 -21.54
CA GLN A 21 -31.34 44.28 -21.69
C GLN A 21 -31.70 44.63 -23.14
N SER A 22 -30.76 44.54 -24.08
CA SER A 22 -31.04 44.95 -25.45
C SER A 22 -31.95 43.94 -26.15
N THR A 23 -32.56 44.39 -27.24
CA THR A 23 -33.71 43.72 -27.81
C THR A 23 -33.30 42.89 -29.03
N ILE A 24 -33.48 41.57 -28.93
CA ILE A 24 -33.47 40.69 -30.08
C ILE A 24 -34.91 40.60 -30.57
N ASN A 25 -35.13 40.95 -31.83
CA ASN A 25 -36.46 40.80 -32.43
C ASN A 25 -36.38 40.04 -33.74
N TYR A 26 -37.18 38.97 -33.82
CA TYR A 26 -37.06 37.92 -34.81
C TYR A 26 -38.44 37.61 -35.38
N THR A 27 -38.46 36.93 -36.53
CA THR A 27 -39.72 36.44 -37.08
C THR A 27 -40.23 35.26 -36.26
N SER A 28 -41.52 35.26 -35.93
CA SER A 28 -42.11 34.22 -35.11
C SER A 28 -43.58 34.06 -35.48
N ILE A 29 -44.23 33.06 -34.86
CA ILE A 29 -45.63 32.79 -35.16
C ILE A 29 -46.55 33.82 -34.49
N TYR A 30 -46.14 34.41 -33.37
CA TYR A 30 -46.95 35.45 -32.76
C TYR A 30 -46.93 36.74 -33.56
N GLY A 31 -45.82 37.00 -34.25
CA GLY A 31 -45.72 38.19 -35.07
C GLY A 31 -44.31 38.34 -35.59
N ASN A 32 -44.15 39.26 -36.54
CA ASN A 32 -42.83 39.50 -37.10
C ASN A 32 -41.92 40.25 -36.15
N GLY A 33 -42.45 41.03 -35.21
CA GLY A 33 -41.60 41.71 -34.27
C GLY A 33 -40.96 40.78 -33.26
N SER A 34 -41.76 40.30 -32.29
CA SER A 34 -41.38 39.30 -31.28
C SER A 34 -40.09 39.67 -30.53
N THR A 35 -40.17 40.77 -29.79
CA THR A 35 -39.01 41.28 -29.07
C THR A 35 -38.78 40.50 -27.78
N ILE A 36 -37.51 40.25 -27.47
CA ILE A 36 -37.11 39.64 -26.20
C ILE A 36 -35.70 40.10 -25.85
N THR A 37 -35.43 40.24 -24.56
CA THR A 37 -34.13 40.69 -24.11
C THR A 37 -33.08 39.57 -24.20
N PHE A 38 -31.81 39.97 -24.17
CA PHE A 38 -30.71 39.00 -24.16
C PHE A 38 -30.68 38.20 -22.87
N ASP A 39 -31.18 38.76 -21.77
CA ASP A 39 -31.12 38.05 -20.49
C ASP A 39 -32.08 36.87 -20.43
N GLU A 40 -33.24 36.97 -21.08
CA GLU A 40 -34.17 35.84 -21.08
C GLU A 40 -33.67 34.70 -21.97
N LEU A 41 -33.07 35.05 -23.12
CA LEU A 41 -32.45 34.02 -23.96
C LEU A 41 -31.26 33.39 -23.26
N GLN A 42 -30.51 34.18 -22.49
CA GLN A 42 -29.41 33.62 -21.73
C GLN A 42 -29.91 32.77 -20.57
N GLY A 43 -31.09 33.08 -20.03
CA GLY A 43 -31.69 32.20 -19.04
C GLY A 43 -32.13 30.87 -19.63
N LEU A 44 -32.65 30.91 -20.86
CA LEU A 44 -32.98 29.67 -21.59
C LEU A 44 -31.72 28.83 -21.84
N VAL A 45 -30.64 29.50 -22.29
CA VAL A 45 -29.39 28.80 -22.59
C VAL A 45 -28.77 28.24 -21.31
N ASN A 46 -28.87 28.97 -20.19
CA ASN A 46 -28.37 28.46 -18.92
C ASN A 46 -29.22 27.32 -18.40
N SER A 47 -30.52 27.31 -18.69
CA SER A 47 -31.36 26.16 -18.35
C SER A 47 -30.94 24.91 -19.11
N THR A 48 -30.70 25.05 -20.42
CA THR A 48 -30.24 23.92 -21.22
C THR A 48 -28.85 23.45 -20.80
N VAL A 49 -27.97 24.39 -20.46
CA VAL A 49 -26.62 24.04 -20.05
C VAL A 49 -26.63 23.35 -18.68
N THR A 50 -27.52 23.76 -17.78
CA THR A 50 -27.60 23.12 -16.48
C THR A 50 -28.20 21.72 -16.59
N GLN A 51 -29.18 21.55 -17.49
CA GLN A 51 -29.68 20.21 -17.79
C GLN A 51 -28.57 19.32 -18.36
N ALA A 52 -27.74 19.88 -19.24
CA ALA A 52 -26.66 19.12 -19.85
C ALA A 52 -25.59 18.74 -18.83
N ILE A 53 -25.33 19.63 -17.86
CA ILE A 53 -24.37 19.35 -16.80
C ILE A 53 -24.87 18.22 -15.91
N MET A 54 -26.16 18.25 -15.54
CA MET A 54 -26.68 17.23 -14.64
C MET A 54 -26.78 15.87 -15.34
N PHE A 55 -27.14 15.86 -16.62
CA PHE A 55 -27.20 14.58 -17.33
C PHE A 55 -25.81 14.07 -17.68
N GLY A 56 -24.82 14.96 -17.83
CA GLY A 56 -23.45 14.52 -17.98
C GLY A 56 -22.92 13.87 -16.72
N VAL A 57 -23.23 14.45 -15.56
CA VAL A 57 -22.83 13.87 -14.28
C VAL A 57 -23.48 12.51 -14.10
N ARG A 58 -24.76 12.40 -14.46
CA ARG A 58 -25.47 11.12 -14.42
C ARG A 58 -24.82 10.06 -15.30
N CYS A 59 -24.52 10.42 -16.56
CA CYS A 59 -23.95 9.47 -17.50
C CYS A 59 -22.55 9.03 -17.11
N GLY A 60 -21.72 9.97 -16.63
CA GLY A 60 -20.37 9.61 -16.24
C GLY A 60 -20.32 8.76 -14.99
N ALA A 61 -21.15 9.11 -13.99
CA ALA A 61 -21.20 8.33 -12.76
C ALA A 61 -21.73 6.93 -13.00
N ALA A 62 -22.74 6.79 -13.86
CA ALA A 62 -23.27 5.46 -14.16
C ALA A 62 -22.30 4.64 -14.99
N ALA A 63 -21.58 5.28 -15.93
CA ALA A 63 -20.61 4.55 -16.74
C ALA A 63 -19.46 4.02 -15.90
N LEU A 64 -19.00 4.83 -14.94
CA LEU A 64 -17.91 4.30 -14.12
C LEU A 64 -18.39 3.33 -13.06
N THR A 65 -19.63 3.45 -12.58
CA THR A 65 -20.12 2.41 -11.68
C THR A 65 -20.35 1.10 -12.43
N LEU A 66 -20.69 1.19 -13.72
CA LEU A 66 -20.80 -0.02 -14.54
C LEU A 66 -19.44 -0.67 -14.73
N ILE A 67 -18.39 0.12 -15.00
CA ILE A 67 -17.05 -0.42 -15.18
C ILE A 67 -16.53 -1.06 -13.89
N VAL A 68 -16.71 -0.36 -12.76
CA VAL A 68 -16.21 -0.89 -11.50
C VAL A 68 -17.04 -2.09 -11.03
N MET A 69 -18.34 -2.13 -11.36
CA MET A 69 -19.12 -3.32 -11.06
C MET A 69 -18.72 -4.50 -11.93
N TRP A 70 -18.24 -4.24 -13.16
CA TRP A 70 -17.70 -5.34 -13.95
C TRP A 70 -16.34 -5.80 -13.44
N MET A 71 -15.58 -4.91 -12.79
CA MET A 71 -14.24 -5.27 -12.30
C MET A 71 -14.20 -5.71 -10.85
N THR A 72 -14.93 -5.04 -9.95
CA THR A 72 -14.81 -5.25 -8.51
C THR A 72 -15.96 -6.13 -7.99
N SER A 73 -16.38 -7.10 -8.78
CA SER A 73 -17.45 -8.02 -8.38
C SER A 73 -16.88 -9.38 -8.04
N ARG A 74 -17.20 -9.86 -6.83
CA ARG A 74 -16.86 -11.22 -6.47
C ARG A 74 -17.80 -12.22 -7.15
N SER A 75 -19.08 -11.86 -7.27
CA SER A 75 -20.11 -12.78 -7.74
C SER A 75 -20.84 -12.16 -8.92
N ARG A 76 -20.92 -12.90 -10.03
CA ARG A 76 -21.71 -12.55 -11.18
C ARG A 76 -22.75 -13.64 -11.42
N LYS A 77 -23.79 -13.28 -12.19
CA LYS A 77 -25.08 -13.97 -12.39
C LYS A 77 -25.94 -13.92 -11.13
N THR A 78 -25.52 -13.15 -10.13
CA THR A 78 -26.33 -12.87 -8.97
C THR A 78 -27.48 -11.95 -9.37
N PRO A 79 -28.70 -12.16 -8.82
CA PRO A 79 -29.85 -11.36 -9.29
C PRO A 79 -29.75 -9.86 -9.06
N ILE A 80 -29.32 -9.43 -7.87
CA ILE A 80 -29.17 -8.00 -7.61
C ILE A 80 -28.05 -7.39 -8.46
N PHE A 81 -26.99 -8.16 -8.75
CA PHE A 81 -25.99 -7.75 -9.73
C PHE A 81 -26.61 -7.47 -11.09
N ILE A 82 -27.50 -8.35 -11.56
CA ILE A 82 -28.10 -8.16 -12.87
C ILE A 82 -29.07 -6.99 -12.86
N ILE A 83 -29.82 -6.82 -11.77
CA ILE A 83 -30.75 -5.69 -11.65
C ILE A 83 -30.00 -4.37 -11.61
N ASN A 84 -28.85 -4.34 -10.93
CA ASN A 84 -28.04 -3.12 -10.87
C ASN A 84 -27.38 -2.83 -12.21
N GLN A 85 -26.95 -3.87 -12.93
CA GLN A 85 -26.38 -3.64 -14.26
C GLN A 85 -27.45 -3.12 -15.23
N VAL A 86 -28.68 -3.62 -15.11
CA VAL A 86 -29.78 -3.11 -15.93
C VAL A 86 -30.11 -1.67 -15.55
N SER A 87 -30.07 -1.34 -14.25
CA SER A 87 -30.35 0.02 -13.79
C SER A 87 -29.30 1.01 -14.29
N LEU A 88 -28.02 0.67 -14.12
CA LEU A 88 -26.95 1.57 -14.55
C LEU A 88 -26.89 1.68 -16.07
N PHE A 89 -27.16 0.58 -16.78
CA PHE A 89 -27.18 0.63 -18.23
C PHE A 89 -28.37 1.44 -18.73
N LEU A 90 -29.51 1.38 -18.04
CA LEU A 90 -30.64 2.21 -18.45
C LEU A 90 -30.42 3.66 -18.10
N ILE A 91 -29.66 3.97 -17.05
CA ILE A 91 -29.27 5.35 -16.78
C ILE A 91 -28.37 5.87 -17.89
N ILE A 92 -27.40 5.05 -18.33
CA ILE A 92 -26.50 5.44 -19.42
C ILE A 92 -27.28 5.64 -20.71
N LEU A 93 -28.23 4.75 -21.01
CA LEU A 93 -29.00 4.85 -22.24
C LEU A 93 -29.98 6.04 -22.21
N HIS A 94 -30.59 6.30 -21.05
CA HIS A 94 -31.49 7.43 -20.92
C HIS A 94 -30.74 8.75 -20.98
N SER A 95 -29.54 8.80 -20.39
CA SER A 95 -28.71 9.99 -20.49
C SER A 95 -28.18 10.19 -21.91
N ALA A 96 -27.93 9.10 -22.64
CA ALA A 96 -27.52 9.23 -24.04
C ALA A 96 -28.66 9.77 -24.90
N LEU A 97 -29.87 9.26 -24.70
CA LEU A 97 -31.02 9.78 -25.42
C LEU A 97 -31.37 11.21 -24.99
N TYR A 98 -31.04 11.58 -23.76
CA TYR A 98 -31.29 12.95 -23.36
C TYR A 98 -30.24 13.89 -23.92
N PHE A 99 -28.98 13.42 -24.07
CA PHE A 99 -27.98 14.18 -24.81
C PHE A 99 -28.38 14.35 -26.27
N LYS A 100 -29.06 13.35 -26.82
CA LYS A 100 -29.50 13.47 -28.20
C LYS A 100 -30.75 14.32 -28.32
N TYR A 101 -31.50 14.49 -27.24
CA TYR A 101 -32.60 15.45 -27.24
C TYR A 101 -32.10 16.88 -27.08
N LEU A 102 -31.12 17.10 -26.20
CA LEU A 102 -30.64 18.45 -25.92
C LEU A 102 -29.95 19.08 -27.12
N LEU A 103 -29.28 18.28 -27.94
CA LEU A 103 -28.68 18.76 -29.18
C LEU A 103 -29.58 18.42 -30.36
N SER A 104 -30.83 18.88 -30.31
CA SER A 104 -31.81 18.51 -31.32
C SER A 104 -32.78 19.65 -31.55
N ASN A 105 -33.74 19.41 -32.45
CA ASN A 105 -34.67 20.43 -32.91
C ASN A 105 -35.61 20.92 -31.82
N TYR A 106 -36.02 20.06 -30.89
CA TYR A 106 -36.93 20.49 -29.83
C TYR A 106 -36.26 21.45 -28.87
N SER A 107 -35.06 21.12 -28.41
CA SER A 107 -34.36 21.95 -27.43
C SER A 107 -33.87 23.26 -28.02
N SER A 108 -33.69 23.31 -29.35
CA SER A 108 -33.05 24.43 -30.01
C SER A 108 -33.91 25.70 -29.92
N VAL A 109 -33.23 26.85 -29.90
CA VAL A 109 -33.93 28.13 -29.89
C VAL A 109 -34.63 28.43 -31.22
N THR A 110 -34.29 27.69 -32.29
CA THR A 110 -35.04 27.75 -33.53
C THR A 110 -36.48 27.24 -33.34
N TYR A 111 -36.75 26.43 -32.32
CA TYR A 111 -38.11 26.04 -31.98
C TYR A 111 -38.52 26.47 -30.57
N ALA A 112 -37.57 26.83 -29.69
CA ALA A 112 -37.94 27.28 -28.36
C ALA A 112 -38.41 28.73 -28.35
N LEU A 113 -38.10 29.50 -29.39
CA LEU A 113 -38.63 30.84 -29.56
C LEU A 113 -39.60 30.90 -30.74
N THR A 114 -39.14 30.51 -31.92
CA THR A 114 -39.94 30.57 -33.14
C THR A 114 -40.68 29.24 -33.27
N GLY A 115 -41.93 29.20 -32.81
CA GLY A 115 -42.68 27.95 -32.79
C GLY A 115 -43.18 27.45 -34.14
N PHE A 116 -42.28 27.31 -35.11
CA PHE A 116 -42.61 26.73 -36.39
C PHE A 116 -42.50 25.22 -36.31
N PRO A 117 -43.58 24.46 -36.55
CA PRO A 117 -43.54 23.01 -36.34
C PRO A 117 -42.96 22.23 -37.52
N GLN A 118 -42.52 22.90 -38.58
CA GLN A 118 -41.84 22.22 -39.69
C GLN A 118 -40.43 21.80 -39.31
N PHE A 119 -39.83 22.47 -38.32
CA PHE A 119 -38.49 22.13 -37.86
C PHE A 119 -38.46 20.74 -37.23
N ILE A 120 -39.53 20.36 -36.56
CA ILE A 120 -39.66 19.06 -35.90
C ILE A 120 -39.92 17.99 -36.96
N SER A 121 -39.39 16.78 -36.72
CA SER A 121 -39.60 15.63 -37.60
C SER A 121 -40.06 14.44 -36.78
N ARG A 122 -40.53 13.40 -37.50
CA ARG A 122 -41.02 12.17 -36.86
C ARG A 122 -39.91 11.43 -36.11
N GLY A 123 -38.66 11.60 -36.53
CA GLY A 123 -37.55 10.98 -35.82
C GLY A 123 -37.39 11.51 -34.40
N ASP A 124 -37.61 12.81 -34.21
CA ASP A 124 -37.58 13.38 -32.86
C ASP A 124 -38.71 12.85 -31.99
N VAL A 125 -39.88 12.61 -32.57
CA VAL A 125 -41.00 12.04 -31.82
C VAL A 125 -40.71 10.60 -31.44
N HIS A 126 -40.17 9.81 -32.38
CA HIS A 126 -39.71 8.46 -32.08
C HIS A 126 -38.66 8.44 -30.96
N VAL A 127 -37.72 9.38 -30.99
CA VAL A 127 -36.69 9.45 -29.96
C VAL A 127 -37.29 9.86 -28.62
N TYR A 128 -38.28 10.77 -28.64
CA TYR A 128 -39.02 11.15 -27.45
C TYR A 128 -39.74 9.95 -26.81
N GLY A 129 -40.46 9.18 -27.64
CA GLY A 129 -41.13 8.00 -27.13
C GLY A 129 -40.17 6.94 -26.63
N ALA A 130 -39.02 6.81 -27.30
CA ALA A 130 -37.99 5.88 -26.85
C ALA A 130 -37.42 6.29 -25.50
N THR A 131 -37.20 7.59 -25.31
CA THR A 131 -36.66 8.09 -24.04
C THR A 131 -37.67 7.90 -22.91
N ASN A 132 -38.97 8.10 -23.19
CA ASN A 132 -39.98 7.85 -22.18
C ASN A 132 -40.08 6.36 -21.84
N ILE A 133 -39.93 5.49 -22.85
CA ILE A 133 -39.95 4.05 -22.61
C ILE A 133 -38.76 3.62 -21.76
N ILE A 134 -37.58 4.19 -22.03
CA ILE A 134 -36.38 3.87 -21.25
C ILE A 134 -36.51 4.41 -19.82
N GLN A 135 -37.19 5.55 -19.64
CA GLN A 135 -37.43 6.04 -18.28
C GLN A 135 -38.41 5.15 -17.52
N VAL A 136 -39.43 4.63 -18.21
CA VAL A 136 -40.36 3.70 -17.58
C VAL A 136 -39.65 2.41 -17.17
N LEU A 137 -38.77 1.91 -18.04
CA LEU A 137 -37.98 0.73 -17.69
C LEU A 137 -36.98 1.00 -16.58
N LEU A 138 -36.47 2.23 -16.49
CA LEU A 138 -35.55 2.59 -15.42
C LEU A 138 -36.26 2.66 -14.08
N VAL A 139 -37.47 3.24 -14.05
CA VAL A 139 -38.26 3.26 -12.83
C VAL A 139 -38.67 1.85 -12.42
N ALA A 140 -38.97 1.00 -13.41
CA ALA A 140 -39.27 -0.41 -13.12
C ALA A 140 -38.06 -1.12 -12.52
N SER A 141 -36.85 -0.82 -13.01
CA SER A 141 -35.65 -1.44 -12.47
C SER A 141 -35.34 -0.92 -11.07
N ILE A 142 -35.57 0.37 -10.82
CA ILE A 142 -35.32 0.95 -9.50
C ILE A 142 -36.27 0.35 -8.47
N GLU A 143 -37.56 0.28 -8.81
CA GLU A 143 -38.53 -0.29 -7.89
C GLU A 143 -38.33 -1.78 -7.72
N THR A 144 -37.85 -2.47 -8.77
CA THR A 144 -37.52 -3.89 -8.64
C THR A 144 -36.37 -4.08 -7.65
N SER A 145 -35.35 -3.23 -7.73
CA SER A 145 -34.23 -3.32 -6.80
C SER A 145 -34.66 -3.01 -5.37
N LEU A 146 -35.53 -2.01 -5.18
CA LEU A 146 -35.97 -1.66 -3.83
C LEU A 146 -36.87 -2.74 -3.23
N VAL A 147 -37.79 -3.30 -4.01
CA VAL A 147 -38.65 -4.37 -3.51
C VAL A 147 -37.84 -5.65 -3.27
N PHE A 148 -36.79 -5.90 -4.08
CA PHE A 148 -35.89 -7.01 -3.78
C PHE A 148 -35.13 -6.79 -2.48
N GLN A 149 -34.72 -5.54 -2.20
CA GLN A 149 -34.02 -5.24 -0.96
C GLN A 149 -34.91 -5.46 0.25
N ILE A 150 -36.16 -5.00 0.17
CA ILE A 150 -37.09 -5.16 1.28
C ILE A 150 -37.49 -6.63 1.45
N LYS A 151 -37.75 -7.33 0.35
CA LYS A 151 -38.13 -8.74 0.41
C LYS A 151 -36.99 -9.64 0.84
N VAL A 152 -35.74 -9.20 0.73
CA VAL A 152 -34.64 -10.01 1.23
C VAL A 152 -34.23 -9.59 2.65
N ILE A 153 -34.55 -8.37 3.08
CA ILE A 153 -34.25 -8.03 4.47
C ILE A 153 -35.36 -8.53 5.40
N PHE A 154 -36.59 -8.65 4.90
CA PHE A 154 -37.71 -9.11 5.71
C PHE A 154 -37.95 -10.61 5.66
N THR A 155 -37.17 -11.35 4.88
CA THR A 155 -37.18 -12.79 5.10
C THR A 155 -36.46 -13.12 6.42
N GLY A 156 -36.80 -14.27 6.99
CA GLY A 156 -36.13 -14.76 8.16
C GLY A 156 -36.77 -14.40 9.48
N ASP A 157 -37.66 -13.43 9.52
CA ASP A 157 -38.32 -13.06 10.76
C ASP A 157 -39.31 -14.14 11.18
N ASN A 158 -39.45 -14.33 12.49
CA ASN A 158 -40.34 -15.35 13.01
C ASN A 158 -41.72 -14.81 13.36
N PHE A 159 -41.88 -13.49 13.38
CA PHE A 159 -43.17 -12.85 13.61
C PHE A 159 -43.50 -12.05 12.36
N LYS A 160 -44.10 -12.72 11.37
CA LYS A 160 -44.35 -12.10 10.07
C LYS A 160 -45.73 -11.46 10.06
N ARG A 161 -45.87 -10.40 10.86
CA ARG A 161 -47.09 -9.59 10.88
C ARG A 161 -46.86 -8.21 10.29
N ILE A 162 -45.90 -7.45 10.82
CA ILE A 162 -45.57 -6.16 10.23
C ILE A 162 -44.68 -6.33 9.00
N GLY A 163 -43.99 -7.46 8.86
CA GLY A 163 -43.08 -7.63 7.74
C GLY A 163 -43.80 -7.83 6.42
N LEU A 164 -44.81 -8.72 6.40
CA LEU A 164 -45.57 -8.96 5.19
C LEU A 164 -46.42 -7.74 4.82
N MET A 165 -46.93 -7.03 5.84
CA MET A 165 -47.69 -5.81 5.59
C MET A 165 -46.81 -4.73 5.00
N LEU A 166 -45.60 -4.56 5.54
CA LEU A 166 -44.67 -3.56 5.03
C LEU A 166 -44.19 -3.90 3.63
N THR A 167 -43.96 -5.19 3.36
CA THR A 167 -43.54 -5.63 2.03
C THR A 167 -44.66 -5.45 1.01
N SER A 168 -45.91 -5.68 1.42
CA SER A 168 -47.03 -5.46 0.50
C SER A 168 -47.26 -3.98 0.26
N ILE A 169 -47.05 -3.13 1.27
CA ILE A 169 -47.15 -1.69 1.07
C ILE A 169 -46.05 -1.20 0.13
N SER A 170 -44.84 -1.77 0.27
CA SER A 170 -43.74 -1.40 -0.61
C SER A 170 -43.98 -1.87 -2.05
N PHE A 171 -44.52 -3.09 -2.21
CA PHE A 171 -44.88 -3.60 -3.53
C PHE A 171 -46.00 -2.76 -4.16
N THR A 172 -46.95 -2.31 -3.34
CA THR A 172 -48.04 -1.48 -3.85
C THR A 172 -47.54 -0.12 -4.28
N LEU A 173 -46.64 0.49 -3.49
CA LEU A 173 -46.01 1.75 -3.88
C LEU A 173 -45.18 1.60 -5.15
N GLY A 174 -44.47 0.48 -5.27
CA GLY A 174 -43.63 0.27 -6.44
C GLY A 174 -44.43 0.08 -7.71
N ILE A 175 -45.44 -0.80 -7.67
CA ILE A 175 -46.28 -1.00 -8.84
C ILE A 175 -47.13 0.24 -9.13
N ALA A 176 -47.43 1.04 -8.09
CA ALA A 176 -48.19 2.27 -8.29
C ALA A 176 -47.35 3.31 -9.03
N THR A 177 -46.09 3.49 -8.64
CA THR A 177 -45.29 4.49 -9.33
C THR A 177 -44.82 4.00 -10.70
N VAL A 178 -44.65 2.68 -10.90
CA VAL A 178 -44.35 2.18 -12.23
C VAL A 178 -45.55 2.36 -13.15
N THR A 179 -46.77 2.15 -12.61
CA THR A 179 -47.97 2.39 -13.39
C THR A 179 -48.17 3.88 -13.69
N MET A 180 -47.82 4.75 -12.74
CA MET A 180 -47.96 6.19 -12.98
C MET A 180 -46.96 6.68 -14.02
N TYR A 181 -45.73 6.16 -13.98
CA TYR A 181 -44.75 6.49 -15.02
C TYR A 181 -45.18 5.95 -16.37
N PHE A 182 -45.81 4.76 -16.37
CA PHE A 182 -46.27 4.16 -17.62
C PHE A 182 -47.41 4.96 -18.24
N VAL A 183 -48.40 5.34 -17.44
CA VAL A 183 -49.52 6.11 -17.98
C VAL A 183 -49.08 7.53 -18.34
N SER A 184 -48.06 8.07 -17.65
CA SER A 184 -47.52 9.37 -18.04
C SER A 184 -46.80 9.28 -19.38
N ALA A 185 -46.07 8.18 -19.61
CA ALA A 185 -45.40 7.98 -20.89
C ALA A 185 -46.39 7.79 -22.03
N VAL A 186 -47.44 7.01 -21.81
CA VAL A 186 -48.44 6.79 -22.87
C VAL A 186 -49.23 8.07 -23.14
N LYS A 187 -49.56 8.83 -22.08
CA LYS A 187 -50.29 10.08 -22.28
C LYS A 187 -49.43 11.13 -22.98
N GLY A 188 -48.14 11.17 -22.69
CA GLY A 188 -47.26 12.09 -23.37
C GLY A 188 -47.00 11.68 -24.80
N MET A 189 -46.95 10.37 -25.06
CA MET A 189 -46.74 9.89 -26.41
C MET A 189 -47.97 10.14 -27.29
N ILE A 190 -49.18 10.00 -26.75
CA ILE A 190 -50.34 10.27 -27.59
C ILE A 190 -50.53 11.78 -27.78
N VAL A 191 -50.21 12.60 -26.77
CA VAL A 191 -50.43 14.03 -26.96
C VAL A 191 -49.35 14.62 -27.88
N THR A 192 -48.15 14.03 -27.90
CA THR A 192 -47.14 14.45 -28.88
C THR A 192 -47.42 13.86 -30.26
N TYR A 193 -48.09 12.69 -30.30
CA TYR A 193 -48.50 12.10 -31.57
C TYR A 193 -49.60 12.91 -32.23
N ASN A 194 -50.44 13.59 -31.43
CA ASN A 194 -51.47 14.45 -31.98
C ASN A 194 -50.91 15.82 -32.39
N ASP A 195 -50.40 16.57 -31.41
CA ASP A 195 -49.88 17.91 -31.64
C ASP A 195 -48.45 18.00 -31.11
N VAL A 196 -47.53 18.45 -31.95
CA VAL A 196 -46.11 18.48 -31.59
C VAL A 196 -45.76 19.57 -30.60
N SER A 197 -46.67 20.50 -30.30
CA SER A 197 -46.39 21.60 -29.38
C SER A 197 -47.25 21.52 -28.11
N ALA A 198 -47.62 20.32 -27.69
CA ALA A 198 -48.49 20.13 -26.53
C ALA A 198 -47.77 19.31 -25.46
N THR A 199 -48.16 19.52 -24.21
CA THR A 199 -47.48 18.90 -23.07
C THR A 199 -48.46 18.56 -21.98
N GLN A 200 -48.13 17.52 -21.22
CA GLN A 200 -48.88 17.11 -20.02
C GLN A 200 -47.93 17.16 -18.83
N ASP A 201 -48.36 17.80 -17.75
CA ASP A 201 -47.49 18.01 -16.59
C ASP A 201 -48.02 17.45 -15.29
N LYS A 202 -49.30 17.03 -15.23
CA LYS A 202 -49.87 16.55 -13.97
C LYS A 202 -49.36 15.15 -13.64
N TYR A 203 -49.41 14.24 -14.63
CA TYR A 203 -48.96 12.87 -14.41
C TYR A 203 -47.47 12.79 -14.12
N PHE A 204 -46.67 13.71 -14.69
CA PHE A 204 -45.24 13.75 -14.37
C PHE A 204 -45.00 14.11 -12.92
N ASN A 205 -45.69 15.14 -12.42
CA ASN A 205 -45.53 15.53 -11.02
C ASN A 205 -46.06 14.45 -10.08
N ALA A 206 -47.13 13.77 -10.49
CA ALA A 206 -47.67 12.67 -9.70
C ALA A 206 -46.68 11.52 -9.61
N SER A 207 -46.12 11.10 -10.76
CA SER A 207 -45.17 10.00 -10.78
C SER A 207 -43.86 10.36 -10.08
N THR A 208 -43.44 11.63 -10.17
CA THR A 208 -42.21 12.04 -9.51
C THR A 208 -42.37 12.09 -8.00
N ILE A 209 -43.52 12.58 -7.52
CA ILE A 209 -43.76 12.59 -6.07
C ILE A 209 -43.95 11.16 -5.55
N LEU A 210 -44.57 10.29 -6.37
CA LEU A 210 -44.69 8.89 -5.99
C LEU A 210 -43.32 8.20 -5.94
N LEU A 211 -42.42 8.53 -6.87
CA LEU A 211 -41.07 7.95 -6.85
C LEU A 211 -40.26 8.44 -5.66
N ALA A 212 -40.36 9.74 -5.36
CA ALA A 212 -39.64 10.30 -4.22
C ALA A 212 -40.14 9.72 -2.90
N SER A 213 -41.47 9.61 -2.75
CA SER A 213 -42.02 9.04 -1.52
C SER A 213 -41.77 7.54 -1.45
N SER A 214 -41.66 6.86 -2.59
CA SER A 214 -41.31 5.45 -2.61
C SER A 214 -39.89 5.23 -2.09
N ILE A 215 -38.94 6.03 -2.60
CA ILE A 215 -37.55 5.91 -2.15
C ILE A 215 -37.44 6.29 -0.67
N ASN A 216 -38.19 7.31 -0.24
CA ASN A 216 -38.19 7.74 1.16
C ASN A 216 -38.73 6.65 2.09
N PHE A 217 -39.88 6.06 1.72
CA PHE A 217 -40.51 5.06 2.58
C PHE A 217 -39.68 3.78 2.65
N MET A 218 -39.19 3.31 1.51
CA MET A 218 -38.42 2.07 1.53
C MET A 218 -37.06 2.27 2.17
N SER A 219 -36.51 3.48 2.09
CA SER A 219 -35.30 3.78 2.85
C SER A 219 -35.58 3.86 4.35
N PHE A 220 -36.75 4.36 4.75
CA PHE A 220 -37.13 4.34 6.16
C PHE A 220 -37.23 2.91 6.69
N VAL A 221 -37.87 2.03 5.91
CA VAL A 221 -37.98 0.61 6.29
C VAL A 221 -36.60 -0.03 6.39
N LEU A 222 -35.70 0.31 5.46
CA LEU A 222 -34.36 -0.28 5.48
C LEU A 222 -33.55 0.23 6.66
N VAL A 223 -33.64 1.53 6.98
CA VAL A 223 -32.91 2.09 8.11
C VAL A 223 -33.39 1.51 9.44
N VAL A 224 -34.71 1.41 9.63
CA VAL A 224 -35.21 0.87 10.90
C VAL A 224 -34.91 -0.62 11.04
N LYS A 225 -35.03 -1.39 9.95
CA LYS A 225 -34.71 -2.82 10.04
C LYS A 225 -33.21 -3.05 10.21
N LEU A 226 -32.37 -2.16 9.66
CA LEU A 226 -30.93 -2.30 9.86
C LEU A 226 -30.52 -1.87 11.26
N ILE A 227 -31.24 -0.90 11.85
CA ILE A 227 -31.01 -0.54 13.25
C ILE A 227 -31.37 -1.70 14.17
N LEU A 228 -32.50 -2.36 13.88
CA LEU A 228 -32.89 -3.52 14.70
C LEU A 228 -31.95 -4.70 14.49
N ALA A 229 -31.42 -4.88 13.27
CA ALA A 229 -30.44 -5.94 13.04
C ALA A 229 -29.12 -5.65 13.73
N ILE A 230 -28.71 -4.38 13.78
CA ILE A 230 -27.47 -4.02 14.46
C ILE A 230 -27.63 -4.14 15.98
N ARG A 231 -28.82 -3.82 16.50
CA ARG A 231 -29.10 -4.05 17.92
C ARG A 231 -29.10 -5.54 18.26
N SER A 232 -29.66 -6.38 17.37
CA SER A 232 -29.59 -7.82 17.56
C SER A 232 -28.19 -8.36 17.34
N ARG A 233 -27.33 -7.60 16.65
CA ARG A 233 -25.93 -7.97 16.52
C ARG A 233 -25.11 -7.57 17.73
N ARG A 234 -25.49 -6.49 18.43
CA ARG A 234 -24.83 -6.10 19.66
C ARG A 234 -25.09 -7.06 20.80
N PHE A 235 -26.22 -7.79 20.75
CA PHE A 235 -26.47 -8.87 21.70
C PHE A 235 -25.49 -10.02 21.51
N LEU A 236 -24.90 -10.17 20.32
CA LEU A 236 -23.95 -11.23 20.01
C LEU A 236 -22.52 -10.71 19.96
N GLY A 237 -22.22 -9.66 20.72
CA GLY A 237 -20.90 -9.05 20.65
C GLY A 237 -20.85 -8.08 19.50
N LEU A 238 -19.78 -8.16 18.71
CA LEU A 238 -19.70 -7.60 17.35
C LEU A 238 -19.93 -6.08 17.31
N LYS A 239 -19.14 -5.36 18.10
CA LYS A 239 -19.12 -3.91 18.03
C LYS A 239 -18.08 -3.38 17.05
N GLN A 240 -17.66 -4.22 16.10
CA GLN A 240 -16.75 -3.85 15.03
C GLN A 240 -17.53 -3.28 13.85
N PHE A 241 -16.82 -2.53 13.01
CA PHE A 241 -17.39 -2.09 11.75
C PHE A 241 -17.58 -3.29 10.83
N ASP A 242 -18.74 -3.36 10.19
CA ASP A 242 -19.16 -4.55 9.48
C ASP A 242 -19.91 -4.14 8.23
N SER A 243 -20.52 -5.14 7.56
CA SER A 243 -21.31 -4.86 6.38
C SER A 243 -22.61 -4.13 6.73
N PHE A 244 -23.18 -4.41 7.90
CA PHE A 244 -24.46 -3.82 8.27
C PHE A 244 -24.34 -2.33 8.54
N HIS A 245 -23.18 -1.87 9.00
CA HIS A 245 -22.96 -0.43 9.16
C HIS A 245 -22.85 0.26 7.81
N ILE A 246 -22.24 -0.40 6.83
CA ILE A 246 -22.20 0.13 5.47
C ILE A 246 -23.60 0.21 4.88
N LEU A 247 -24.42 -0.82 5.14
CA LEU A 247 -25.81 -0.82 4.68
C LEU A 247 -26.61 0.28 5.35
N LEU A 248 -26.36 0.54 6.64
CA LEU A 248 -27.06 1.63 7.32
C LEU A 248 -26.60 2.99 6.80
N ILE A 249 -25.31 3.15 6.52
CA ILE A 249 -24.79 4.42 6.02
C ILE A 249 -25.36 4.73 4.64
N MET A 250 -25.36 3.74 3.75
CA MET A 250 -25.87 3.98 2.39
C MET A 250 -27.39 4.06 2.38
N SER A 251 -28.07 3.38 3.30
CA SER A 251 -29.53 3.50 3.39
C SER A 251 -29.94 4.86 3.94
N CYS A 252 -29.22 5.37 4.94
CA CYS A 252 -29.46 6.71 5.42
C CYS A 252 -29.06 7.76 4.40
N GLN A 253 -28.06 7.46 3.56
CA GLN A 253 -27.71 8.34 2.46
C GLN A 253 -28.86 8.43 1.46
N SER A 254 -29.41 7.29 1.05
CA SER A 254 -30.56 7.27 0.14
C SER A 254 -31.84 7.75 0.82
N LEU A 255 -31.87 7.84 2.15
CA LEU A 255 -33.00 8.43 2.84
C LEU A 255 -32.90 9.96 2.88
N LEU A 256 -31.71 10.49 3.14
CA LEU A 256 -31.54 11.91 3.39
C LEU A 256 -31.18 12.69 2.13
N VAL A 257 -30.16 12.26 1.39
CA VAL A 257 -29.60 13.03 0.30
C VAL A 257 -30.56 13.19 -0.88
N PRO A 258 -31.14 12.14 -1.51
CA PRO A 258 -32.05 12.42 -2.64
C PRO A 258 -33.37 13.01 -2.22
N SER A 259 -33.79 12.82 -0.96
CA SER A 259 -34.96 13.54 -0.46
C SER A 259 -34.70 15.04 -0.42
N ILE A 260 -33.50 15.42 0.02
CA ILE A 260 -33.10 16.83 0.03
C ILE A 260 -32.97 17.35 -1.38
N ILE A 261 -32.55 16.51 -2.34
CA ILE A 261 -32.44 16.98 -3.72
C ILE A 261 -33.83 17.13 -4.34
N PHE A 262 -34.77 16.24 -4.00
CA PHE A 262 -36.15 16.37 -4.48
C PHE A 262 -36.81 17.63 -3.92
N ILE A 263 -36.60 17.88 -2.62
CA ILE A 263 -37.12 19.09 -1.99
C ILE A 263 -36.48 20.33 -2.60
N LEU A 264 -35.19 20.25 -2.93
CA LEU A 264 -34.50 21.38 -3.57
C LEU A 264 -35.00 21.63 -4.99
N ALA A 265 -35.33 20.56 -5.73
CA ALA A 265 -35.85 20.73 -7.08
C ALA A 265 -37.25 21.29 -7.06
N TYR A 266 -38.06 20.92 -6.06
CA TYR A 266 -39.37 21.53 -5.91
C TYR A 266 -39.33 22.89 -5.25
N SER A 267 -38.21 23.26 -4.62
CA SER A 267 -38.08 24.44 -3.77
C SER A 267 -37.47 25.64 -4.49
N LEU A 268 -36.47 25.41 -5.34
CA LEU A 268 -35.77 26.50 -5.99
C LEU A 268 -36.66 27.20 -7.02
N LYS A 269 -36.16 28.31 -7.54
CA LYS A 269 -36.90 29.10 -8.51
C LYS A 269 -37.05 28.33 -9.81
N PRO A 270 -38.15 28.52 -10.53
CA PRO A 270 -38.31 27.84 -11.82
C PRO A 270 -37.58 28.59 -12.93
N ASN A 271 -37.64 27.99 -14.13
CA ASN A 271 -37.11 28.56 -15.37
C ASN A 271 -35.61 28.84 -15.29
N GLN A 272 -34.87 27.98 -14.60
CA GLN A 272 -33.42 28.01 -14.62
C GLN A 272 -32.83 26.64 -14.90
N GLY A 273 -33.64 25.66 -15.26
CA GLY A 273 -33.17 24.34 -15.61
C GLY A 273 -32.73 23.47 -14.46
N THR A 274 -32.96 23.90 -13.21
CA THR A 274 -32.60 23.08 -12.06
C THR A 274 -33.70 22.08 -11.69
N ASP A 275 -34.76 21.98 -12.48
CA ASP A 275 -35.82 21.01 -12.22
C ASP A 275 -35.37 19.57 -12.46
N VAL A 276 -34.27 19.37 -13.20
CA VAL A 276 -33.74 18.04 -13.48
C VAL A 276 -32.83 17.56 -12.36
N LEU A 277 -32.84 18.23 -11.21
CA LEU A 277 -32.19 17.73 -10.02
C LEU A 277 -32.80 16.41 -9.54
N THR A 278 -34.06 16.15 -9.90
CA THR A 278 -34.69 14.85 -9.67
C THR A 278 -33.91 13.71 -10.33
N THR A 279 -33.20 13.98 -11.42
CA THR A 279 -32.34 12.98 -12.03
C THR A 279 -31.17 12.62 -11.14
N VAL A 280 -30.49 13.65 -10.59
CA VAL A 280 -29.38 13.40 -9.67
C VAL A 280 -29.86 12.70 -8.40
N ALA A 281 -31.08 13.01 -7.95
CA ALA A 281 -31.66 12.29 -6.82
C ALA A 281 -31.94 10.84 -7.15
N THR A 282 -32.53 10.58 -8.33
CA THR A 282 -32.74 9.22 -8.83
C THR A 282 -31.41 8.49 -9.00
N LEU A 283 -30.38 9.19 -9.45
CA LEU A 283 -29.07 8.61 -9.66
C LEU A 283 -28.45 8.16 -8.35
N LEU A 284 -28.51 9.00 -7.32
CA LEU A 284 -27.96 8.61 -6.02
C LEU A 284 -28.80 7.51 -5.36
N ALA A 285 -30.11 7.51 -5.59
CA ALA A 285 -30.95 6.41 -5.13
C ALA A 285 -30.60 5.10 -5.83
N VAL A 286 -30.16 5.17 -7.09
CA VAL A 286 -29.64 3.97 -7.75
C VAL A 286 -28.31 3.56 -7.14
N LEU A 287 -27.37 4.50 -7.05
CA LEU A 287 -26.00 4.22 -6.61
C LEU A 287 -25.86 3.91 -5.14
N SER A 288 -26.95 3.97 -4.36
CA SER A 288 -26.88 3.52 -2.97
C SER A 288 -26.51 2.04 -2.87
N LEU A 289 -27.00 1.20 -3.79
CA LEU A 289 -26.75 -0.23 -3.71
C LEU A 289 -25.40 -0.72 -4.28
N PRO A 290 -24.93 -0.31 -5.48
CA PRO A 290 -23.62 -0.82 -5.93
C PRO A 290 -22.45 -0.34 -5.10
N LEU A 291 -22.46 0.91 -4.66
CA LEU A 291 -21.35 1.39 -3.83
C LEU A 291 -21.35 0.75 -2.46
N SER A 292 -22.53 0.37 -1.95
CA SER A 292 -22.57 -0.37 -0.69
C SER A 292 -22.06 -1.79 -0.88
N SER A 293 -22.30 -2.39 -2.05
CA SER A 293 -21.76 -3.73 -2.29
C SER A 293 -20.24 -3.69 -2.45
N MET A 294 -19.73 -2.64 -3.10
CA MET A 294 -18.28 -2.47 -3.24
C MET A 294 -17.62 -2.21 -1.88
N TRP A 295 -18.21 -1.31 -1.08
CA TRP A 295 -17.69 -1.03 0.25
C TRP A 295 -17.80 -2.24 1.17
N ALA A 296 -18.84 -3.07 0.99
CA ALA A 296 -19.01 -4.23 1.84
C ALA A 296 -17.98 -5.31 1.53
N THR A 297 -17.74 -5.59 0.24
CA THR A 297 -16.70 -6.54 -0.12
C THR A 297 -15.31 -6.02 0.25
N ALA A 298 -15.09 -4.71 0.09
CA ALA A 298 -13.80 -4.12 0.44
C ALA A 298 -13.55 -4.17 1.94
N ALA A 299 -14.57 -3.88 2.75
CA ALA A 299 -14.41 -3.94 4.20
C ALA A 299 -14.27 -5.37 4.69
N ASN A 300 -14.95 -6.33 4.03
CA ASN A 300 -14.77 -7.74 4.37
C ASN A 300 -13.34 -8.20 4.13
N ASN A 301 -12.82 -7.95 2.92
CA ASN A 301 -11.47 -8.44 2.64
C ASN A 301 -10.39 -7.63 3.38
N ALA A 302 -10.64 -6.34 3.64
CA ALA A 302 -9.66 -5.55 4.39
C ALA A 302 -9.69 -5.86 5.87
N SER A 303 -10.84 -6.29 6.42
CA SER A 303 -10.89 -6.72 7.80
C SER A 303 -10.31 -8.12 7.97
N LYS A 304 -10.46 -8.99 6.96
CA LYS A 304 -9.77 -10.26 7.00
C LYS A 304 -8.27 -10.10 6.78
N THR A 305 -7.87 -9.05 6.07
CA THR A 305 -6.45 -8.76 5.89
C THR A 305 -5.84 -8.14 7.14
N ASN A 306 -6.54 -7.18 7.75
CA ASN A 306 -6.04 -6.52 8.96
C ASN A 306 -6.13 -7.45 10.17
N SER B 9 -49.83 33.81 -36.58
CA SER B 9 -49.75 32.41 -36.98
C SER B 9 -49.94 32.25 -38.48
N ASN B 10 -49.35 33.17 -39.25
CA ASN B 10 -49.51 33.13 -40.70
C ASN B 10 -48.63 32.04 -41.32
N LEU B 11 -47.38 31.94 -40.89
CA LEU B 11 -46.50 30.87 -41.33
C LEU B 11 -46.59 29.62 -40.45
N PHE B 12 -47.32 29.70 -39.34
CA PHE B 12 -47.64 28.49 -38.58
C PHE B 12 -48.58 27.59 -39.37
N TYR B 13 -49.47 28.18 -40.18
CA TYR B 13 -50.31 27.40 -41.08
C TYR B 13 -49.51 26.83 -42.24
N ASP B 14 -48.46 27.55 -42.67
CA ASP B 14 -47.58 27.14 -43.78
C ASP B 14 -46.89 25.81 -43.43
N PRO B 15 -47.11 24.75 -44.22
CA PRO B 15 -46.47 23.47 -43.87
C PRO B 15 -44.97 23.44 -44.09
N THR B 16 -44.46 24.11 -45.13
CA THR B 16 -43.04 24.02 -45.49
C THR B 16 -42.42 25.41 -45.46
N TYR B 17 -41.49 25.61 -44.52
CA TYR B 17 -40.74 26.85 -44.32
C TYR B 17 -39.61 26.54 -43.34
N ASN B 18 -38.43 27.11 -43.58
CA ASN B 18 -37.22 26.76 -42.86
C ASN B 18 -36.84 27.88 -41.90
N PRO B 19 -37.10 27.74 -40.60
CA PRO B 19 -36.71 28.79 -39.65
C PRO B 19 -35.23 28.79 -39.29
N GLY B 20 -34.48 27.75 -39.66
CA GLY B 20 -33.05 27.77 -39.43
C GLY B 20 -32.32 28.77 -40.30
N GLN B 21 -32.87 29.07 -41.47
CA GLN B 21 -32.33 30.11 -42.34
C GLN B 21 -32.95 31.48 -42.09
N SER B 22 -33.93 31.56 -41.19
CA SER B 22 -34.51 32.85 -40.85
C SER B 22 -33.50 33.69 -40.08
N THR B 23 -33.58 35.01 -40.26
CA THR B 23 -32.49 35.91 -39.93
C THR B 23 -32.83 36.71 -38.68
N ILE B 24 -32.02 36.54 -37.64
CA ILE B 24 -32.03 37.41 -36.48
C ILE B 24 -31.22 38.66 -36.80
N ASN B 25 -31.80 39.84 -36.57
CA ASN B 25 -31.07 41.09 -36.61
C ASN B 25 -31.09 41.75 -35.23
N TYR B 26 -29.90 41.97 -34.69
CA TYR B 26 -29.70 42.47 -33.34
C TYR B 26 -28.59 43.51 -33.35
N THR B 27 -28.45 44.25 -32.26
CA THR B 27 -27.42 45.28 -32.17
C THR B 27 -26.10 44.70 -31.64
N SER B 28 -25.00 45.25 -32.13
CA SER B 28 -23.67 44.81 -31.73
C SER B 28 -22.71 45.99 -31.77
N ILE B 29 -21.50 45.78 -31.27
CA ILE B 29 -20.50 46.83 -31.32
C ILE B 29 -19.90 47.00 -32.71
N TYR B 30 -19.95 45.97 -33.56
CA TYR B 30 -19.35 46.07 -34.89
C TYR B 30 -20.25 46.82 -35.87
N GLY B 31 -21.54 46.91 -35.60
CA GLY B 31 -22.48 47.54 -36.50
C GLY B 31 -23.91 47.39 -36.03
N ASN B 32 -24.79 48.28 -36.48
CA ASN B 32 -26.18 48.24 -36.03
C ASN B 32 -26.94 47.07 -36.63
N GLY B 33 -26.64 46.68 -37.87
CA GLY B 33 -27.35 45.59 -38.51
C GLY B 33 -27.05 44.23 -37.91
N SER B 34 -25.83 43.73 -38.15
CA SER B 34 -25.27 42.48 -37.62
C SER B 34 -26.23 41.29 -37.77
N THR B 35 -26.59 41.01 -39.02
CA THR B 35 -27.51 39.93 -39.31
C THR B 35 -26.85 38.57 -39.09
N ILE B 36 -27.61 37.64 -38.50
CA ILE B 36 -27.12 36.29 -38.24
C ILE B 36 -28.27 35.32 -38.52
N THR B 37 -27.92 34.10 -38.87
CA THR B 37 -28.90 33.04 -39.01
C THR B 37 -29.08 32.31 -37.68
N PHE B 38 -30.22 31.63 -37.55
CA PHE B 38 -30.46 30.78 -36.38
C PHE B 38 -29.49 29.60 -36.32
N ASP B 39 -28.94 29.18 -37.46
CA ASP B 39 -27.96 28.10 -37.47
C ASP B 39 -26.68 28.48 -36.74
N GLU B 40 -26.23 29.73 -36.89
CA GLU B 40 -25.02 30.17 -36.20
C GLU B 40 -25.27 30.29 -34.69
N LEU B 41 -26.42 30.83 -34.31
CA LEU B 41 -26.75 30.96 -32.89
C LEU B 41 -26.90 29.61 -32.22
N GLN B 42 -27.57 28.67 -32.90
CA GLN B 42 -27.68 27.33 -32.34
C GLN B 42 -26.36 26.57 -32.43
N GLY B 43 -25.47 26.93 -33.34
CA GLY B 43 -24.10 26.42 -33.28
C GLY B 43 -23.38 26.85 -32.01
N LEU B 44 -23.52 28.13 -31.65
CA LEU B 44 -22.96 28.62 -30.39
C LEU B 44 -23.54 27.89 -29.17
N VAL B 45 -24.88 27.78 -29.13
CA VAL B 45 -25.52 27.15 -27.98
C VAL B 45 -25.22 25.65 -27.93
N ASN B 46 -25.13 24.99 -29.08
CA ASN B 46 -24.81 23.57 -29.11
C ASN B 46 -23.36 23.31 -28.73
N SER B 47 -22.44 24.20 -29.10
CA SER B 47 -21.06 24.06 -28.64
C SER B 47 -20.97 24.23 -27.13
N THR B 48 -21.69 25.21 -26.57
CA THR B 48 -21.68 25.42 -25.13
C THR B 48 -22.31 24.22 -24.40
N VAL B 49 -23.39 23.65 -24.94
CA VAL B 49 -24.04 22.51 -24.33
C VAL B 49 -23.19 21.25 -24.45
N THR B 50 -22.44 21.09 -25.56
CA THR B 50 -21.55 19.94 -25.72
C THR B 50 -20.37 20.01 -24.76
N GLN B 51 -19.82 21.21 -24.57
CA GLN B 51 -18.82 21.42 -23.52
C GLN B 51 -19.37 21.09 -22.14
N ALA B 52 -20.62 21.49 -21.87
CA ALA B 52 -21.26 21.20 -20.60
C ALA B 52 -21.47 19.71 -20.39
N ILE B 53 -21.80 18.99 -21.47
CA ILE B 53 -22.02 17.55 -21.41
C ILE B 53 -20.71 16.82 -21.09
N MET B 54 -19.64 17.16 -21.81
CA MET B 54 -18.37 16.50 -21.57
C MET B 54 -17.79 16.85 -20.21
N PHE B 55 -17.99 18.08 -19.74
CA PHE B 55 -17.46 18.43 -18.43
C PHE B 55 -18.30 17.87 -17.30
N GLY B 56 -19.60 17.66 -17.53
CA GLY B 56 -20.39 16.91 -16.58
C GLY B 56 -19.97 15.46 -16.51
N VAL B 57 -19.64 14.86 -17.67
CA VAL B 57 -19.13 13.50 -17.72
C VAL B 57 -17.82 13.38 -16.94
N ARG B 58 -16.91 14.34 -17.17
CA ARG B 58 -15.63 14.42 -16.47
C ARG B 58 -15.83 14.57 -14.96
N CYS B 59 -16.71 15.48 -14.54
CA CYS B 59 -16.92 15.74 -13.13
C CYS B 59 -17.57 14.56 -12.42
N GLY B 60 -18.55 13.93 -13.06
CA GLY B 60 -19.21 12.79 -12.44
C GLY B 60 -18.32 11.57 -12.36
N ALA B 61 -17.54 11.31 -13.42
CA ALA B 61 -16.59 10.20 -13.41
C ALA B 61 -15.52 10.39 -12.36
N ALA B 62 -14.95 11.60 -12.26
CA ALA B 62 -13.91 11.86 -11.26
C ALA B 62 -14.47 11.84 -9.85
N ALA B 63 -15.68 12.37 -9.64
CA ALA B 63 -16.27 12.39 -8.31
C ALA B 63 -16.61 10.98 -7.83
N LEU B 64 -17.15 10.14 -8.70
CA LEU B 64 -17.45 8.80 -8.27
C LEU B 64 -16.19 7.96 -8.15
N THR B 65 -15.14 8.26 -8.92
CA THR B 65 -13.87 7.58 -8.70
C THR B 65 -13.27 7.96 -7.37
N LEU B 66 -13.44 9.23 -6.97
CA LEU B 66 -12.96 9.67 -5.67
C LEU B 66 -13.72 8.99 -4.54
N ILE B 67 -15.03 8.83 -4.70
CA ILE B 67 -15.84 8.17 -3.66
C ILE B 67 -15.49 6.69 -3.56
N VAL B 68 -15.36 5.99 -4.69
CA VAL B 68 -15.04 4.57 -4.66
C VAL B 68 -13.60 4.34 -4.20
N MET B 69 -12.68 5.24 -4.57
CA MET B 69 -11.31 5.17 -4.07
C MET B 69 -11.24 5.42 -2.57
N TRP B 70 -12.12 6.26 -2.04
CA TRP B 70 -12.20 6.39 -0.60
C TRP B 70 -12.83 5.17 0.05
N MET B 71 -13.65 4.41 -0.69
CA MET B 71 -14.26 3.23 -0.11
C MET B 71 -13.45 1.95 -0.31
N THR B 72 -12.84 1.71 -1.49
CA THR B 72 -12.33 0.38 -1.79
C THR B 72 -10.80 0.29 -1.88
N SER B 73 -10.07 1.33 -1.45
CA SER B 73 -8.62 1.28 -1.51
C SER B 73 -8.06 0.79 -0.17
N ARG B 74 -7.25 -0.26 -0.23
CA ARG B 74 -6.71 -0.88 0.97
C ARG B 74 -5.73 0.05 1.70
N SER B 75 -4.66 0.44 1.02
CA SER B 75 -3.58 1.21 1.63
C SER B 75 -3.70 2.66 1.20
N ARG B 76 -4.23 3.50 2.09
CA ARG B 76 -4.14 4.94 1.90
C ARG B 76 -2.80 5.45 2.40
N LYS B 77 -2.52 6.72 2.06
CA LYS B 77 -1.29 7.47 2.32
C LYS B 77 -0.09 6.96 1.52
N THR B 78 -0.30 5.99 0.63
CA THR B 78 0.72 5.66 -0.35
C THR B 78 0.81 6.79 -1.37
N PRO B 79 2.00 7.01 -1.97
CA PRO B 79 2.17 8.18 -2.85
C PRO B 79 1.29 8.17 -4.08
N ILE B 80 1.02 7.00 -4.65
CA ILE B 80 0.18 6.97 -5.84
C ILE B 80 -1.27 7.21 -5.47
N PHE B 81 -1.68 6.89 -4.24
CA PHE B 81 -3.01 7.22 -3.76
C PHE B 81 -3.18 8.73 -3.64
N ILE B 82 -2.18 9.41 -3.08
CA ILE B 82 -2.25 10.85 -2.89
C ILE B 82 -2.22 11.57 -4.23
N ILE B 83 -1.40 11.08 -5.18
CA ILE B 83 -1.35 11.70 -6.49
C ILE B 83 -2.67 11.48 -7.25
N ASN B 84 -3.27 10.30 -7.10
CA ASN B 84 -4.56 10.05 -7.74
C ASN B 84 -5.68 10.88 -7.13
N GLN B 85 -5.69 11.00 -5.80
CA GLN B 85 -6.70 11.81 -5.12
C GLN B 85 -6.55 13.29 -5.47
N VAL B 86 -5.32 13.78 -5.56
CA VAL B 86 -5.08 15.17 -5.94
C VAL B 86 -5.50 15.41 -7.38
N SER B 87 -5.20 14.48 -8.29
CA SER B 87 -5.55 14.68 -9.69
C SER B 87 -7.06 14.58 -9.91
N LEU B 88 -7.73 13.67 -9.20
CA LEU B 88 -9.18 13.57 -9.32
C LEU B 88 -9.87 14.77 -8.70
N PHE B 89 -9.35 15.28 -7.57
CA PHE B 89 -9.93 16.46 -6.96
C PHE B 89 -9.65 17.71 -7.79
N LEU B 90 -8.54 17.74 -8.52
CA LEU B 90 -8.31 18.86 -9.42
C LEU B 90 -9.16 18.76 -10.68
N ILE B 91 -9.51 17.55 -11.12
CA ILE B 91 -10.49 17.42 -12.19
C ILE B 91 -11.87 17.90 -11.73
N ILE B 92 -12.24 17.56 -10.49
CA ILE B 92 -13.53 18.02 -9.93
C ILE B 92 -13.54 19.53 -9.76
N LEU B 93 -12.45 20.11 -9.24
CA LEU B 93 -12.40 21.54 -9.00
C LEU B 93 -12.29 22.33 -10.31
N HIS B 94 -11.58 21.77 -11.29
CA HIS B 94 -11.50 22.38 -12.61
C HIS B 94 -12.86 22.34 -13.29
N SER B 95 -13.53 21.19 -13.25
CA SER B 95 -14.87 21.07 -13.80
C SER B 95 -15.86 22.00 -13.10
N ALA B 96 -15.70 22.20 -11.80
CA ALA B 96 -16.58 23.12 -11.06
C ALA B 96 -16.35 24.55 -11.47
N LEU B 97 -15.09 24.96 -11.63
CA LEU B 97 -14.82 26.30 -12.13
C LEU B 97 -15.21 26.45 -13.59
N TYR B 98 -15.20 25.36 -14.35
CA TYR B 98 -15.63 25.43 -15.75
C TYR B 98 -17.15 25.50 -15.84
N PHE B 99 -17.86 24.87 -14.90
CA PHE B 99 -19.29 25.07 -14.77
C PHE B 99 -19.61 26.52 -14.41
N LYS B 100 -18.80 27.10 -13.53
CA LYS B 100 -18.96 28.51 -13.19
C LYS B 100 -18.64 29.42 -14.37
N TYR B 101 -17.79 28.95 -15.30
CA TYR B 101 -17.49 29.75 -16.48
C TYR B 101 -18.58 29.63 -17.54
N LEU B 102 -19.16 28.44 -17.70
CA LEU B 102 -20.12 28.22 -18.79
C LEU B 102 -21.44 28.94 -18.54
N LEU B 103 -21.80 29.17 -17.28
CA LEU B 103 -23.04 29.85 -16.92
C LEU B 103 -22.84 31.34 -16.70
N SER B 104 -21.77 31.92 -17.21
CA SER B 104 -21.38 33.26 -16.83
C SER B 104 -21.26 34.16 -18.06
N ASN B 105 -20.70 35.35 -17.83
CA ASN B 105 -20.74 36.42 -18.81
C ASN B 105 -19.71 36.27 -19.92
N TYR B 106 -18.71 35.41 -19.73
CA TYR B 106 -17.74 35.20 -20.80
C TYR B 106 -18.30 34.28 -21.89
N SER B 107 -19.01 33.22 -21.51
CA SER B 107 -19.52 32.24 -22.45
C SER B 107 -20.89 32.60 -22.99
N SER B 108 -21.54 33.62 -22.42
CA SER B 108 -22.90 33.97 -22.77
C SER B 108 -23.02 34.48 -24.20
N VAL B 109 -24.21 34.33 -24.77
CA VAL B 109 -24.50 34.91 -26.08
C VAL B 109 -24.63 36.43 -26.04
N THR B 110 -24.71 37.02 -24.84
CA THR B 110 -24.62 38.47 -24.71
C THR B 110 -23.24 38.97 -25.12
N TYR B 111 -22.17 38.26 -24.72
CA TYR B 111 -20.81 38.66 -25.07
C TYR B 111 -20.29 37.98 -26.33
N ALA B 112 -20.71 36.74 -26.59
CA ALA B 112 -20.20 36.03 -27.77
C ALA B 112 -20.76 36.59 -29.07
N LEU B 113 -21.85 37.34 -29.02
CA LEU B 113 -22.40 38.02 -30.18
C LEU B 113 -22.17 39.52 -30.17
N THR B 114 -22.34 40.18 -29.03
CA THR B 114 -22.10 41.61 -28.89
C THR B 114 -20.83 41.79 -28.04
N GLY B 115 -19.76 42.28 -28.66
CA GLY B 115 -18.49 42.41 -27.97
C GLY B 115 -18.41 43.54 -26.98
N PHE B 116 -19.15 43.43 -25.87
CA PHE B 116 -19.22 44.51 -24.89
C PHE B 116 -18.37 44.16 -23.69
N PRO B 117 -17.23 44.83 -23.46
CA PRO B 117 -16.39 44.53 -22.29
C PRO B 117 -16.96 45.02 -20.97
N GLN B 118 -18.08 45.74 -20.98
CA GLN B 118 -18.72 46.18 -19.75
C GLN B 118 -19.34 45.01 -19.00
N PHE B 119 -19.77 43.99 -19.73
CA PHE B 119 -20.38 42.81 -19.11
C PHE B 119 -19.34 41.92 -18.45
N ILE B 120 -18.09 42.00 -18.92
CA ILE B 120 -16.98 41.23 -18.37
C ILE B 120 -16.67 41.72 -16.96
N SER B 121 -16.78 40.83 -15.98
CA SER B 121 -16.56 41.15 -14.59
C SER B 121 -15.13 40.78 -14.17
N ARG B 122 -14.58 41.55 -13.22
CA ARG B 122 -13.26 41.22 -12.71
C ARG B 122 -13.27 40.01 -11.79
N GLY B 123 -14.43 39.68 -11.20
CA GLY B 123 -14.57 38.40 -10.53
C GLY B 123 -14.47 37.24 -11.50
N ASP B 124 -14.98 37.43 -12.72
CA ASP B 124 -14.77 36.43 -13.76
C ASP B 124 -13.31 36.33 -14.18
N VAL B 125 -12.57 37.46 -14.12
CA VAL B 125 -11.13 37.42 -14.37
C VAL B 125 -10.42 36.61 -13.30
N HIS B 126 -10.86 36.75 -12.04
CA HIS B 126 -10.31 35.94 -10.96
C HIS B 126 -10.66 34.45 -11.14
N VAL B 127 -11.86 34.17 -11.64
CA VAL B 127 -12.26 32.80 -11.96
C VAL B 127 -11.40 32.21 -13.07
N TYR B 128 -11.11 33.02 -14.09
CA TYR B 128 -10.24 32.63 -15.20
C TYR B 128 -8.83 32.29 -14.72
N GLY B 129 -8.26 33.15 -13.88
CA GLY B 129 -6.94 32.90 -13.33
C GLY B 129 -6.89 31.67 -12.44
N ALA B 130 -7.93 31.47 -11.63
CA ALA B 130 -8.02 30.28 -10.79
C ALA B 130 -8.15 29.02 -11.63
N THR B 131 -8.88 29.09 -12.75
CA THR B 131 -9.03 27.94 -13.63
C THR B 131 -7.71 27.57 -14.30
N ASN B 132 -6.94 28.57 -14.71
CA ASN B 132 -5.63 28.28 -15.31
C ASN B 132 -4.64 27.72 -14.29
N ILE B 133 -4.70 28.21 -13.05
CA ILE B 133 -3.85 27.68 -11.99
C ILE B 133 -4.20 26.22 -11.69
N ILE B 134 -5.50 25.91 -11.63
CA ILE B 134 -5.94 24.54 -11.37
C ILE B 134 -5.60 23.62 -12.54
N GLN B 135 -5.63 24.15 -13.76
CA GLN B 135 -5.23 23.35 -14.93
C GLN B 135 -3.74 23.02 -14.91
N VAL B 136 -2.90 23.99 -14.52
CA VAL B 136 -1.46 23.75 -14.44
C VAL B 136 -1.15 22.73 -13.34
N LEU B 137 -1.84 22.84 -12.20
CA LEU B 137 -1.66 21.85 -11.14
C LEU B 137 -2.17 20.47 -11.55
N LEU B 138 -3.19 20.42 -12.41
CA LEU B 138 -3.71 19.15 -12.91
C LEU B 138 -2.69 18.46 -13.80
N VAL B 139 -2.12 19.19 -14.75
CA VAL B 139 -1.09 18.61 -15.63
C VAL B 139 0.14 18.23 -14.83
N ALA B 140 0.46 18.99 -13.77
CA ALA B 140 1.57 18.62 -12.89
C ALA B 140 1.32 17.30 -12.18
N SER B 141 0.09 17.08 -11.70
CA SER B 141 -0.23 15.83 -11.05
C SER B 141 -0.24 14.65 -12.02
N ILE B 142 -0.68 14.89 -13.26
CA ILE B 142 -0.71 13.83 -14.27
C ILE B 142 0.71 13.41 -14.66
N GLU B 143 1.59 14.39 -14.88
CA GLU B 143 2.97 14.05 -15.22
C GLU B 143 3.73 13.48 -14.04
N THR B 144 3.38 13.89 -12.81
CA THR B 144 3.93 13.24 -11.61
C THR B 144 3.54 11.78 -11.55
N SER B 145 2.27 11.48 -11.86
CA SER B 145 1.80 10.09 -11.83
C SER B 145 2.49 9.24 -12.89
N LEU B 146 2.64 9.77 -14.10
CA LEU B 146 3.24 8.96 -15.17
C LEU B 146 4.75 8.81 -15.01
N VAL B 147 5.43 9.84 -14.48
CA VAL B 147 6.86 9.74 -14.20
C VAL B 147 7.12 8.78 -13.06
N PHE B 148 6.27 8.80 -12.02
CA PHE B 148 6.32 7.79 -10.96
C PHE B 148 6.10 6.38 -11.52
N GLN B 149 5.18 6.25 -12.47
CA GLN B 149 4.88 4.93 -13.05
C GLN B 149 6.08 4.36 -13.79
N ILE B 150 6.76 5.18 -14.60
CA ILE B 150 7.96 4.70 -15.29
C ILE B 150 9.11 4.45 -14.31
N LYS B 151 9.31 5.37 -13.36
CA LYS B 151 10.40 5.24 -12.40
C LYS B 151 10.24 4.05 -11.46
N VAL B 152 9.02 3.53 -11.29
CA VAL B 152 8.86 2.28 -10.57
C VAL B 152 8.91 1.07 -11.48
N ILE B 153 8.38 1.16 -12.71
CA ILE B 153 8.39 -0.01 -13.59
C ILE B 153 9.77 -0.30 -14.17
N PHE B 154 10.70 0.65 -14.12
CA PHE B 154 12.06 0.37 -14.58
C PHE B 154 13.01 -0.03 -13.45
N THR B 155 12.54 -0.15 -12.22
CA THR B 155 13.40 -0.70 -11.19
C THR B 155 13.52 -2.20 -11.37
N GLY B 156 14.59 -2.76 -10.81
CA GLY B 156 14.78 -4.18 -10.84
C GLY B 156 15.67 -4.72 -11.94
N ASP B 157 15.62 -4.12 -13.12
CA ASP B 157 16.43 -4.60 -14.23
C ASP B 157 17.90 -4.28 -13.99
N ASN B 158 18.78 -5.12 -14.55
CA ASN B 158 20.19 -5.09 -14.20
C ASN B 158 21.02 -4.24 -15.16
N PHE B 159 20.48 -3.87 -16.32
CA PHE B 159 21.14 -2.98 -17.26
C PHE B 159 20.42 -1.63 -17.17
N LYS B 160 20.88 -0.78 -16.27
CA LYS B 160 20.25 0.52 -16.04
C LYS B 160 20.87 1.59 -16.95
N ARG B 161 20.85 1.30 -18.25
CA ARG B 161 21.26 2.26 -19.26
C ARG B 161 20.14 2.63 -20.20
N ILE B 162 19.40 1.65 -20.72
CA ILE B 162 18.20 1.95 -21.49
C ILE B 162 17.08 2.40 -20.55
N GLY B 163 17.05 1.89 -19.32
CA GLY B 163 16.03 2.28 -18.37
C GLY B 163 16.22 3.70 -17.86
N LEU B 164 17.46 4.08 -17.55
CA LEU B 164 17.74 5.45 -17.14
C LEU B 164 17.51 6.43 -18.27
N MET B 165 17.82 6.02 -19.50
CA MET B 165 17.58 6.89 -20.65
C MET B 165 16.10 7.12 -20.88
N LEU B 166 15.28 6.07 -20.78
CA LEU B 166 13.85 6.23 -20.99
C LEU B 166 13.19 6.97 -19.82
N THR B 167 13.67 6.74 -18.59
CA THR B 167 13.17 7.50 -17.44
C THR B 167 13.51 8.99 -17.57
N SER B 168 14.71 9.31 -18.07
CA SER B 168 15.10 10.70 -18.23
C SER B 168 14.34 11.37 -19.37
N ILE B 169 14.06 10.62 -20.45
CA ILE B 169 13.26 11.17 -21.54
C ILE B 169 11.81 11.42 -21.09
N SER B 170 11.29 10.53 -20.23
CA SER B 170 9.96 10.74 -19.66
C SER B 170 9.92 11.96 -18.75
N PHE B 171 10.94 12.12 -17.91
CA PHE B 171 11.03 13.28 -17.03
C PHE B 171 11.18 14.58 -17.82
N THR B 172 11.90 14.51 -18.94
CA THR B 172 12.06 15.65 -19.83
C THR B 172 10.72 16.06 -20.46
N LEU B 173 9.97 15.07 -20.95
CA LEU B 173 8.65 15.36 -21.53
C LEU B 173 7.69 15.89 -20.47
N GLY B 174 7.77 15.38 -19.24
CA GLY B 174 6.90 15.86 -18.18
C GLY B 174 7.20 17.29 -17.77
N ILE B 175 8.48 17.60 -17.58
CA ILE B 175 8.89 18.96 -17.21
C ILE B 175 8.58 19.93 -18.34
N ALA B 176 8.74 19.50 -19.59
CA ALA B 176 8.42 20.34 -20.74
C ALA B 176 6.93 20.62 -20.83
N THR B 177 6.09 19.60 -20.56
CA THR B 177 4.65 19.80 -20.61
C THR B 177 4.16 20.71 -19.49
N VAL B 178 4.67 20.52 -18.27
CA VAL B 178 4.26 21.37 -17.14
C VAL B 178 4.72 22.81 -17.36
N THR B 179 5.94 23.00 -17.88
CA THR B 179 6.46 24.34 -18.14
C THR B 179 5.70 25.01 -19.28
N MET B 180 5.31 24.26 -20.30
CA MET B 180 4.53 24.86 -21.39
C MET B 180 3.12 25.20 -20.95
N TYR B 181 2.53 24.39 -20.06
CA TYR B 181 1.21 24.71 -19.52
C TYR B 181 1.28 25.95 -18.62
N PHE B 182 2.36 26.10 -17.85
CA PHE B 182 2.51 27.30 -17.03
C PHE B 182 2.79 28.54 -17.88
N VAL B 183 3.55 28.38 -18.96
CA VAL B 183 3.78 29.48 -19.90
C VAL B 183 2.48 29.92 -20.55
N SER B 184 1.64 28.95 -20.93
CA SER B 184 0.31 29.25 -21.45
C SER B 184 -0.56 29.95 -20.42
N ALA B 185 -0.45 29.52 -19.16
CA ALA B 185 -1.25 30.12 -18.08
C ALA B 185 -0.89 31.58 -17.86
N VAL B 186 0.40 31.90 -17.73
CA VAL B 186 0.77 33.29 -17.48
C VAL B 186 0.59 34.13 -18.76
N LYS B 187 0.81 33.54 -19.93
CA LYS B 187 0.66 34.24 -21.20
C LYS B 187 -0.81 34.53 -21.51
N GLY B 188 -1.74 33.76 -20.97
CA GLY B 188 -3.13 34.10 -21.12
C GLY B 188 -3.61 35.02 -20.02
N MET B 189 -3.05 34.87 -18.81
CA MET B 189 -3.53 35.63 -17.67
C MET B 189 -3.15 37.10 -17.78
N ILE B 190 -1.92 37.40 -18.21
CA ILE B 190 -1.53 38.81 -18.29
C ILE B 190 -2.26 39.52 -19.43
N VAL B 191 -2.59 38.82 -20.51
CA VAL B 191 -3.28 39.44 -21.62
C VAL B 191 -4.77 39.61 -21.29
N THR B 192 -5.37 38.64 -20.59
CA THR B 192 -6.76 38.77 -20.18
C THR B 192 -6.92 39.86 -19.13
N TYR B 193 -5.95 40.01 -18.24
CA TYR B 193 -5.95 41.16 -17.34
C TYR B 193 -5.70 42.46 -18.09
N ASN B 194 -5.01 42.41 -19.23
CA ASN B 194 -4.86 43.60 -20.05
C ASN B 194 -6.08 43.83 -20.95
N ASP B 195 -6.34 42.91 -21.88
CA ASP B 195 -7.40 43.07 -22.87
C ASP B 195 -8.33 41.86 -22.79
N VAL B 196 -9.62 42.12 -22.56
CA VAL B 196 -10.57 41.03 -22.32
C VAL B 196 -11.03 40.31 -23.58
N SER B 197 -10.64 40.78 -24.76
CA SER B 197 -11.04 40.14 -26.01
C SER B 197 -9.87 39.52 -26.77
N ALA B 198 -8.79 39.17 -26.06
CA ALA B 198 -7.61 38.60 -26.69
C ALA B 198 -7.23 37.29 -26.01
N THR B 199 -6.49 36.46 -26.73
CA THR B 199 -6.19 35.11 -26.28
C THR B 199 -4.91 34.62 -26.95
N GLN B 200 -4.44 33.46 -26.51
CA GLN B 200 -3.21 32.87 -27.03
C GLN B 200 -3.34 31.35 -26.97
N ASP B 201 -3.56 30.72 -28.12
CA ASP B 201 -3.84 29.29 -28.18
C ASP B 201 -2.72 28.46 -28.83
N LYS B 202 -1.71 29.09 -29.43
CA LYS B 202 -0.64 28.31 -30.05
C LYS B 202 0.24 27.67 -28.99
N TYR B 203 0.55 28.40 -27.92
CA TYR B 203 1.15 27.79 -26.74
C TYR B 203 0.25 26.73 -26.12
N PHE B 204 -1.08 26.95 -26.18
CA PHE B 204 -2.02 25.96 -25.67
C PHE B 204 -2.02 24.70 -26.52
N ASN B 205 -1.91 24.85 -27.84
CA ASN B 205 -1.85 23.68 -28.72
C ASN B 205 -0.53 22.93 -28.54
N ALA B 206 0.56 23.66 -28.35
CA ALA B 206 1.85 23.04 -28.08
C ALA B 206 1.81 22.25 -26.77
N SER B 207 1.21 22.83 -25.72
CA SER B 207 1.14 22.12 -24.46
C SER B 207 0.18 20.94 -24.50
N THR B 208 -0.88 21.03 -25.32
CA THR B 208 -1.79 19.90 -25.48
C THR B 208 -1.12 18.74 -26.22
N ILE B 209 -0.36 19.05 -27.28
CA ILE B 209 0.36 18.01 -28.00
C ILE B 209 1.48 17.42 -27.12
N LEU B 210 2.11 18.25 -26.28
CA LEU B 210 3.08 17.72 -25.31
C LEU B 210 2.42 16.78 -24.30
N LEU B 211 1.21 17.10 -23.84
CA LEU B 211 0.51 16.23 -22.92
C LEU B 211 0.10 14.91 -23.58
N ALA B 212 -0.42 14.99 -24.81
CA ALA B 212 -0.81 13.79 -25.54
C ALA B 212 0.38 12.91 -25.86
N SER B 213 1.50 13.52 -26.25
CA SER B 213 2.71 12.76 -26.57
C SER B 213 3.36 12.19 -25.31
N SER B 214 3.24 12.89 -24.18
CA SER B 214 3.74 12.35 -22.91
C SER B 214 2.95 11.12 -22.49
N ILE B 215 1.60 11.20 -22.58
CA ILE B 215 0.76 10.06 -22.25
C ILE B 215 1.04 8.89 -23.19
N ASN B 216 1.16 9.16 -24.49
CA ASN B 216 1.41 8.11 -25.48
C ASN B 216 2.78 7.47 -25.29
N PHE B 217 3.81 8.26 -25.01
CA PHE B 217 5.16 7.72 -24.88
C PHE B 217 5.31 6.91 -23.60
N MET B 218 4.81 7.43 -22.46
CA MET B 218 4.93 6.67 -21.23
C MET B 218 4.02 5.45 -21.22
N SER B 219 2.92 5.49 -21.99
CA SER B 219 2.09 4.30 -22.12
C SER B 219 2.75 3.27 -23.03
N PHE B 220 3.45 3.70 -24.09
CA PHE B 220 4.27 2.77 -24.88
C PHE B 220 5.34 2.11 -24.04
N VAL B 221 6.01 2.89 -23.19
CA VAL B 221 7.08 2.34 -22.33
C VAL B 221 6.50 1.33 -21.35
N LEU B 222 5.35 1.65 -20.75
CA LEU B 222 4.73 0.72 -19.81
C LEU B 222 4.20 -0.53 -20.50
N VAL B 223 3.69 -0.40 -21.74
CA VAL B 223 3.20 -1.56 -22.48
C VAL B 223 4.35 -2.49 -22.86
N VAL B 224 5.46 -1.92 -23.36
CA VAL B 224 6.60 -2.76 -23.75
C VAL B 224 7.25 -3.41 -22.54
N LYS B 225 7.40 -2.66 -21.44
CA LYS B 225 8.03 -3.22 -20.24
C LYS B 225 7.12 -4.24 -19.56
N LEU B 226 5.80 -4.07 -19.64
CA LEU B 226 4.93 -5.08 -19.06
C LEU B 226 4.79 -6.31 -19.95
N ILE B 227 4.91 -6.17 -21.27
CA ILE B 227 4.93 -7.34 -22.14
C ILE B 227 6.23 -8.12 -21.93
N LEU B 228 7.35 -7.42 -21.73
CA LEU B 228 8.59 -8.12 -21.41
C LEU B 228 8.55 -8.74 -20.03
N ALA B 229 7.89 -8.11 -19.06
CA ALA B 229 7.70 -8.74 -17.76
C ALA B 229 6.74 -9.92 -17.81
N ILE B 230 5.77 -9.90 -18.73
CA ILE B 230 4.86 -11.03 -18.89
C ILE B 230 5.57 -12.21 -19.55
N ARG B 231 6.39 -11.94 -20.57
CA ARG B 231 7.15 -13.01 -21.21
C ARG B 231 8.23 -13.57 -20.28
N SER B 232 8.88 -12.71 -19.49
CA SER B 232 9.83 -13.18 -18.49
C SER B 232 9.14 -13.79 -17.28
N ARG B 233 7.84 -13.54 -17.11
CA ARG B 233 7.08 -14.18 -16.05
C ARG B 233 6.59 -15.55 -16.48
N ARG B 234 6.34 -15.73 -17.77
CA ARG B 234 5.94 -17.04 -18.31
C ARG B 234 7.08 -18.03 -18.29
N PHE B 235 8.32 -17.56 -18.26
CA PHE B 235 9.48 -18.42 -18.16
C PHE B 235 9.58 -19.09 -16.79
N LEU B 236 8.95 -18.51 -15.76
CA LEU B 236 9.03 -19.02 -14.40
C LEU B 236 7.77 -19.75 -13.97
N GLY B 237 6.98 -20.25 -14.92
CA GLY B 237 5.64 -20.69 -14.62
C GLY B 237 4.68 -19.53 -14.76
N LEU B 238 3.70 -19.42 -13.86
CA LEU B 238 2.89 -18.21 -13.65
C LEU B 238 2.14 -17.76 -14.91
N LYS B 239 1.36 -18.67 -15.49
CA LYS B 239 0.64 -18.38 -16.71
C LYS B 239 -0.80 -17.97 -16.45
N GLN B 240 -1.17 -17.67 -15.21
CA GLN B 240 -2.52 -17.28 -14.89
C GLN B 240 -2.73 -15.79 -15.11
N PHE B 241 -3.99 -15.40 -15.32
CA PHE B 241 -4.36 -14.00 -15.35
C PHE B 241 -4.18 -13.39 -13.96
N ASP B 242 -3.30 -12.39 -13.87
CA ASP B 242 -2.88 -11.86 -12.59
C ASP B 242 -2.81 -10.34 -12.70
N SER B 243 -2.15 -9.71 -11.71
CA SER B 243 -2.10 -8.26 -11.63
C SER B 243 -1.27 -7.65 -12.77
N PHE B 244 -0.31 -8.40 -13.31
CA PHE B 244 0.49 -7.88 -14.41
C PHE B 244 -0.32 -7.79 -15.69
N HIS B 245 -1.23 -8.75 -15.90
CA HIS B 245 -2.12 -8.67 -17.06
C HIS B 245 -3.13 -7.54 -16.91
N ILE B 246 -3.57 -7.28 -15.68
CA ILE B 246 -4.46 -6.14 -15.41
C ILE B 246 -3.73 -4.82 -15.71
N LEU B 247 -2.46 -4.72 -15.28
CA LEU B 247 -1.67 -3.54 -15.59
C LEU B 247 -1.41 -3.40 -17.08
N LEU B 248 -1.20 -4.52 -17.79
CA LEU B 248 -0.98 -4.45 -19.23
C LEU B 248 -2.25 -4.05 -19.97
N ILE B 249 -3.41 -4.52 -19.50
CA ILE B 249 -4.68 -4.13 -20.13
C ILE B 249 -4.97 -2.66 -19.90
N MET B 250 -4.76 -2.17 -18.68
CA MET B 250 -5.02 -0.77 -18.40
C MET B 250 -3.99 0.15 -19.06
N SER B 251 -2.74 -0.29 -19.19
CA SER B 251 -1.75 0.54 -19.89
C SER B 251 -1.94 0.50 -21.39
N CYS B 252 -2.39 -0.62 -21.96
CA CYS B 252 -2.76 -0.64 -23.37
C CYS B 252 -4.00 0.19 -23.63
N GLN B 253 -4.92 0.25 -22.65
CA GLN B 253 -6.07 1.14 -22.75
C GLN B 253 -5.63 2.59 -22.74
N SER B 254 -4.76 2.96 -21.79
CA SER B 254 -4.23 4.32 -21.73
C SER B 254 -3.22 4.62 -22.84
N LEU B 255 -2.83 3.62 -23.62
CA LEU B 255 -2.09 3.84 -24.86
C LEU B 255 -3.03 4.10 -26.02
N LEU B 256 -4.09 3.32 -26.15
CA LEU B 256 -4.90 3.34 -27.37
C LEU B 256 -6.06 4.32 -27.28
N VAL B 257 -6.83 4.29 -26.20
CA VAL B 257 -8.08 5.05 -26.12
C VAL B 257 -7.86 6.56 -25.97
N PRO B 258 -7.03 7.09 -25.05
CA PRO B 258 -6.85 8.54 -25.03
C PRO B 258 -6.09 9.08 -26.23
N SER B 259 -5.21 8.29 -26.85
CA SER B 259 -4.56 8.76 -28.07
C SER B 259 -5.55 8.86 -29.22
N ILE B 260 -6.50 7.93 -29.29
CA ILE B 260 -7.55 8.00 -30.30
C ILE B 260 -8.47 9.18 -30.02
N ILE B 261 -8.74 9.47 -28.75
CA ILE B 261 -9.60 10.60 -28.43
C ILE B 261 -8.89 11.93 -28.68
N PHE B 262 -7.56 11.97 -28.49
CA PHE B 262 -6.78 13.14 -28.87
C PHE B 262 -6.77 13.34 -30.38
N ILE B 263 -6.63 12.25 -31.14
CA ILE B 263 -6.66 12.31 -32.61
C ILE B 263 -8.04 12.76 -33.09
N LEU B 264 -9.11 12.31 -32.41
CA LEU B 264 -10.46 12.74 -32.75
C LEU B 264 -10.67 14.22 -32.41
N ALA B 265 -10.15 14.66 -31.26
CA ALA B 265 -10.26 16.05 -30.86
C ALA B 265 -9.52 16.98 -31.82
N TYR B 266 -8.43 16.49 -32.42
CA TYR B 266 -7.75 17.24 -33.46
C TYR B 266 -8.31 16.98 -34.85
N SER B 267 -9.18 16.00 -35.02
CA SER B 267 -9.68 15.57 -36.32
C SER B 267 -11.08 16.08 -36.64
N LEU B 268 -11.98 16.10 -35.67
CA LEU B 268 -13.37 16.47 -35.88
C LEU B 268 -13.50 17.93 -36.29
N LYS B 269 -14.70 18.29 -36.75
CA LYS B 269 -14.91 19.59 -37.37
C LYS B 269 -14.90 20.69 -36.30
N PRO B 270 -14.37 21.86 -36.60
CA PRO B 270 -14.28 22.92 -35.59
C PRO B 270 -15.62 23.62 -35.41
N ASN B 271 -15.65 24.49 -34.40
CA ASN B 271 -16.83 25.27 -33.98
C ASN B 271 -18.02 24.37 -33.64
N GLN B 272 -17.74 23.19 -33.09
CA GLN B 272 -18.77 22.27 -32.63
C GLN B 272 -18.64 21.95 -31.15
N GLY B 273 -17.67 22.53 -30.46
CA GLY B 273 -17.45 22.23 -29.06
C GLY B 273 -16.91 20.86 -28.77
N THR B 274 -16.45 20.13 -29.79
CA THR B 274 -15.81 18.84 -29.59
C THR B 274 -14.35 18.94 -29.21
N ASP B 275 -13.81 20.16 -29.12
CA ASP B 275 -12.41 20.36 -28.79
C ASP B 275 -12.08 20.08 -27.34
N VAL B 276 -13.09 19.94 -26.47
CA VAL B 276 -12.84 19.60 -25.08
C VAL B 276 -12.84 18.09 -24.88
N LEU B 277 -12.77 17.33 -25.98
CA LEU B 277 -12.54 15.90 -25.90
C LEU B 277 -11.16 15.57 -25.34
N THR B 278 -10.22 16.53 -25.41
CA THR B 278 -8.93 16.38 -24.73
C THR B 278 -9.09 16.23 -23.23
N THR B 279 -10.22 16.68 -22.66
CA THR B 279 -10.41 16.54 -21.23
C THR B 279 -10.96 15.17 -20.88
N VAL B 280 -11.58 14.51 -21.84
CA VAL B 280 -11.98 13.12 -21.65
C VAL B 280 -10.79 12.20 -21.85
N ALA B 281 -9.91 12.53 -22.81
CA ALA B 281 -8.70 11.74 -22.98
C ALA B 281 -7.75 11.87 -21.79
N THR B 282 -7.53 13.09 -21.28
CA THR B 282 -6.75 13.22 -20.06
C THR B 282 -7.47 12.60 -18.86
N LEU B 283 -8.82 12.61 -18.85
CA LEU B 283 -9.56 11.94 -17.79
C LEU B 283 -9.30 10.45 -17.79
N LEU B 284 -9.28 9.82 -18.96
CA LEU B 284 -9.01 8.38 -19.02
C LEU B 284 -7.55 8.08 -18.74
N ALA B 285 -6.63 8.97 -19.11
CA ALA B 285 -5.24 8.82 -18.70
C ALA B 285 -5.07 8.95 -17.20
N VAL B 286 -5.92 9.74 -16.53
CA VAL B 286 -5.94 9.75 -15.08
C VAL B 286 -6.49 8.43 -14.55
N LEU B 287 -7.69 8.04 -15.03
CA LEU B 287 -8.45 6.91 -14.51
C LEU B 287 -7.86 5.56 -14.87
N SER B 288 -6.81 5.50 -15.68
CA SER B 288 -6.17 4.21 -15.92
C SER B 288 -5.60 3.60 -14.64
N LEU B 289 -5.07 4.43 -13.75
CA LEU B 289 -4.41 3.96 -12.55
C LEU B 289 -5.33 3.61 -11.37
N PRO B 290 -6.37 4.40 -11.02
CA PRO B 290 -7.30 3.92 -9.97
C PRO B 290 -8.08 2.69 -10.36
N LEU B 291 -8.53 2.58 -11.62
CA LEU B 291 -9.21 1.37 -12.05
C LEU B 291 -8.28 0.17 -12.09
N SER B 292 -6.99 0.38 -12.39
CA SER B 292 -6.04 -0.71 -12.33
C SER B 292 -5.80 -1.16 -10.90
N SER B 293 -5.77 -0.22 -9.95
CA SER B 293 -5.63 -0.61 -8.55
C SER B 293 -6.87 -1.33 -8.03
N MET B 294 -8.06 -0.87 -8.44
CA MET B 294 -9.31 -1.53 -8.07
C MET B 294 -9.38 -2.95 -8.60
N TRP B 295 -9.13 -3.11 -9.90
CA TRP B 295 -9.14 -4.42 -10.54
C TRP B 295 -8.07 -5.33 -9.96
N ALA B 296 -6.88 -4.78 -9.67
CA ALA B 296 -5.78 -5.59 -9.17
C ALA B 296 -6.06 -6.10 -7.77
N THR B 297 -6.59 -5.24 -6.88
CA THR B 297 -6.91 -5.72 -5.55
C THR B 297 -8.14 -6.62 -5.54
N ALA B 298 -9.10 -6.37 -6.45
CA ALA B 298 -10.34 -7.13 -6.48
C ALA B 298 -10.23 -8.40 -7.30
N ALA B 299 -9.08 -8.66 -7.91
CA ALA B 299 -8.77 -9.97 -8.43
C ALA B 299 -7.63 -10.63 -7.69
N ASN B 300 -6.88 -9.88 -6.89
CA ASN B 300 -5.84 -10.47 -6.08
C ASN B 300 -6.42 -11.10 -4.82
N ASN B 301 -7.35 -10.39 -4.16
CA ASN B 301 -8.05 -11.02 -3.05
C ASN B 301 -8.96 -12.15 -3.51
N ALA B 302 -9.47 -12.07 -4.75
CA ALA B 302 -10.26 -13.17 -5.30
C ALA B 302 -9.41 -14.40 -5.54
N SER B 303 -8.27 -14.25 -6.23
CA SER B 303 -7.40 -15.38 -6.51
C SER B 303 -6.70 -15.90 -5.25
N LYS B 304 -6.53 -15.07 -4.22
CA LYS B 304 -5.73 -15.47 -3.06
C LYS B 304 -6.57 -15.65 -1.80
N THR B 305 -7.89 -15.56 -1.88
CA THR B 305 -8.76 -15.95 -0.78
C THR B 305 -9.96 -16.78 -1.23
N ASN B 306 -10.44 -16.63 -2.47
CA ASN B 306 -11.56 -17.41 -2.95
C ASN B 306 -11.14 -18.31 -4.12
N TRP C 1 -41.68 27.55 -3.75
CA TRP C 1 -42.16 26.25 -4.17
C TRP C 1 -42.97 26.34 -5.45
N HIS C 2 -42.67 25.44 -6.39
CA HIS C 2 -43.36 25.41 -7.67
C HIS C 2 -43.52 23.96 -8.09
N TRP C 3 -44.47 23.73 -8.99
CA TRP C 3 -44.64 22.42 -9.59
C TRP C 3 -43.61 22.22 -10.69
N LEU C 4 -43.06 21.01 -10.79
CA LEU C 4 -42.15 20.72 -11.87
C LEU C 4 -42.90 20.67 -13.20
N GLN C 5 -42.15 20.71 -14.29
CA GLN C 5 -42.76 20.92 -15.58
C GLN C 5 -41.90 20.29 -16.66
N LEU C 6 -42.52 20.07 -17.80
CA LEU C 6 -41.86 19.66 -19.01
C LEU C 6 -41.88 20.82 -20.00
N LYS C 7 -41.43 20.55 -21.20
CA LYS C 7 -41.51 21.50 -22.29
C LYS C 7 -42.40 20.75 -23.29
N PRO C 8 -42.82 21.31 -24.44
CA PRO C 8 -43.70 20.53 -25.33
C PRO C 8 -43.12 19.22 -25.83
N GLY C 9 -41.87 19.21 -26.28
CA GLY C 9 -41.26 17.99 -26.77
C GLY C 9 -40.25 17.39 -25.84
N GLN C 10 -40.16 17.85 -24.59
CA GLN C 10 -39.17 17.34 -23.67
C GLN C 10 -39.61 15.96 -23.19
N PRO C 11 -38.68 15.01 -23.08
CA PRO C 11 -39.03 13.72 -22.48
C PRO C 11 -39.12 13.79 -20.97
N MET C 12 -39.19 12.64 -20.32
CA MET C 12 -39.54 12.54 -18.92
C MET C 12 -38.28 12.23 -18.12
N TYR C 13 -37.71 13.26 -17.51
CA TYR C 13 -36.51 13.09 -16.72
C TYR C 13 -36.83 12.48 -15.35
N TRP D 1 -8.65 18.89 -40.33
CA TRP D 1 -7.78 19.05 -39.17
C TRP D 1 -7.74 20.51 -38.75
N HIS D 2 -7.64 20.74 -37.43
CA HIS D 2 -7.74 22.08 -36.89
C HIS D 2 -6.94 22.15 -35.59
N TRP D 3 -6.06 23.14 -35.50
CA TRP D 3 -5.41 23.47 -34.24
C TRP D 3 -6.48 23.87 -33.23
N LEU D 4 -6.33 23.39 -31.98
CA LEU D 4 -7.29 23.70 -30.93
C LEU D 4 -7.40 25.21 -30.69
N GLN D 5 -8.63 25.68 -30.50
CA GLN D 5 -8.91 27.10 -30.41
C GLN D 5 -9.51 27.45 -29.07
N LEU D 6 -8.97 28.48 -28.44
CA LEU D 6 -9.48 29.03 -27.19
C LEU D 6 -10.21 30.33 -27.52
N LYS D 7 -11.44 30.45 -27.03
CA LYS D 7 -12.22 31.66 -27.21
C LYS D 7 -11.57 32.78 -26.38
N PRO D 8 -11.79 34.08 -26.72
CA PRO D 8 -11.01 35.18 -26.08
C PRO D 8 -10.97 35.20 -24.56
N GLY D 9 -12.03 34.78 -23.87
CA GLY D 9 -11.99 34.68 -22.43
C GLY D 9 -12.11 33.28 -21.91
N GLN D 10 -12.06 32.27 -22.78
CA GLN D 10 -12.18 30.89 -22.35
C GLN D 10 -10.92 30.48 -21.59
N PRO D 11 -11.04 29.71 -20.53
CA PRO D 11 -9.85 29.19 -19.86
C PRO D 11 -9.38 27.92 -20.53
N MET D 12 -8.34 27.33 -19.96
CA MET D 12 -7.63 26.21 -20.55
C MET D 12 -8.36 24.91 -20.22
N TYR D 13 -8.74 24.14 -21.25
CA TYR D 13 -9.65 22.98 -21.16
C TYR D 13 -9.41 22.01 -20.01
N ILE E 60 22.50 -29.51 51.70
CA ILE E 60 22.67 -30.17 50.41
C ILE E 60 21.61 -29.41 49.56
N GLN E 61 20.59 -30.08 49.03
CA GLN E 61 19.57 -29.41 48.23
C GLN E 61 18.67 -28.50 49.05
N ASP E 62 18.57 -28.73 50.36
CA ASP E 62 17.72 -27.92 51.23
C ASP E 62 18.22 -26.49 51.37
N ALA E 63 19.49 -26.23 51.12
CA ALA E 63 20.02 -24.87 51.21
C ALA E 63 19.64 -24.09 49.96
N SER E 64 18.96 -22.97 50.15
CA SER E 64 18.54 -22.10 49.07
C SER E 64 18.97 -20.67 49.39
N LEU E 65 19.33 -19.92 48.34
CA LEU E 65 19.89 -18.59 48.53
C LEU E 65 18.84 -17.61 49.06
N PHE E 66 17.59 -17.76 48.61
CA PHE E 66 16.51 -16.90 49.10
C PHE E 66 16.20 -17.18 50.57
N GLN E 67 16.24 -18.46 50.95
CA GLN E 67 15.98 -18.82 52.35
C GLN E 67 17.12 -18.41 53.25
N MET E 68 18.36 -18.50 52.77
CA MET E 68 19.49 -17.97 53.53
C MET E 68 19.47 -16.45 53.60
N ALA E 69 18.91 -15.80 52.58
CA ALA E 69 18.88 -14.35 52.50
C ALA E 69 17.61 -13.75 53.08
N ASN E 70 16.81 -14.53 53.79
CA ASN E 70 15.60 -14.01 54.42
C ASN E 70 15.90 -13.05 55.57
N LYS E 71 17.10 -13.13 56.16
CA LYS E 71 17.44 -12.28 57.29
C LYS E 71 17.57 -10.82 56.89
N VAL E 72 17.95 -10.53 55.66
CA VAL E 72 18.04 -9.17 55.13
C VAL E 72 17.35 -9.16 53.77
N THR E 73 16.20 -8.49 53.69
CA THR E 73 15.46 -8.39 52.44
C THR E 73 15.98 -7.15 51.71
N SER E 74 15.34 -6.76 50.61
CA SER E 74 15.74 -5.58 49.87
C SER E 74 15.47 -4.31 50.67
N LEU E 75 16.26 -3.27 50.39
CA LEU E 75 16.08 -1.98 51.03
C LEU E 75 15.19 -1.05 50.21
N THR E 76 15.37 -1.04 48.89
CA THR E 76 14.50 -0.30 48.00
C THR E 76 14.20 -1.16 46.79
N LYS E 77 12.98 -1.03 46.26
CA LYS E 77 12.54 -1.86 45.15
C LYS E 77 12.14 -1.03 43.94
N ASN E 78 12.26 0.29 44.00
CA ASN E 78 11.90 1.19 42.90
C ASN E 78 12.94 2.30 42.81
N LYS E 79 12.97 2.94 41.64
CA LYS E 79 13.70 4.19 41.39
C LYS E 79 15.21 4.06 41.65
N ILE E 80 15.79 2.94 41.20
CA ILE E 80 17.25 2.79 41.24
C ILE E 80 17.86 3.72 40.20
N ASN E 81 18.91 4.45 40.61
CA ASN E 81 19.48 5.50 39.78
C ASN E 81 20.27 4.91 38.62
N LEU E 82 19.89 5.29 37.40
CA LEU E 82 20.65 4.95 36.20
C LEU E 82 20.70 6.15 35.29
N LYS E 83 21.90 6.58 34.90
CA LYS E 83 22.07 7.79 34.11
C LYS E 83 22.52 7.43 32.70
N PRO E 84 21.76 7.77 31.67
CA PRO E 84 22.21 7.52 30.30
C PRO E 84 23.37 8.42 29.91
N ASN E 85 24.33 7.85 29.21
CA ASN E 85 25.47 8.62 28.72
C ASN E 85 25.53 8.75 27.21
N ILE E 86 25.19 7.68 26.49
CA ILE E 86 25.26 7.68 25.03
C ILE E 86 24.01 6.99 24.48
N VAL E 87 23.38 7.62 23.48
CA VAL E 87 22.32 7.01 22.69
C VAL E 87 22.65 7.04 21.20
N LEU E 88 23.93 7.18 20.86
CA LEU E 88 24.36 7.38 19.49
C LEU E 88 25.31 6.27 19.04
N LYS E 89 25.25 5.95 17.75
CA LYS E 89 26.16 5.01 17.13
C LYS E 89 26.39 5.40 15.68
N GLY E 90 27.42 4.79 15.09
CA GLY E 90 27.63 4.84 13.65
C GLY E 90 27.30 3.52 12.99
N HIS E 91 26.80 2.57 13.76
CA HIS E 91 26.42 1.27 13.24
C HIS E 91 25.11 1.36 12.48
N ASN E 92 24.89 0.40 11.58
CA ASN E 92 23.65 0.29 10.84
C ASN E 92 22.91 -1.03 11.03
N ASN E 93 23.60 -2.08 11.45
CA ASN E 93 22.98 -3.39 11.67
C ASN E 93 23.00 -3.72 13.15
N LYS E 94 22.33 -4.82 13.49
CA LYS E 94 22.14 -5.21 14.88
C LYS E 94 23.46 -5.60 15.52
N ILE E 95 23.64 -5.21 16.77
CA ILE E 95 24.86 -5.53 17.51
C ILE E 95 24.85 -7.01 17.84
N SER E 96 25.73 -7.77 17.19
CA SER E 96 25.83 -9.20 17.47
C SER E 96 26.48 -9.44 18.82
N ASP E 97 27.65 -8.84 19.05
CA ASP E 97 28.33 -8.95 20.34
C ASP E 97 29.05 -7.65 20.65
N PHE E 98 29.22 -7.41 21.94
CA PHE E 98 30.03 -6.34 22.49
C PHE E 98 30.67 -6.87 23.77
N ARG E 99 31.91 -6.47 24.03
CA ARG E 99 32.63 -6.98 25.18
C ARG E 99 33.53 -5.90 25.78
N TRP E 100 33.62 -5.89 27.11
CA TRP E 100 34.47 -4.96 27.82
C TRP E 100 35.92 -5.40 27.77
N SER E 101 36.83 -4.43 27.64
CA SER E 101 38.22 -4.70 27.92
C SER E 101 38.42 -4.97 29.41
N ARG E 102 39.56 -5.59 29.74
CA ARG E 102 39.83 -5.95 31.13
C ARG E 102 40.01 -4.70 32.00
N ASP E 103 40.68 -3.68 31.48
CA ASP E 103 40.55 -2.36 32.05
C ASP E 103 39.30 -1.70 31.48
N SER E 104 38.71 -0.79 32.26
CA SER E 104 37.38 -0.26 31.97
C SER E 104 37.36 0.81 30.89
N LYS E 105 38.46 1.02 30.16
CA LYS E 105 38.57 2.18 29.28
C LYS E 105 37.74 2.02 28.00
N ARG E 106 37.68 0.81 27.43
CA ARG E 106 37.15 0.67 26.09
C ARG E 106 36.31 -0.60 25.96
N ILE E 107 35.36 -0.56 25.03
CA ILE E 107 34.42 -1.64 24.74
C ILE E 107 34.48 -1.95 23.25
N LEU E 108 34.51 -3.23 22.89
CA LEU E 108 34.46 -3.61 21.49
C LEU E 108 33.03 -4.02 21.12
N SER E 109 32.69 -3.88 19.85
CA SER E 109 31.37 -4.25 19.37
C SER E 109 31.44 -4.58 17.89
N ALA E 110 30.46 -5.34 17.41
CA ALA E 110 30.34 -5.57 15.98
C ALA E 110 28.88 -5.68 15.57
N SER E 111 28.66 -5.67 14.26
CA SER E 111 27.34 -5.80 13.68
C SER E 111 27.43 -6.70 12.46
N GLN E 112 26.32 -6.84 11.74
CA GLN E 112 26.35 -7.55 10.47
C GLN E 112 27.09 -6.77 9.38
N ASP E 113 27.28 -5.47 9.57
CA ASP E 113 28.22 -4.73 8.75
C ASP E 113 29.65 -5.14 9.10
N GLY E 114 30.57 -4.81 8.20
CA GLY E 114 31.93 -5.33 8.22
C GLY E 114 32.80 -4.88 9.38
N PHE E 115 32.40 -3.87 10.14
CA PHE E 115 33.32 -3.25 11.09
C PHE E 115 33.23 -3.83 12.50
N MET E 116 34.38 -3.89 13.16
CA MET E 116 34.50 -4.09 14.60
C MET E 116 34.95 -2.76 15.19
N LEU E 117 34.16 -2.19 16.09
CA LEU E 117 34.43 -0.86 16.62
C LEU E 117 34.91 -0.95 18.06
N ILE E 118 35.94 -0.16 18.36
CA ILE E 118 36.37 0.11 19.73
C ILE E 118 35.77 1.43 20.16
N TRP E 119 34.94 1.38 21.19
CA TRP E 119 34.28 2.52 21.80
C TRP E 119 34.98 2.90 23.09
N ASP E 120 34.85 4.16 23.46
CA ASP E 120 35.43 4.69 24.69
C ASP E 120 34.34 4.78 25.75
N SER E 121 34.64 4.25 26.94
CA SER E 121 33.63 4.17 27.99
C SER E 121 33.33 5.54 28.60
N ALA E 122 34.37 6.35 28.83
CA ALA E 122 34.17 7.63 29.49
C ALA E 122 33.59 8.66 28.52
N SER E 123 34.17 8.79 27.34
CA SER E 123 33.64 9.70 26.33
C SER E 123 32.58 8.97 25.51
N GLY E 124 32.19 9.56 24.38
CA GLY E 124 31.16 8.95 23.55
C GLY E 124 31.59 8.51 22.17
N LEU E 125 32.78 8.92 21.74
CA LEU E 125 33.21 8.72 20.37
C LEU E 125 34.12 7.50 20.24
N LYS E 126 34.41 7.15 19.00
CA LYS E 126 34.99 5.86 18.63
C LYS E 126 36.51 5.97 18.48
N GLN E 127 37.24 5.06 19.11
CA GLN E 127 38.70 5.06 19.05
C GLN E 127 39.24 4.33 17.82
N ASN E 128 38.77 3.11 17.55
CA ASN E 128 39.21 2.36 16.38
C ASN E 128 38.07 1.52 15.83
N ALA E 129 37.98 1.44 14.51
CA ALA E 129 36.97 0.66 13.81
C ALA E 129 37.64 -0.31 12.84
N ILE E 130 37.67 -1.59 13.19
CA ILE E 130 38.42 -2.59 12.46
C ILE E 130 37.48 -3.31 11.50
N PRO E 131 37.72 -3.26 10.19
CA PRO E 131 36.95 -4.10 9.26
C PRO E 131 37.28 -5.58 9.42
N LEU E 132 36.45 -6.41 8.80
CA LEU E 132 36.52 -7.85 8.95
C LEU E 132 36.75 -8.55 7.61
N ASP E 133 37.39 -9.72 7.69
CA ASP E 133 37.43 -10.60 6.52
C ASP E 133 36.09 -11.26 6.28
N SER E 134 35.33 -11.52 7.35
CA SER E 134 34.02 -12.16 7.25
C SER E 134 32.97 -11.19 7.76
N GLN E 135 32.00 -10.88 6.91
CA GLN E 135 30.95 -9.91 7.26
C GLN E 135 29.96 -10.47 8.27
N TRP E 136 29.82 -11.80 8.34
CA TRP E 136 28.79 -12.44 9.15
C TRP E 136 29.36 -12.89 10.49
N VAL E 137 29.67 -11.93 11.33
CA VAL E 137 30.31 -12.15 12.62
C VAL E 137 29.24 -12.37 13.69
N LEU E 138 29.45 -13.36 14.56
CA LEU E 138 28.59 -13.57 15.71
C LEU E 138 29.22 -13.26 17.05
N SER E 139 30.55 -13.11 17.13
CA SER E 139 31.18 -12.91 18.42
C SER E 139 32.50 -12.16 18.27
N CYS E 140 32.91 -11.51 19.36
CA CYS E 140 34.07 -10.65 19.40
C CYS E 140 34.83 -10.89 20.69
N ALA E 141 36.11 -10.52 20.71
CA ALA E 141 36.89 -10.56 21.95
C ALA E 141 38.03 -9.55 21.91
N ILE E 142 38.41 -9.07 23.09
CA ILE E 142 39.63 -8.28 23.29
C ILE E 142 40.53 -9.04 24.26
N SER E 143 41.81 -9.13 23.94
CA SER E 143 42.79 -9.70 24.85
C SER E 143 42.92 -8.83 26.11
N PRO E 144 43.31 -9.42 27.24
CA PRO E 144 43.58 -8.60 28.43
C PRO E 144 44.75 -7.64 28.26
N SER E 145 45.73 -8.02 27.42
CA SER E 145 46.79 -7.09 27.02
C SER E 145 46.28 -5.94 26.15
N SER E 146 45.08 -6.08 25.57
CA SER E 146 44.36 -5.06 24.80
C SER E 146 45.11 -4.65 23.54
N THR E 147 45.96 -5.54 23.02
CA THR E 147 46.59 -5.37 21.72
C THR E 147 46.08 -6.37 20.69
N LEU E 148 45.32 -7.38 21.11
CA LEU E 148 44.82 -8.42 20.23
C LEU E 148 43.30 -8.40 20.25
N VAL E 149 42.68 -8.57 19.09
CA VAL E 149 41.23 -8.57 18.96
C VAL E 149 40.84 -9.78 18.14
N ALA E 150 39.71 -10.40 18.45
CA ALA E 150 39.33 -11.68 17.85
C ALA E 150 37.89 -11.64 17.36
N SER E 151 37.64 -12.41 16.30
CA SER E 151 36.31 -12.53 15.70
C SER E 151 36.16 -13.92 15.09
N ALA E 152 34.90 -14.35 14.93
CA ALA E 152 34.57 -15.65 14.35
C ALA E 152 33.08 -15.67 14.01
N GLY E 153 32.56 -16.87 13.72
CA GLY E 153 31.15 -17.06 13.45
C GLY E 153 30.80 -17.10 11.98
N LEU E 154 30.04 -18.12 11.58
CA LEU E 154 29.47 -18.30 10.23
C LEU E 154 30.51 -18.32 9.11
N ASN E 155 31.77 -18.57 9.44
CA ASN E 155 32.85 -18.65 8.48
C ASN E 155 33.78 -19.81 8.73
N ASN E 156 33.62 -20.52 9.86
CA ASN E 156 34.44 -21.64 10.32
C ASN E 156 35.88 -21.22 10.60
N ASN E 157 36.14 -19.93 10.75
CA ASN E 157 37.49 -19.42 10.93
C ASN E 157 37.51 -18.36 12.01
N CYS E 158 38.41 -18.51 12.97
CA CYS E 158 38.65 -17.49 13.98
C CYS E 158 39.81 -16.60 13.51
N THR E 159 39.62 -15.30 13.65
CA THR E 159 40.54 -14.31 13.10
C THR E 159 41.02 -13.41 14.22
N ILE E 160 42.34 -13.39 14.42
CA ILE E 160 42.99 -12.52 15.38
C ILE E 160 43.56 -11.33 14.62
N TYR E 161 42.94 -10.17 14.76
CA TYR E 161 43.53 -8.94 14.26
C TYR E 161 44.35 -8.29 15.37
N ARG E 162 45.18 -7.33 14.95
CA ARG E 162 45.96 -6.50 15.85
C ARG E 162 45.57 -5.05 15.63
N VAL E 163 45.18 -4.37 16.70
CA VAL E 163 44.88 -2.94 16.64
C VAL E 163 46.13 -2.17 17.06
N SER E 164 46.57 -1.27 16.18
CA SER E 164 47.78 -0.50 16.42
C SER E 164 47.72 0.77 15.60
N LYS E 165 48.51 1.77 16.02
CA LYS E 165 48.73 3.04 15.32
C LYS E 165 47.46 3.88 15.16
N GLU E 166 46.40 3.57 15.93
CA GLU E 166 45.17 4.35 16.04
C GLU E 166 44.49 4.56 14.68
N ASN E 167 44.26 3.47 13.95
CA ASN E 167 43.73 3.59 12.60
C ASN E 167 42.65 2.53 12.33
N ARG E 168 41.93 2.72 11.23
CA ARG E 168 40.84 1.86 10.81
C ARG E 168 41.21 1.00 9.60
N VAL E 169 42.50 0.85 9.33
CA VAL E 169 42.94 0.18 8.11
C VAL E 169 42.78 -1.34 8.19
N ALA E 170 42.88 -1.92 9.40
CA ALA E 170 42.93 -3.37 9.67
C ALA E 170 44.15 -3.99 8.98
N GLN E 171 45.31 -3.37 9.20
CA GLN E 171 46.55 -3.74 8.53
C GLN E 171 47.07 -5.13 8.94
N ASN E 172 46.58 -5.69 10.05
CA ASN E 172 47.15 -6.91 10.61
C ASN E 172 46.06 -7.96 10.75
N VAL E 173 46.14 -9.00 9.92
CA VAL E 173 45.44 -10.26 10.17
C VAL E 173 46.53 -11.23 10.63
N ALA E 174 46.71 -11.32 11.95
CA ALA E 174 47.85 -12.05 12.51
C ALA E 174 47.72 -13.56 12.31
N SER E 175 46.52 -14.11 12.51
CA SER E 175 46.33 -15.54 12.38
C SER E 175 44.89 -15.86 12.03
N ILE E 176 44.71 -16.97 11.32
CA ILE E 176 43.40 -17.50 10.96
C ILE E 176 43.43 -19.00 11.21
N PHE E 177 42.38 -19.54 11.84
CA PHE E 177 42.35 -20.91 12.29
C PHE E 177 41.19 -21.65 11.64
N LYS E 178 41.49 -22.72 10.91
CA LYS E 178 40.48 -23.49 10.19
C LYS E 178 40.46 -24.90 10.78
N GLY E 179 39.69 -25.08 11.85
CA GLY E 179 39.59 -26.37 12.50
C GLY E 179 38.18 -26.89 12.67
N HIS E 180 37.19 -26.03 12.52
CA HIS E 180 35.79 -26.37 12.73
C HIS E 180 35.07 -26.44 11.40
N THR E 181 34.10 -27.36 11.32
CA THR E 181 33.23 -27.49 10.15
C THR E 181 31.81 -27.01 10.49
N CYS E 182 31.72 -25.97 11.32
CA CYS E 182 30.46 -25.43 11.81
C CYS E 182 30.72 -24.06 12.41
N TYR E 183 29.64 -23.34 12.69
CA TYR E 183 29.74 -21.97 13.17
C TYR E 183 30.32 -21.90 14.59
N ILE E 184 31.02 -20.81 14.86
CA ILE E 184 31.73 -20.59 16.11
C ILE E 184 30.97 -19.52 16.89
N SER E 185 30.38 -19.90 18.02
CA SER E 185 29.42 -19.02 18.69
C SER E 185 30.08 -18.09 19.71
N ASP E 186 30.97 -18.59 20.55
CA ASP E 186 31.56 -17.78 21.62
C ASP E 186 33.07 -17.77 21.51
N ILE E 187 33.63 -16.57 21.74
CA ILE E 187 35.07 -16.33 21.78
C ILE E 187 35.39 -15.69 23.13
N GLU E 188 36.47 -16.15 23.76
CA GLU E 188 36.95 -15.52 24.98
C GLU E 188 38.46 -15.63 25.02
N PHE E 189 39.09 -14.66 25.69
CA PHE E 189 40.55 -14.61 25.81
C PHE E 189 40.94 -15.07 27.21
N THR E 190 41.93 -15.96 27.28
CA THR E 190 42.47 -16.37 28.56
C THR E 190 43.60 -15.44 29.02
N ASP E 191 44.57 -15.20 28.14
CA ASP E 191 45.69 -14.32 28.41
C ASP E 191 46.06 -13.62 27.11
N ASN E 192 47.27 -13.05 27.06
CA ASN E 192 47.74 -12.38 25.85
C ASN E 192 48.06 -13.36 24.72
N ALA E 193 48.23 -14.64 25.02
CA ALA E 193 48.67 -15.63 24.04
C ALA E 193 47.61 -16.63 23.63
N HIS E 194 46.82 -17.12 24.57
CA HIS E 194 45.82 -18.13 24.26
C HIS E 194 44.51 -17.49 23.81
N ILE E 195 43.71 -18.26 23.10
CA ILE E 195 42.38 -17.82 22.69
C ILE E 195 41.40 -18.99 22.65
N LEU E 196 40.42 -18.98 23.55
CA LEU E 196 39.41 -20.03 23.62
C LEU E 196 38.20 -19.66 22.76
N THR E 197 37.77 -20.59 21.92
CA THR E 197 36.55 -20.43 21.13
C THR E 197 35.77 -21.74 21.19
N ALA E 198 34.46 -21.64 21.03
CA ALA E 198 33.59 -22.81 21.06
C ALA E 198 32.78 -22.86 19.78
N SER E 199 32.53 -24.06 19.26
CA SER E 199 31.97 -24.17 17.92
C SER E 199 30.56 -24.77 17.96
N GLY E 200 29.99 -24.93 16.76
CA GLY E 200 28.71 -25.59 16.62
C GLY E 200 28.90 -27.09 16.72
N ASP E 201 29.97 -27.58 16.11
CA ASP E 201 30.51 -28.87 16.50
C ASP E 201 31.05 -28.78 17.93
N MET E 202 31.12 -29.94 18.58
CA MET E 202 31.31 -30.06 20.02
C MET E 202 32.59 -29.41 20.56
N THR E 203 33.61 -29.23 19.70
CA THR E 203 34.91 -28.74 20.13
C THR E 203 34.90 -27.31 20.65
N CYS E 204 35.73 -27.08 21.67
CA CYS E 204 36.17 -25.76 22.11
C CYS E 204 37.69 -25.75 22.03
N ALA E 205 38.23 -24.94 21.13
CA ALA E 205 39.66 -24.92 20.85
C ALA E 205 40.34 -23.70 21.46
N LEU E 206 41.52 -23.90 22.02
CA LEU E 206 42.36 -22.81 22.54
C LEU E 206 43.57 -22.66 21.63
N TRP E 207 43.45 -21.77 20.65
CA TRP E 207 44.56 -21.53 19.77
C TRP E 207 45.60 -20.64 20.45
N ASP E 208 46.77 -20.54 19.83
CA ASP E 208 47.85 -19.70 20.29
C ASP E 208 48.23 -18.72 19.19
N ILE E 209 48.69 -17.53 19.60
CA ILE E 209 49.19 -16.55 18.63
C ILE E 209 50.55 -16.96 18.07
N PRO E 210 51.58 -17.39 18.88
CA PRO E 210 52.80 -17.90 18.23
C PRO E 210 52.63 -19.24 17.54
N LYS E 211 52.04 -20.20 18.25
CA LYS E 211 52.05 -21.59 17.78
C LYS E 211 51.05 -21.82 16.65
N ALA E 212 49.89 -21.17 16.72
CA ALA E 212 48.79 -21.26 15.73
C ALA E 212 48.32 -22.70 15.55
N LYS E 213 47.99 -23.34 16.66
CA LYS E 213 47.50 -24.71 16.67
C LYS E 213 46.71 -24.94 17.95
N ARG E 214 45.96 -26.03 17.96
CA ARG E 214 45.12 -26.38 19.10
C ARG E 214 45.96 -27.00 20.21
N VAL E 215 45.59 -26.75 21.46
CA VAL E 215 46.17 -27.51 22.55
C VAL E 215 45.26 -28.68 22.96
N ARG E 216 44.03 -28.40 23.39
CA ARG E 216 43.12 -29.43 23.90
C ARG E 216 41.70 -29.15 23.43
N GLU E 217 40.94 -30.23 23.21
CA GLU E 217 39.58 -30.15 22.70
C GLU E 217 38.64 -30.87 23.66
N TYR E 218 37.80 -30.10 24.34
CA TYR E 218 36.82 -30.62 25.30
C TYR E 218 35.52 -30.85 24.54
N SER E 219 35.13 -32.12 24.40
CA SER E 219 33.97 -32.47 23.56
C SER E 219 33.09 -33.46 24.28
N ASP E 220 32.81 -33.19 25.55
CA ASP E 220 31.91 -34.02 26.36
C ASP E 220 30.46 -33.61 26.19
N HIS E 221 30.15 -32.75 25.23
CA HIS E 221 28.82 -32.22 25.00
C HIS E 221 28.31 -32.73 23.66
N LEU E 222 27.00 -32.86 23.55
CA LEU E 222 26.31 -33.12 22.30
C LEU E 222 25.34 -31.97 22.04
N GLY E 223 25.36 -31.44 20.82
CA GLY E 223 24.60 -30.25 20.48
C GLY E 223 25.50 -29.02 20.37
N ASP E 224 24.88 -27.95 19.88
CA ASP E 224 25.60 -26.71 19.59
C ASP E 224 25.95 -25.99 20.88
N VAL E 225 27.21 -25.57 21.01
CA VAL E 225 27.65 -24.78 22.17
C VAL E 225 27.42 -23.31 21.85
N LEU E 226 26.53 -22.67 22.61
CA LEU E 226 26.14 -21.29 22.34
C LEU E 226 27.01 -20.24 23.02
N ALA E 227 27.49 -20.49 24.25
CA ALA E 227 28.27 -19.46 24.95
C ALA E 227 29.40 -20.09 25.74
N LEU E 228 30.16 -19.22 26.42
CA LEU E 228 31.32 -19.59 27.23
C LEU E 228 31.45 -18.59 28.37
N ALA E 229 32.08 -19.02 29.46
CA ALA E 229 32.30 -18.15 30.60
C ALA E 229 33.69 -18.38 31.19
N ILE E 230 34.40 -17.29 31.45
CA ILE E 230 35.69 -17.25 32.11
C ILE E 230 35.57 -16.33 33.33
N PRO E 231 35.90 -16.78 34.54
CA PRO E 231 35.98 -15.86 35.68
C PRO E 231 37.19 -14.93 35.55
N GLU E 232 37.01 -13.68 36.00
CA GLU E 232 38.04 -12.65 35.90
C GLU E 232 39.34 -13.03 36.62
N GLU E 233 39.24 -13.83 37.68
CA GLU E 233 40.42 -14.31 38.41
C GLU E 233 41.24 -15.28 37.55
N SER E 240 40.53 -20.66 39.70
CA SER E 240 41.69 -20.85 38.84
C SER E 240 41.35 -20.48 37.40
N ASN E 241 42.16 -20.98 36.47
CA ASN E 241 41.94 -20.72 35.04
C ASN E 241 41.05 -21.83 34.50
N THR E 242 39.74 -21.59 34.55
CA THR E 242 38.71 -22.58 34.27
C THR E 242 37.64 -21.95 33.39
N PHE E 243 37.00 -22.76 32.55
CA PHE E 243 35.92 -22.20 31.73
C PHE E 243 34.64 -23.03 31.86
N ALA E 244 33.57 -22.49 31.26
CA ALA E 244 32.28 -23.16 31.25
C ALA E 244 31.57 -22.89 29.92
N SER E 245 30.67 -23.79 29.55
CA SER E 245 29.95 -23.72 28.29
C SER E 245 28.52 -24.20 28.47
N CYS E 246 27.69 -23.91 27.47
CA CYS E 246 26.28 -24.32 27.41
C CYS E 246 26.06 -25.21 26.20
N GLY E 247 24.80 -25.63 26.03
CA GLY E 247 24.45 -26.34 24.81
C GLY E 247 22.95 -26.40 24.57
N SER E 248 22.60 -26.93 23.39
CA SER E 248 21.19 -27.07 23.03
C SER E 248 20.56 -28.23 23.78
N ASP E 249 21.19 -29.41 23.73
CA ASP E 249 20.84 -30.49 24.64
C ASP E 249 21.46 -30.13 25.98
N GLY E 250 20.69 -29.41 26.79
CA GLY E 250 21.16 -28.60 27.90
C GLY E 250 22.14 -29.19 28.89
N TYR E 251 23.32 -28.59 28.96
CA TYR E 251 24.32 -28.92 29.96
C TYR E 251 25.13 -27.68 30.27
N THR E 252 25.66 -27.62 31.49
CA THR E 252 26.45 -26.50 31.97
C THR E 252 27.69 -27.01 32.69
N TYR E 253 28.45 -27.88 32.00
CA TYR E 253 29.68 -28.43 32.56
C TYR E 253 30.69 -27.31 32.85
N ILE E 254 31.46 -27.49 33.92
CA ILE E 254 32.62 -26.66 34.18
C ILE E 254 33.85 -27.53 33.92
N TRP E 255 34.89 -26.90 33.35
CA TRP E 255 36.14 -27.54 32.97
C TRP E 255 37.30 -26.76 33.55
N ASP E 256 38.29 -27.50 34.06
CA ASP E 256 39.56 -26.91 34.51
C ASP E 256 40.40 -26.38 33.35
N SER E 257 40.07 -26.78 32.11
CA SER E 257 40.64 -26.26 30.86
C SER E 257 42.11 -26.61 30.67
N ARG E 258 42.65 -27.56 31.42
CA ARG E 258 43.95 -28.15 31.09
C ARG E 258 43.87 -29.66 30.97
N SER E 259 42.66 -30.24 30.99
CA SER E 259 42.45 -31.66 30.83
C SER E 259 41.17 -31.85 30.02
N PRO E 260 41.10 -32.87 29.15
CA PRO E 260 39.95 -32.95 28.22
C PRO E 260 38.66 -33.41 28.89
N SER E 261 38.74 -34.12 30.01
CA SER E 261 37.55 -34.55 30.74
C SER E 261 36.82 -33.36 31.34
N ALA E 262 35.55 -33.59 31.70
CA ALA E 262 34.71 -32.56 32.29
C ALA E 262 34.78 -32.66 33.81
N VAL E 263 34.97 -31.50 34.45
CA VAL E 263 35.01 -31.48 35.91
C VAL E 263 33.61 -31.65 36.49
N GLN E 264 32.63 -30.95 35.94
CA GLN E 264 31.30 -31.02 36.55
C GLN E 264 30.22 -31.14 35.49
N SER E 265 28.97 -31.21 35.95
CA SER E 265 27.77 -31.31 35.13
C SER E 265 26.59 -30.87 35.99
N PHE E 266 25.47 -30.56 35.35
CA PHE E 266 24.30 -30.07 36.07
C PHE E 266 23.04 -30.58 35.40
N TYR E 267 21.89 -30.04 35.84
CA TYR E 267 20.59 -30.51 35.39
C TYR E 267 20.31 -30.09 33.96
N VAL E 268 19.68 -30.99 33.20
CA VAL E 268 19.48 -30.75 31.78
C VAL E 268 18.30 -29.81 31.53
N ASN E 269 17.15 -30.05 32.18
CA ASN E 269 15.86 -29.36 31.98
C ASN E 269 15.33 -29.35 30.55
N ASP E 270 15.91 -30.16 29.65
CA ASP E 270 15.48 -30.38 28.26
C ASP E 270 15.42 -29.11 27.42
N SER E 271 16.09 -28.03 27.82
CA SER E 271 16.04 -26.76 27.11
C SER E 271 17.43 -26.38 26.61
N ASP E 272 17.44 -25.48 25.63
CA ASP E 272 18.69 -24.86 25.21
C ASP E 272 19.05 -23.68 26.13
N ILE E 273 20.35 -23.51 26.35
CA ILE E 273 20.89 -22.52 27.27
C ILE E 273 21.64 -21.47 26.47
N ASN E 274 21.21 -20.21 26.54
CA ASN E 274 21.70 -19.18 25.64
C ASN E 274 22.63 -18.15 26.27
N ALA E 275 22.92 -18.25 27.57
CA ALA E 275 23.69 -17.19 28.23
C ALA E 275 24.32 -17.72 29.51
N LEU E 276 25.62 -17.49 29.68
CA LEU E 276 26.40 -17.99 30.82
C LEU E 276 27.20 -16.85 31.43
N ARG E 277 27.18 -16.74 32.76
CA ARG E 277 28.06 -15.81 33.46
C ARG E 277 28.58 -16.42 34.76
N PHE E 278 29.87 -16.24 35.01
CA PHE E 278 30.41 -16.54 36.33
C PHE E 278 30.14 -15.40 37.29
N PHE E 279 29.95 -15.75 38.57
CA PHE E 279 29.81 -14.74 39.62
C PHE E 279 31.13 -13.98 39.80
N LYS E 280 31.01 -12.77 40.37
CA LYS E 280 32.17 -11.88 40.50
C LYS E 280 33.21 -12.44 41.47
N ASP E 281 32.78 -13.16 42.50
CA ASP E 281 33.76 -13.85 43.35
C ASP E 281 34.40 -15.04 42.64
N GLY E 282 33.72 -15.59 41.63
CA GLY E 282 34.25 -16.67 40.84
C GLY E 282 33.83 -18.06 41.29
N MET E 283 32.98 -18.18 42.30
CA MET E 283 32.58 -19.47 42.85
C MET E 283 31.18 -19.91 42.43
N SER E 284 30.46 -19.11 41.63
CA SER E 284 29.11 -19.47 41.22
C SER E 284 28.94 -19.22 39.73
N ILE E 285 27.86 -19.75 39.18
CA ILE E 285 27.62 -19.75 37.75
C ILE E 285 26.12 -19.59 37.51
N VAL E 286 25.78 -18.79 36.49
CA VAL E 286 24.39 -18.57 36.10
C VAL E 286 24.21 -18.89 34.63
N ALA E 287 23.03 -19.43 34.32
CA ALA E 287 22.74 -19.97 32.99
C ALA E 287 21.31 -19.65 32.62
N GLY E 288 21.12 -18.81 31.60
CA GLY E 288 19.80 -18.44 31.13
C GLY E 288 19.40 -19.21 29.88
N SER E 289 18.09 -19.35 29.69
CA SER E 289 17.55 -20.28 28.69
C SER E 289 16.46 -19.59 27.88
N ASP E 290 15.94 -20.32 26.90
CA ASP E 290 14.89 -19.81 26.02
C ASP E 290 13.50 -19.88 26.65
N ASN E 291 13.33 -20.65 27.72
CA ASN E 291 12.04 -20.72 28.38
C ASN E 291 11.88 -19.67 29.47
N GLY E 292 12.87 -18.80 29.65
CA GLY E 292 12.82 -17.79 30.68
C GLY E 292 13.37 -18.20 32.01
N ALA E 293 14.13 -19.29 32.08
CA ALA E 293 14.68 -19.79 33.33
C ALA E 293 16.14 -19.41 33.46
N ILE E 294 16.55 -19.08 34.69
CA ILE E 294 17.93 -18.77 35.01
C ILE E 294 18.36 -19.69 36.16
N ASN E 295 19.46 -20.39 35.98
CA ASN E 295 20.04 -21.23 37.01
C ASN E 295 21.19 -20.51 37.69
N MET E 296 21.35 -20.80 38.99
CA MET E 296 22.32 -20.17 39.90
C MET E 296 23.18 -21.22 40.59
N TYR E 297 23.81 -22.10 39.81
CA TYR E 297 24.56 -23.20 40.40
C TYR E 297 25.85 -22.70 41.05
N ASP E 298 26.38 -23.51 41.95
CA ASP E 298 27.69 -23.28 42.53
C ASP E 298 28.75 -24.10 41.80
N LEU E 299 29.98 -23.57 41.76
CA LEU E 299 31.13 -24.25 41.18
C LEU E 299 31.41 -25.61 41.84
N ARG E 300 31.07 -25.77 43.12
CA ARG E 300 31.36 -26.99 43.85
C ARG E 300 30.08 -27.71 44.23
N SER E 301 30.27 -28.97 44.69
CA SER E 301 29.34 -29.80 45.45
C SER E 301 28.16 -30.37 44.65
N ASP E 302 28.00 -29.93 43.39
CA ASP E 302 27.01 -30.46 42.43
C ASP E 302 25.58 -30.36 42.99
N CYS E 303 25.15 -29.13 43.24
CA CYS E 303 23.79 -28.88 43.73
C CYS E 303 23.21 -27.67 43.03
N SER E 304 21.93 -27.79 42.65
CA SER E 304 21.18 -26.64 42.17
C SER E 304 20.75 -25.77 43.33
N ILE E 305 20.89 -24.46 43.18
CA ILE E 305 20.67 -23.50 44.26
C ILE E 305 19.42 -22.66 44.02
N ALA E 306 19.42 -21.85 42.96
CA ALA E 306 18.30 -20.95 42.71
C ALA E 306 17.91 -20.98 41.24
N THR E 307 16.67 -21.38 40.97
CA THR E 307 16.00 -21.12 39.71
C THR E 307 15.31 -19.76 39.81
N PHE E 308 15.34 -18.98 38.72
CA PHE E 308 14.80 -17.64 38.73
C PHE E 308 13.52 -17.46 37.89
N SER E 309 13.00 -18.52 37.28
CA SER E 309 11.77 -18.51 36.44
C SER E 309 10.59 -17.66 36.92
N GLN E 350 9.40 -16.44 25.61
CA GLN E 350 10.40 -15.42 25.89
C GLN E 350 11.56 -16.03 26.67
N GLY E 351 12.79 -15.74 26.26
CA GLY E 351 13.94 -16.35 26.87
C GLY E 351 15.07 -15.38 27.15
N VAL E 352 16.02 -15.87 27.95
CA VAL E 352 17.17 -15.09 28.39
C VAL E 352 18.24 -15.12 27.30
N VAL E 353 18.58 -13.95 26.77
CA VAL E 353 19.59 -13.87 25.72
C VAL E 353 20.94 -13.51 26.34
N SER E 354 20.93 -12.78 27.45
CA SER E 354 22.20 -12.30 28.01
C SER E 354 22.03 -11.97 29.50
N LEU E 355 23.15 -12.10 30.23
CA LEU E 355 23.22 -11.87 31.66
C LEU E 355 24.49 -11.11 31.99
N ASP E 356 24.47 -10.45 33.15
CA ASP E 356 25.67 -9.96 33.83
C ASP E 356 25.33 -9.60 35.26
N PHE E 357 26.35 -9.60 36.10
CA PHE E 357 26.25 -9.09 37.46
C PHE E 357 26.84 -7.68 37.57
N SER E 358 26.59 -7.05 38.71
CA SER E 358 27.21 -5.77 39.02
C SER E 358 28.55 -6.02 39.72
N ALA E 359 29.25 -4.93 40.05
CA ALA E 359 30.45 -5.05 40.88
C ALA E 359 30.11 -5.52 42.29
N SER E 360 28.94 -5.13 42.79
CA SER E 360 28.50 -5.62 44.09
C SER E 360 28.13 -7.09 44.02
N GLY E 361 27.45 -7.50 42.96
CA GLY E 361 26.95 -8.86 42.87
C GLY E 361 25.58 -9.06 43.45
N ARG E 362 24.85 -7.98 43.76
CA ARG E 362 23.53 -8.06 44.36
C ARG E 362 22.41 -7.93 43.33
N LEU E 363 22.67 -7.31 42.19
CA LEU E 363 21.68 -7.15 41.15
C LEU E 363 22.24 -7.67 39.84
N MET E 364 21.41 -8.40 39.11
CA MET E 364 21.77 -9.06 37.87
C MET E 364 21.02 -8.40 36.72
N TYR E 365 21.76 -7.79 35.80
CA TYR E 365 21.15 -7.33 34.56
C TYR E 365 20.89 -8.52 33.66
N SER E 366 19.70 -8.54 33.05
CA SER E 366 19.27 -9.66 32.24
C SER E 366 18.54 -9.13 31.00
N CYS E 367 18.57 -9.93 29.94
CA CYS E 367 17.94 -9.57 28.67
C CYS E 367 16.93 -10.65 28.30
N TYR E 368 15.67 -10.26 28.17
CA TYR E 368 14.62 -11.18 27.78
C TYR E 368 14.20 -10.91 26.34
N THR E 369 13.62 -11.95 25.73
CA THR E 369 13.31 -11.92 24.30
C THR E 369 12.27 -10.85 23.95
N ASP E 370 11.22 -10.73 24.77
CA ASP E 370 10.18 -9.74 24.52
C ASP E 370 9.90 -8.82 25.71
N ILE E 371 10.29 -9.17 26.93
CA ILE E 371 10.15 -8.24 28.05
C ILE E 371 11.08 -7.05 27.85
N GLY E 372 12.34 -7.31 27.56
CA GLY E 372 13.34 -6.28 27.43
C GLY E 372 14.46 -6.43 28.44
N CYS E 373 15.17 -5.35 28.73
CA CYS E 373 16.20 -5.38 29.75
C CYS E 373 15.55 -5.29 31.12
N VAL E 374 16.02 -6.13 32.04
CA VAL E 374 15.45 -6.19 33.37
C VAL E 374 16.58 -6.32 34.38
N VAL E 375 16.34 -5.89 35.61
CA VAL E 375 17.30 -6.04 36.70
C VAL E 375 16.65 -6.90 37.77
N TRP E 376 17.39 -7.90 38.24
CA TRP E 376 16.91 -8.83 39.26
C TRP E 376 17.69 -8.62 40.56
N ASP E 377 16.98 -8.60 41.68
CA ASP E 377 17.62 -8.64 42.98
C ASP E 377 18.01 -10.09 43.26
N VAL E 378 19.30 -10.34 43.48
CA VAL E 378 19.79 -11.71 43.58
C VAL E 378 19.31 -12.36 44.88
N LEU E 379 19.41 -11.62 46.00
CA LEU E 379 19.06 -12.18 47.30
C LEU E 379 17.56 -12.39 47.43
N LYS E 380 16.77 -11.38 47.08
CA LYS E 380 15.32 -11.49 47.19
C LYS E 380 14.72 -12.36 46.10
N GLY E 381 15.30 -12.37 44.90
CA GLY E 381 14.73 -13.08 43.78
C GLY E 381 13.55 -12.37 43.17
N GLU E 382 13.62 -11.04 43.03
CA GLU E 382 12.48 -10.25 42.61
C GLU E 382 12.93 -9.18 41.64
N ILE E 383 11.97 -8.72 40.83
CA ILE E 383 12.23 -7.82 39.72
C ILE E 383 12.25 -6.38 40.21
N VAL E 384 13.33 -5.66 39.92
CA VAL E 384 13.51 -4.29 40.40
C VAL E 384 14.18 -3.41 39.33
N GLY E 385 13.38 -2.62 38.61
CA GLY E 385 13.99 -1.65 37.71
C GLY E 385 14.12 -1.99 36.24
N LYS E 386 13.04 -2.47 35.61
CA LYS E 386 13.02 -2.77 34.18
C LYS E 386 13.42 -1.55 33.34
N LEU E 387 14.20 -1.81 32.29
CA LEU E 387 14.80 -0.76 31.46
C LEU E 387 14.13 -0.83 30.09
N GLU E 388 13.14 0.03 29.87
CA GLU E 388 12.42 0.11 28.60
C GLU E 388 12.97 1.16 27.66
N GLY E 389 14.21 1.62 27.89
CA GLY E 389 14.75 2.74 27.14
C GLY E 389 15.01 2.44 25.68
N HIS E 390 15.42 1.22 25.36
CA HIS E 390 15.78 0.89 23.98
C HIS E 390 14.56 0.77 23.08
N GLY E 391 14.69 1.30 21.86
CA GLY E 391 13.60 1.25 20.91
C GLY E 391 13.37 -0.13 20.32
N GLY E 392 14.43 -0.91 20.12
CA GLY E 392 14.34 -2.19 19.48
C GLY E 392 14.64 -3.33 20.44
N ARG E 393 14.74 -4.54 19.86
CA ARG E 393 14.99 -5.74 20.66
C ARG E 393 16.38 -5.68 21.26
N VAL E 394 16.44 -5.74 22.59
CA VAL E 394 17.68 -5.54 23.34
C VAL E 394 18.50 -6.83 23.33
N THR E 395 19.52 -6.85 22.46
CA THR E 395 20.35 -8.04 22.28
C THR E 395 21.08 -8.44 23.56
N GLY E 396 21.76 -7.50 24.20
CA GLY E 396 22.66 -7.90 25.27
C GLY E 396 22.95 -6.79 26.26
N VAL E 397 23.40 -7.21 27.44
CA VAL E 397 23.86 -6.30 28.48
C VAL E 397 25.09 -6.90 29.13
N ARG E 398 26.14 -6.07 29.28
CA ARG E 398 27.33 -6.47 30.02
C ARG E 398 27.81 -5.31 30.87
N SER E 399 28.15 -5.60 32.12
CA SER E 399 28.66 -4.56 33.01
C SER E 399 30.19 -4.52 32.97
N SER E 400 30.73 -3.42 33.48
CA SER E 400 32.16 -3.17 33.43
C SER E 400 32.86 -3.98 34.51
N PRO E 401 34.16 -4.26 34.33
CA PRO E 401 34.92 -4.91 35.42
C PRO E 401 35.06 -4.04 36.65
N ASP E 402 35.34 -2.74 36.48
CA ASP E 402 35.39 -1.83 37.62
C ASP E 402 34.01 -1.65 38.25
N GLY E 403 32.96 -1.62 37.43
CA GLY E 403 31.60 -1.62 37.91
C GLY E 403 30.91 -0.28 37.87
N LEU E 404 31.64 0.79 37.59
CA LEU E 404 31.05 2.13 37.55
C LEU E 404 30.06 2.27 36.40
N ALA E 405 30.30 1.62 35.28
CA ALA E 405 29.41 1.71 34.13
C ALA E 405 28.77 0.37 33.81
N VAL E 406 27.80 0.41 32.90
CA VAL E 406 27.08 -0.75 32.38
C VAL E 406 26.89 -0.44 30.91
N CYS E 407 26.87 -1.47 30.06
CA CYS E 407 26.71 -1.27 28.63
C CYS E 407 25.59 -2.17 28.13
N THR E 408 24.73 -1.61 27.29
CA THR E 408 23.60 -2.33 26.75
C THR E 408 23.54 -2.11 25.24
N GLY E 409 23.24 -3.16 24.50
CA GLY E 409 23.15 -3.08 23.05
C GLY E 409 21.94 -3.81 22.54
N SER E 410 21.46 -3.36 21.37
CA SER E 410 20.14 -3.75 20.90
C SER E 410 20.14 -3.87 19.38
N TRP E 411 19.01 -4.38 18.86
CA TRP E 411 18.82 -4.51 17.42
C TRP E 411 18.69 -3.19 16.70
N ASP E 412 18.40 -2.09 17.41
CA ASP E 412 18.23 -0.79 16.78
C ASP E 412 19.55 -0.07 16.48
N SER E 413 20.68 -0.80 16.53
CA SER E 413 22.03 -0.29 16.23
C SER E 413 22.40 0.88 17.13
N THR E 414 22.15 0.70 18.44
CA THR E 414 22.46 1.71 19.43
C THR E 414 23.23 1.08 20.58
N MET E 415 24.06 1.88 21.23
CA MET E 415 24.66 1.52 22.50
C MET E 415 24.17 2.47 23.58
N LYS E 416 23.81 1.91 24.73
CA LYS E 416 23.39 2.70 25.87
C LYS E 416 24.36 2.41 27.02
N ILE E 417 25.13 3.41 27.41
CA ILE E 417 26.05 3.31 28.54
C ILE E 417 25.36 3.90 29.76
N TRP E 418 25.02 3.04 30.71
CA TRP E 418 24.61 3.52 32.02
C TRP E 418 25.84 3.78 32.88
N SER E 419 25.70 4.71 33.81
CA SER E 419 26.78 5.06 34.73
C SER E 419 26.16 5.48 36.06
N PRO E 420 25.72 4.53 36.87
CA PRO E 420 25.06 4.88 38.13
C PRO E 420 26.07 5.27 39.19
N GLY E 421 25.53 5.82 40.28
CA GLY E 421 26.32 6.07 41.47
C GLY E 421 26.24 4.88 42.39
N TYR E 422 26.90 3.78 41.98
CA TYR E 422 26.90 2.46 42.62
C TYR E 422 25.51 1.81 42.62
N GLN E 423 24.56 2.33 41.85
CA GLN E 423 23.20 1.82 41.65
C GLN E 423 22.38 1.73 42.93
N THR F 4 36.00 9.99 36.98
CA THR F 4 36.68 10.12 35.71
C THR F 4 35.96 9.35 34.62
N GLN F 5 34.98 8.54 35.02
CA GLN F 5 34.09 7.87 34.09
C GLN F 5 32.88 8.71 33.73
N THR F 6 32.87 9.99 34.09
CA THR F 6 31.86 10.94 33.65
C THR F 6 31.95 11.20 32.14
N ILE F 7 31.02 12.05 31.66
CA ILE F 7 30.88 12.35 30.23
C ILE F 7 32.19 12.93 29.66
N GLY F 8 32.81 13.86 30.37
CA GLY F 8 34.07 14.45 29.98
C GLY F 8 34.09 15.16 28.64
N ASP F 9 33.14 16.08 28.44
CA ASP F 9 33.05 16.82 27.18
C ASP F 9 34.26 17.72 26.96
N GLU F 10 34.79 18.28 28.03
CA GLU F 10 35.85 19.29 27.97
C GLU F 10 37.25 18.68 28.17
N SER F 11 37.45 17.45 27.70
CA SER F 11 38.75 16.80 27.85
C SER F 11 39.78 17.44 26.92
N ASP F 12 41.05 17.27 27.28
CA ASP F 12 42.13 17.99 26.63
C ASP F 12 42.52 17.45 25.24
N PRO F 13 42.85 16.08 25.03
CA PRO F 13 43.38 15.66 23.72
C PRO F 13 42.29 15.40 22.68
N PHE F 14 41.38 16.35 22.52
CA PHE F 14 40.22 16.17 21.66
C PHE F 14 40.53 16.30 20.18
N LEU F 15 41.71 16.84 19.82
CA LEU F 15 42.07 16.98 18.41
C LEU F 15 42.31 15.62 17.76
N GLN F 16 43.04 14.74 18.44
CA GLN F 16 43.26 13.38 17.93
C GLN F 16 41.96 12.59 17.90
N ASN F 17 41.10 12.82 18.90
CA ASN F 17 39.80 12.14 18.95
C ASN F 17 38.90 12.57 17.80
N LYS F 18 38.91 13.86 17.45
CA LYS F 18 38.10 14.35 16.35
C LYS F 18 38.78 14.22 14.99
N ARG F 19 40.05 13.80 14.98
CA ARG F 19 40.71 13.39 13.75
C ARG F 19 40.63 11.89 13.52
N ALA F 20 40.27 11.11 14.54
CA ALA F 20 40.08 9.67 14.40
C ALA F 20 38.62 9.28 14.20
N ASN F 21 37.71 9.93 14.94
CA ASN F 21 36.29 9.59 14.84
C ASN F 21 35.72 9.92 13.47
N ASP F 22 36.20 10.98 12.82
CA ASP F 22 35.64 11.36 11.54
C ASP F 22 36.13 10.45 10.41
N VAL F 23 37.37 9.98 10.48
CA VAL F 23 37.82 9.03 9.46
C VAL F 23 37.18 7.66 9.69
N ILE F 24 36.94 7.29 10.96
CA ILE F 24 36.14 6.11 11.28
C ILE F 24 34.73 6.23 10.70
N GLU F 25 34.13 7.41 10.84
CA GLU F 25 32.75 7.60 10.41
C GLU F 25 32.63 7.64 8.89
N GLN F 26 33.61 8.21 8.20
CA GLN F 26 33.54 8.18 6.74
C GLN F 26 33.78 6.76 6.21
N SER F 27 34.61 5.96 6.89
CA SER F 27 34.74 4.55 6.53
C SER F 27 33.44 3.79 6.73
N LEU F 28 32.75 4.06 7.85
CA LEU F 28 31.48 3.40 8.17
C LEU F 28 30.39 3.76 7.16
N GLN F 29 30.24 5.06 6.86
CA GLN F 29 29.25 5.48 5.87
C GLN F 29 29.62 5.01 4.47
N LEU F 30 30.92 4.91 4.16
CA LEU F 30 31.37 4.42 2.86
C LEU F 30 30.96 2.96 2.66
N GLU F 31 31.20 2.11 3.67
CA GLU F 31 30.85 0.71 3.48
C GLU F 31 29.36 0.45 3.65
N LYS F 32 28.63 1.30 4.38
CA LYS F 32 27.18 1.14 4.42
C LYS F 32 26.55 1.55 3.09
N GLN F 33 27.08 2.61 2.47
CA GLN F 33 26.61 3.00 1.14
C GLN F 33 27.01 1.97 0.08
N ARG F 34 28.16 1.32 0.26
CA ARG F 34 28.57 0.24 -0.64
C ARG F 34 27.64 -0.96 -0.52
N ASP F 35 27.28 -1.35 0.70
CA ASP F 35 26.53 -2.57 0.93
C ASP F 35 25.03 -2.34 1.06
N LYS F 36 24.56 -1.13 0.77
CA LYS F 36 23.12 -0.92 0.67
C LYS F 36 22.58 -1.29 -0.72
N ASN F 37 23.38 -1.07 -1.77
CA ASN F 37 22.90 -1.26 -3.14
C ASN F 37 22.82 -2.74 -3.52
N GLU F 38 23.64 -3.60 -2.92
CA GLU F 38 23.78 -4.99 -3.34
C GLU F 38 22.52 -5.81 -3.12
N ILE F 39 22.38 -6.87 -3.92
CA ILE F 39 21.23 -7.77 -3.89
C ILE F 39 21.75 -9.13 -3.45
N LYS F 40 21.22 -9.63 -2.34
CA LYS F 40 21.72 -10.86 -1.73
C LYS F 40 20.75 -12.01 -1.98
N LEU F 41 21.28 -13.20 -2.20
CA LEU F 41 20.48 -14.39 -2.42
C LEU F 41 20.95 -15.50 -1.48
N LEU F 42 20.02 -16.10 -0.75
CA LEU F 42 20.40 -16.92 0.40
C LEU F 42 20.92 -18.30 0.03
N LEU F 43 20.31 -18.97 -0.96
CA LEU F 43 20.73 -20.29 -1.47
C LEU F 43 20.90 -21.33 -0.35
N LEU F 44 19.84 -21.52 0.43
CA LEU F 44 19.97 -22.37 1.60
C LEU F 44 19.96 -23.85 1.22
N GLY F 45 18.84 -24.32 0.67
CA GLY F 45 18.68 -25.73 0.29
C GLY F 45 18.87 -26.68 1.46
N ALA F 46 19.61 -27.74 1.21
CA ALA F 46 20.01 -28.69 2.24
C ALA F 46 21.39 -29.22 1.88
N ASP F 47 22.01 -29.91 2.84
CA ASP F 47 23.36 -30.46 2.63
C ASP F 47 23.35 -31.57 1.59
N ASN F 48 24.34 -31.52 0.70
CA ASN F 48 24.53 -32.45 -0.42
C ASN F 48 23.27 -32.56 -1.30
N SER F 49 22.70 -31.40 -1.62
CA SER F 49 21.53 -31.34 -2.48
C SER F 49 21.86 -30.90 -3.91
N GLY F 50 23.11 -30.56 -4.19
CA GLY F 50 23.48 -30.12 -5.52
C GLY F 50 23.31 -28.63 -5.76
N LYS F 51 23.59 -27.83 -4.72
CA LYS F 51 23.65 -26.39 -4.91
C LYS F 51 24.85 -26.00 -5.76
N SER F 52 25.93 -26.79 -5.67
CA SER F 52 27.19 -26.49 -6.34
C SER F 52 27.03 -26.53 -7.86
N THR F 53 26.21 -27.46 -8.37
CA THR F 53 26.02 -27.59 -9.81
C THR F 53 25.29 -26.37 -10.37
N VAL F 54 24.21 -25.94 -9.72
CA VAL F 54 23.43 -24.82 -10.23
C VAL F 54 24.19 -23.50 -10.08
N LEU F 55 24.96 -23.35 -8.99
CA LEU F 55 25.78 -22.13 -8.89
C LEU F 55 26.94 -22.16 -9.88
N LYS F 56 27.46 -23.34 -10.21
CA LYS F 56 28.56 -23.44 -11.15
C LYS F 56 28.12 -23.09 -12.56
N GLN F 57 26.97 -23.62 -12.99
CA GLN F 57 26.45 -23.20 -14.30
C GLN F 57 25.89 -21.78 -14.27
N LEU F 58 25.55 -21.25 -13.10
CA LEU F 58 25.27 -19.82 -12.99
C LEU F 58 26.52 -19.00 -13.31
N LYS F 59 27.64 -19.36 -12.70
CA LYS F 59 28.92 -18.71 -13.03
C LYS F 59 29.42 -19.21 -14.38
N THR F 72 35.93 -22.50 3.82
CA THR F 72 34.77 -22.26 2.97
C THR F 72 33.60 -21.70 3.77
N GLY F 73 32.67 -22.57 4.16
CA GLY F 73 31.50 -22.14 4.90
C GLY F 73 30.59 -21.31 4.02
N ILE F 74 30.27 -20.10 4.51
CA ILE F 74 29.53 -19.15 3.69
C ILE F 74 30.47 -18.60 2.62
N THR F 75 30.04 -18.69 1.37
CA THR F 75 30.83 -18.24 0.23
C THR F 75 30.12 -17.04 -0.41
N GLU F 76 30.75 -15.87 -0.28
CA GLU F 76 30.20 -14.64 -0.84
C GLU F 76 30.50 -14.62 -2.34
N THR F 77 29.61 -15.25 -3.12
CA THR F 77 29.82 -15.42 -4.56
C THR F 77 29.25 -14.20 -5.28
N GLU F 78 29.99 -13.10 -5.22
CA GLU F 78 29.53 -11.82 -5.75
C GLU F 78 29.67 -11.78 -7.27
N PHE F 79 28.65 -11.23 -7.94
CA PHE F 79 28.65 -11.05 -9.38
C PHE F 79 28.45 -9.59 -9.74
N ASN F 80 28.81 -9.27 -10.98
CA ASN F 80 28.59 -7.95 -11.59
C ASN F 80 27.85 -8.19 -12.90
N ILE F 81 26.52 -8.11 -12.87
CA ILE F 81 25.74 -8.32 -14.09
C ILE F 81 25.78 -7.08 -14.97
N GLY F 82 25.38 -5.95 -14.42
CA GLY F 82 25.44 -4.68 -15.13
C GLY F 82 25.82 -3.59 -14.15
N SER F 83 25.01 -2.52 -14.12
CA SER F 83 25.12 -1.56 -13.02
C SER F 83 24.69 -2.16 -11.70
N SER F 84 23.87 -3.21 -11.72
CA SER F 84 23.53 -3.95 -10.51
C SER F 84 24.68 -4.87 -10.12
N LYS F 85 24.89 -5.02 -8.82
CA LYS F 85 25.98 -5.82 -8.27
C LYS F 85 25.36 -6.90 -7.37
N PHE F 86 25.26 -8.12 -7.90
CA PHE F 86 24.66 -9.23 -7.20
C PHE F 86 25.58 -9.74 -6.07
N LYS F 87 25.02 -10.64 -5.27
CA LYS F 87 25.77 -11.39 -4.26
C LYS F 87 24.96 -12.62 -3.90
N VAL F 88 25.62 -13.77 -3.85
CA VAL F 88 24.99 -15.04 -3.54
C VAL F 88 25.77 -15.66 -2.39
N LEU F 89 25.08 -16.01 -1.31
CA LEU F 89 25.74 -16.54 -0.12
C LEU F 89 25.59 -18.05 -0.14
N ASP F 90 26.66 -18.77 -0.46
CA ASP F 90 26.55 -20.22 -0.54
C ASP F 90 26.63 -20.77 0.87
N ALA F 91 25.46 -20.88 1.51
CA ALA F 91 25.38 -21.47 2.83
C ALA F 91 25.62 -22.97 2.75
N GLY F 92 26.04 -23.53 3.87
CA GLY F 92 26.38 -24.95 3.91
C GLY F 92 26.83 -25.31 5.30
N GLY F 93 26.96 -26.62 5.52
CA GLY F 93 27.21 -27.12 6.86
C GLY F 93 25.99 -26.91 7.72
N GLN F 94 24.86 -27.45 7.27
CA GLN F 94 23.57 -27.29 7.95
C GLN F 94 23.61 -27.88 9.36
N ARG F 95 22.94 -27.22 10.29
CA ARG F 95 23.00 -27.56 11.70
C ARG F 95 21.60 -27.43 12.28
N SER F 96 21.34 -28.18 13.36
CA SER F 96 20.00 -28.29 13.95
C SER F 96 19.48 -26.99 14.54
N GLU F 97 20.34 -26.00 14.80
CA GLU F 97 19.87 -24.78 15.45
C GLU F 97 20.23 -23.57 14.60
N ARG F 98 19.90 -23.63 13.31
CA ARG F 98 20.10 -22.51 12.41
C ARG F 98 19.21 -21.31 12.73
N LYS F 99 18.15 -21.51 13.51
CA LYS F 99 17.19 -20.45 13.82
C LYS F 99 17.83 -19.30 14.59
N LYS F 100 18.88 -19.59 15.36
CA LYS F 100 19.58 -18.54 16.11
C LYS F 100 20.24 -17.53 15.18
N TRP F 101 21.12 -18.00 14.30
CA TRP F 101 21.87 -17.12 13.42
C TRP F 101 21.14 -16.79 12.13
N ILE F 102 19.93 -17.32 11.90
CA ILE F 102 19.21 -16.97 10.67
C ILE F 102 18.57 -15.59 10.75
N HIS F 103 18.65 -14.91 11.89
CA HIS F 103 18.12 -13.56 12.01
C HIS F 103 18.89 -12.56 11.16
N CYS F 104 20.18 -12.84 10.90
CA CYS F 104 21.06 -11.92 10.16
C CYS F 104 20.57 -11.61 8.75
N PHE F 105 19.86 -12.55 8.12
CA PHE F 105 19.45 -12.39 6.73
C PHE F 105 18.05 -11.83 6.58
N GLU F 106 17.66 -10.87 7.44
CA GLU F 106 16.45 -10.10 7.18
C GLU F 106 16.57 -9.25 5.93
N GLY F 107 17.77 -8.72 5.67
CA GLY F 107 18.00 -7.78 4.58
C GLY F 107 17.85 -8.36 3.19
N ILE F 108 17.99 -9.67 3.04
CA ILE F 108 18.12 -10.31 1.72
C ILE F 108 16.85 -10.16 0.91
N THR F 109 17.02 -10.12 -0.40
CA THR F 109 15.88 -10.05 -1.31
C THR F 109 15.19 -11.40 -1.45
N ALA F 110 15.95 -12.49 -1.53
CA ALA F 110 15.33 -13.79 -1.79
C ALA F 110 16.15 -14.91 -1.20
N VAL F 111 15.46 -16.03 -0.98
CA VAL F 111 16.08 -17.31 -0.66
C VAL F 111 15.97 -18.19 -1.89
N LEU F 112 17.07 -18.79 -2.30
CA LEU F 112 17.05 -19.84 -3.31
C LEU F 112 17.06 -21.17 -2.58
N PHE F 113 16.32 -22.13 -3.10
CA PHE F 113 16.20 -23.41 -2.43
C PHE F 113 16.47 -24.50 -3.46
N VAL F 114 17.17 -25.55 -3.05
CA VAL F 114 17.59 -26.62 -3.95
C VAL F 114 17.10 -27.94 -3.38
N LEU F 115 16.32 -28.68 -4.16
CA LEU F 115 15.75 -29.95 -3.74
C LEU F 115 16.27 -31.07 -4.62
N ASP F 116 16.90 -32.06 -4.02
CA ASP F 116 17.31 -33.27 -4.73
C ASP F 116 16.08 -34.15 -4.89
N MET F 117 15.59 -34.26 -6.12
CA MET F 117 14.28 -34.86 -6.40
C MET F 117 14.24 -36.34 -6.07
N SER F 118 15.32 -37.07 -6.35
CA SER F 118 15.32 -38.53 -6.20
C SER F 118 15.22 -38.98 -4.74
N ASP F 119 15.72 -38.18 -3.80
CA ASP F 119 15.83 -38.62 -2.41
C ASP F 119 14.49 -38.41 -1.71
N TYR F 120 13.83 -39.49 -1.31
CA TYR F 120 12.48 -39.43 -0.77
C TYR F 120 12.45 -38.93 0.68
N ASN F 121 13.33 -39.46 1.53
CA ASN F 121 13.36 -39.01 2.91
C ASN F 121 13.90 -37.59 3.03
N ARG F 122 14.87 -37.23 2.17
CA ARG F 122 15.33 -35.86 2.11
C ARG F 122 14.27 -34.94 1.52
N MET F 123 13.44 -35.45 0.62
CA MET F 123 12.27 -34.72 0.13
C MET F 123 11.31 -34.40 1.27
N HIS F 124 11.01 -35.38 2.12
CA HIS F 124 10.08 -35.17 3.23
C HIS F 124 10.65 -34.17 4.25
N GLU F 125 11.90 -34.39 4.67
CA GLU F 125 12.55 -33.49 5.63
C GLU F 125 12.72 -32.09 5.04
N SER F 126 13.00 -32.00 3.74
CA SER F 126 13.12 -30.72 3.09
C SER F 126 11.77 -30.04 2.89
N ILE F 127 10.69 -30.82 2.81
CA ILE F 127 9.34 -30.24 2.78
C ILE F 127 9.05 -29.57 4.12
N MET F 128 9.44 -30.22 5.22
CA MET F 128 9.22 -29.60 6.53
C MET F 128 10.14 -28.39 6.73
N LEU F 129 11.39 -28.48 6.27
CA LEU F 129 12.30 -27.34 6.36
C LEU F 129 11.84 -26.18 5.48
N PHE F 130 11.31 -26.49 4.29
CA PHE F 130 10.74 -25.47 3.42
C PHE F 130 9.54 -24.80 4.07
N ASP F 131 8.71 -25.57 4.76
CA ASP F 131 7.57 -24.98 5.46
C ASP F 131 8.00 -24.04 6.58
N THR F 132 8.96 -24.48 7.41
CA THR F 132 9.38 -23.63 8.53
C THR F 132 10.14 -22.39 8.05
N LEU F 133 10.94 -22.48 6.98
CA LEU F 133 11.57 -21.28 6.46
C LEU F 133 10.62 -20.43 5.63
N LEU F 134 9.53 -21.01 5.13
CA LEU F 134 8.53 -20.24 4.39
C LEU F 134 7.63 -19.45 5.31
N ASN F 135 7.36 -19.98 6.51
CA ASN F 135 6.51 -19.29 7.47
C ASN F 135 7.28 -18.99 8.75
N SER F 136 8.55 -18.62 8.61
CA SER F 136 9.27 -17.97 9.70
C SER F 136 8.99 -16.47 9.66
N LYS F 137 9.21 -15.83 10.80
CA LYS F 137 8.95 -14.39 10.93
C LYS F 137 9.88 -13.57 10.06
N TRP F 138 11.15 -13.98 9.98
CA TRP F 138 12.18 -13.16 9.35
C TRP F 138 12.05 -13.08 7.84
N PHE F 139 11.56 -14.14 7.20
CA PHE F 139 11.46 -14.19 5.74
C PHE F 139 10.06 -13.88 5.23
N LYS F 140 9.18 -13.33 6.09
CA LYS F 140 7.79 -13.02 5.72
C LYS F 140 7.71 -12.07 4.54
N ASP F 141 8.61 -11.09 4.50
CA ASP F 141 8.73 -10.25 3.31
C ASP F 141 9.32 -11.03 2.13
N THR F 142 10.37 -11.81 2.38
CA THR F 142 11.28 -12.23 1.32
C THR F 142 10.68 -13.36 0.48
N PRO F 143 10.62 -13.23 -0.83
CA PRO F 143 10.10 -14.29 -1.69
C PRO F 143 11.09 -15.43 -1.86
N PHE F 144 10.61 -16.55 -2.40
CA PHE F 144 11.39 -17.76 -2.53
C PHE F 144 11.48 -18.24 -3.98
N ILE F 145 12.62 -18.86 -4.29
CA ILE F 145 12.84 -19.55 -5.56
C ILE F 145 13.25 -20.98 -5.23
N LEU F 146 12.65 -21.94 -5.92
CA LEU F 146 12.85 -23.35 -5.67
C LEU F 146 13.46 -24.02 -6.89
N PHE F 147 14.42 -24.91 -6.64
CA PHE F 147 15.08 -25.67 -7.69
C PHE F 147 14.94 -27.15 -7.35
N LEU F 148 14.40 -27.91 -8.28
CA LEU F 148 14.37 -29.37 -8.18
C LEU F 148 15.58 -29.89 -8.94
N ASN F 149 16.53 -30.45 -8.20
CA ASN F 149 17.88 -30.69 -8.73
C ASN F 149 17.98 -31.94 -9.59
N LYS F 150 17.06 -32.88 -9.42
CA LYS F 150 17.24 -34.23 -9.98
C LYS F 150 16.06 -34.60 -10.87
N ILE F 151 15.74 -33.74 -11.83
CA ILE F 151 14.65 -34.02 -12.77
C ILE F 151 14.95 -35.26 -13.61
N ASP F 152 16.21 -35.45 -14.01
CA ASP F 152 16.56 -36.61 -14.81
C ASP F 152 16.56 -37.90 -13.97
N LEU F 153 17.06 -37.82 -12.74
CA LEU F 153 17.07 -38.99 -11.87
C LEU F 153 15.66 -39.35 -11.43
N PHE F 154 14.79 -38.35 -11.28
CA PHE F 154 13.40 -38.63 -10.92
C PHE F 154 12.62 -39.18 -12.10
N GLU F 155 12.91 -38.71 -13.31
CA GLU F 155 12.32 -39.31 -14.51
C GLU F 155 12.77 -40.75 -14.68
N GLU F 156 14.03 -41.04 -14.33
CA GLU F 156 14.53 -42.41 -14.38
C GLU F 156 13.88 -43.30 -13.33
N LYS F 157 13.82 -42.84 -12.08
CA LYS F 157 13.42 -43.67 -10.95
C LYS F 157 11.98 -43.45 -10.51
N VAL F 158 11.16 -42.79 -11.33
CA VAL F 158 9.74 -42.70 -11.02
C VAL F 158 8.95 -43.91 -11.52
N LYS F 159 9.51 -44.66 -12.46
CA LYS F 159 8.88 -45.91 -12.89
C LYS F 159 8.98 -46.97 -11.79
N SER F 160 10.10 -47.03 -11.09
CA SER F 160 10.35 -48.05 -10.08
C SER F 160 10.13 -47.49 -8.69
N MET F 161 9.49 -48.30 -7.83
CA MET F 161 9.29 -48.09 -6.39
C MET F 161 8.58 -46.78 -6.03
N PRO F 162 7.27 -46.64 -6.32
CA PRO F 162 6.53 -45.52 -5.74
C PRO F 162 6.46 -45.64 -4.22
N ILE F 163 6.68 -44.52 -3.55
CA ILE F 163 6.73 -44.49 -2.09
C ILE F 163 5.34 -44.10 -1.56
N ARG F 164 4.89 -44.83 -0.54
CA ARG F 164 3.53 -44.67 -0.03
C ARG F 164 3.42 -43.56 1.01
N LYS F 165 4.51 -42.90 1.36
CA LYS F 165 4.42 -41.65 2.10
C LYS F 165 3.92 -40.53 1.20
N TYR F 166 4.47 -40.44 -0.01
CA TYR F 166 3.88 -39.66 -1.07
C TYR F 166 2.65 -40.37 -1.63
N PHE F 167 1.88 -39.62 -2.44
CA PHE F 167 0.61 -40.01 -3.07
C PHE F 167 -0.43 -40.51 -2.06
N PRO F 168 -1.03 -39.66 -1.23
CA PRO F 168 -2.21 -40.13 -0.47
C PRO F 168 -3.37 -40.53 -1.36
N ASP F 169 -3.57 -39.83 -2.46
CA ASP F 169 -4.58 -40.20 -3.45
C ASP F 169 -4.09 -39.90 -4.86
N GLY F 172 -3.62 -40.47 -8.09
CA GLY F 172 -2.18 -40.66 -8.08
C GLY F 172 -1.74 -41.97 -8.68
N ARG F 173 -1.81 -42.07 -10.00
CA ARG F 173 -1.46 -43.29 -10.70
C ARG F 173 0.06 -43.32 -10.96
N VAL F 174 0.53 -44.48 -11.44
CA VAL F 174 1.95 -44.62 -11.75
C VAL F 174 2.34 -43.73 -12.93
N GLY F 175 1.60 -43.83 -14.05
CA GLY F 175 1.64 -42.93 -15.19
C GLY F 175 3.02 -42.62 -15.73
N ASP F 176 3.25 -41.35 -16.03
CA ASP F 176 4.56 -40.82 -16.34
C ASP F 176 5.16 -40.22 -15.06
N ALA F 177 6.24 -39.46 -15.21
CA ALA F 177 6.81 -38.77 -14.07
C ALA F 177 6.24 -37.38 -13.88
N GLU F 178 5.78 -36.76 -14.99
CA GLU F 178 5.14 -35.44 -14.93
C GLU F 178 3.91 -35.45 -14.03
N ALA F 179 3.13 -36.52 -14.06
CA ALA F 179 2.18 -36.76 -12.99
C ALA F 179 2.95 -37.29 -11.79
N GLY F 180 2.64 -36.76 -10.62
CA GLY F 180 3.54 -36.90 -9.49
C GLY F 180 4.53 -35.76 -9.32
N LEU F 181 5.25 -35.40 -10.39
CA LEU F 181 6.02 -34.16 -10.38
C LEU F 181 5.10 -32.95 -10.22
N LYS F 182 3.94 -32.97 -10.86
CA LYS F 182 2.98 -31.88 -10.69
C LYS F 182 2.34 -31.91 -9.31
N TYR F 183 2.18 -33.10 -8.72
CA TYR F 183 1.76 -33.20 -7.33
C TYR F 183 2.77 -32.56 -6.39
N PHE F 184 4.07 -32.80 -6.63
CA PHE F 184 5.10 -32.19 -5.81
C PHE F 184 5.17 -30.68 -6.01
N GLU F 185 5.11 -30.22 -7.26
CA GLU F 185 5.13 -28.78 -7.54
C GLU F 185 3.84 -28.08 -7.14
N LYS F 186 2.77 -28.83 -6.84
CA LYS F 186 1.58 -28.25 -6.24
C LYS F 186 1.67 -28.21 -4.71
N ILE F 187 2.20 -29.26 -4.08
CA ILE F 187 2.30 -29.22 -2.63
C ILE F 187 3.41 -28.28 -2.15
N PHE F 188 4.40 -27.97 -2.99
CA PHE F 188 5.32 -26.89 -2.63
C PHE F 188 4.63 -25.54 -2.66
N LEU F 189 3.79 -25.30 -3.66
CA LEU F 189 3.06 -24.05 -3.78
C LEU F 189 1.89 -23.96 -2.80
N SER F 190 1.49 -25.06 -2.19
CA SER F 190 0.41 -25.04 -1.19
C SER F 190 0.94 -24.90 0.22
N LEU F 191 2.02 -24.14 0.42
CA LEU F 191 2.64 -24.02 1.73
C LEU F 191 2.89 -22.58 2.15
N ASN F 192 2.55 -21.58 1.33
CA ASN F 192 2.78 -20.19 1.67
C ASN F 192 1.48 -19.56 2.18
N LYS F 193 1.53 -19.01 3.39
CA LYS F 193 0.32 -18.51 4.04
C LYS F 193 -0.15 -17.18 3.45
N THR F 194 0.75 -16.21 3.35
CA THR F 194 0.39 -14.86 2.94
C THR F 194 0.59 -14.60 1.45
N ASN F 195 0.83 -15.67 0.67
CA ASN F 195 1.02 -15.62 -0.80
C ASN F 195 2.18 -14.71 -1.19
N LYS F 196 3.35 -15.00 -0.61
CA LYS F 196 4.60 -14.45 -1.12
C LYS F 196 4.88 -15.01 -2.51
N PRO F 197 5.62 -14.26 -3.34
CA PRO F 197 6.09 -14.82 -4.62
C PRO F 197 6.94 -16.06 -4.40
N ILE F 198 6.59 -17.13 -5.10
CA ILE F 198 7.36 -18.37 -5.08
C ILE F 198 7.51 -18.83 -6.52
N TYR F 199 8.75 -19.00 -6.96
CA TYR F 199 9.01 -19.47 -8.31
C TYR F 199 9.60 -20.88 -8.22
N VAL F 200 9.29 -21.73 -9.20
CA VAL F 200 9.71 -23.13 -9.18
C VAL F 200 10.40 -23.47 -10.49
N LYS F 201 11.42 -24.32 -10.41
CA LYS F 201 12.21 -24.68 -11.59
C LYS F 201 12.64 -26.13 -11.45
N ARG F 202 12.64 -26.85 -12.58
CA ARG F 202 13.23 -28.18 -12.68
C ARG F 202 14.60 -28.02 -13.33
N THR F 203 15.66 -28.22 -12.54
CA THR F 203 17.01 -28.09 -13.05
C THR F 203 17.71 -29.46 -13.14
N CYS F 204 18.54 -29.61 -14.16
CA CYS F 204 19.31 -30.82 -14.39
C CYS F 204 20.80 -30.47 -14.40
N ALA F 205 21.62 -31.50 -14.52
CA ALA F 205 23.07 -31.32 -14.64
C ALA F 205 23.49 -30.74 -15.98
N THR F 206 22.58 -30.65 -16.95
CA THR F 206 22.85 -30.03 -18.24
C THR F 206 21.92 -28.86 -18.52
N ASP F 207 21.33 -28.26 -17.47
CA ASP F 207 20.34 -27.20 -17.64
C ASP F 207 21.08 -25.91 -18.02
N THR F 208 21.06 -25.59 -19.31
CA THR F 208 21.68 -24.36 -19.79
C THR F 208 20.91 -23.14 -19.32
N GLN F 209 19.59 -23.22 -19.25
CA GLN F 209 18.74 -22.07 -18.92
C GLN F 209 18.35 -22.15 -17.45
N THR F 210 19.28 -21.72 -16.59
CA THR F 210 18.98 -21.54 -15.17
C THR F 210 19.52 -20.24 -14.59
N ALA F 211 20.54 -19.61 -15.19
CA ALA F 211 20.90 -18.26 -14.78
C ALA F 211 19.82 -17.27 -15.20
N LYS F 212 19.21 -17.52 -16.37
CA LYS F 212 18.03 -16.77 -16.82
C LYS F 212 16.91 -16.84 -15.79
N PHE F 213 16.76 -17.99 -15.14
CA PHE F 213 15.72 -18.16 -14.13
C PHE F 213 15.96 -17.27 -12.93
N ILE F 214 17.19 -17.24 -12.41
CA ILE F 214 17.45 -16.46 -11.20
C ILE F 214 17.43 -14.97 -11.50
N LEU F 215 17.86 -14.57 -12.70
CA LEU F 215 17.81 -13.15 -13.04
C LEU F 215 16.37 -12.69 -13.29
N SER F 216 15.56 -13.53 -13.96
CA SER F 216 14.16 -13.20 -14.17
C SER F 216 13.39 -13.17 -12.86
N ALA F 217 13.74 -14.06 -11.92
CA ALA F 217 13.06 -14.08 -10.63
C ALA F 217 13.43 -12.87 -9.78
N VAL F 218 14.69 -12.43 -9.84
CA VAL F 218 15.08 -11.25 -9.07
C VAL F 218 14.44 -9.98 -9.63
N THR F 219 14.39 -9.84 -10.96
CA THR F 219 13.73 -8.68 -11.55
C THR F 219 12.22 -8.68 -11.28
N ASP F 220 11.57 -9.85 -11.37
CA ASP F 220 10.15 -9.93 -11.04
C ASP F 220 9.89 -9.64 -9.56
N LEU F 221 10.82 -10.06 -8.70
CA LEU F 221 10.75 -9.78 -7.27
C LEU F 221 10.79 -8.30 -6.98
N ILE F 222 11.76 -7.58 -7.56
CA ILE F 222 11.88 -6.16 -7.29
C ILE F 222 10.72 -5.38 -7.91
N ILE F 223 10.21 -5.82 -9.07
CA ILE F 223 9.03 -5.18 -9.64
C ILE F 223 7.80 -5.37 -8.73
N GLN F 224 7.62 -6.57 -8.17
CA GLN F 224 6.49 -6.77 -7.28
C GLN F 224 6.77 -6.37 -5.84
N GLN F 225 7.92 -5.78 -5.59
CA GLN F 225 8.21 -5.21 -4.29
C GLN F 225 8.30 -3.70 -4.35
N ASN F 226 8.27 -3.12 -5.55
CA ASN F 226 8.13 -1.69 -5.71
C ASN F 226 6.76 -1.28 -6.23
N LEU F 227 6.02 -2.19 -6.88
CA LEU F 227 4.66 -1.92 -7.30
C LEU F 227 3.65 -2.25 -6.21
N LYS F 228 4.12 -2.48 -4.99
CA LYS F 228 3.29 -2.60 -3.81
C LYS F 228 3.87 -1.73 -2.72
N LYS F 229 4.87 -0.92 -3.07
CA LYS F 229 5.43 0.11 -2.22
C LYS F 229 5.07 1.51 -2.71
N ILE F 230 4.98 1.71 -4.03
CA ILE F 230 4.32 2.92 -4.50
C ILE F 230 2.81 2.82 -4.31
N GLY F 231 2.21 1.67 -4.63
CA GLY F 231 0.80 1.48 -4.37
C GLY F 231 -0.06 1.05 -5.55
N ILE F 232 0.55 0.78 -6.70
CA ILE F 232 -0.21 0.41 -7.89
C ILE F 232 -0.87 -0.96 -7.75
N ILE F 233 -0.35 -1.82 -6.89
CA ILE F 233 -0.98 -3.11 -6.60
C ILE F 233 -1.21 -3.10 -5.09
N ARG G 49 33.48 -27.37 49.50
CA ARG G 49 32.75 -28.10 50.53
C ARG G 49 31.44 -28.65 49.97
N ILE G 50 30.96 -29.75 50.57
CA ILE G 50 29.81 -30.46 50.05
C ILE G 50 28.50 -29.75 50.39
N THR G 51 28.45 -29.06 51.52
CA THR G 51 27.23 -28.38 51.93
C THR G 51 27.04 -27.11 51.09
N ALA G 52 25.81 -26.90 50.61
CA ALA G 52 25.50 -25.72 49.80
C ALA G 52 25.33 -24.45 50.64
N SER G 53 25.17 -24.58 51.95
CA SER G 53 24.93 -23.41 52.79
C SER G 53 26.17 -22.52 52.90
N ASN G 54 27.37 -23.12 52.86
CA ASN G 54 28.58 -22.31 52.81
C ASN G 54 28.71 -21.58 51.48
N ALA G 55 28.23 -22.19 50.40
CA ALA G 55 28.21 -21.52 49.10
C ALA G 55 27.27 -20.32 49.10
N CYS G 56 26.06 -20.51 49.65
CA CYS G 56 25.12 -19.40 49.81
C CYS G 56 25.70 -18.31 50.72
N LEU G 57 26.45 -18.74 51.75
CA LEU G 57 27.06 -17.80 52.68
C LEU G 57 28.16 -16.97 52.01
N THR G 58 29.02 -17.60 51.20
CA THR G 58 30.06 -16.81 50.54
C THR G 58 29.48 -15.90 49.47
N ILE G 59 28.37 -16.29 48.82
CA ILE G 59 27.70 -15.37 47.89
C ILE G 59 27.15 -14.15 48.62
N ILE G 60 26.38 -14.37 49.71
CA ILE G 60 25.77 -13.24 50.40
C ILE G 60 26.82 -12.39 51.10
N ASN G 61 27.94 -12.99 51.54
CA ASN G 61 28.99 -12.22 52.19
C ASN G 61 29.76 -11.36 51.18
N TYR G 62 30.13 -11.96 50.03
CA TYR G 62 30.85 -11.21 49.01
C TYR G 62 30.01 -10.12 48.38
N THR G 63 28.68 -10.28 48.37
CA THR G 63 27.87 -9.15 47.91
C THR G 63 27.55 -8.16 49.02
N SER G 64 27.58 -8.58 50.29
CA SER G 64 27.30 -7.66 51.38
C SER G 64 28.48 -6.71 51.64
N ASN G 65 29.69 -7.25 51.75
CA ASN G 65 30.85 -6.42 52.06
C ASN G 65 31.20 -5.50 50.89
N THR G 66 31.89 -4.41 51.22
CA THR G 66 32.34 -3.35 50.29
C THR G 66 31.18 -2.78 49.47
N LYS G 67 30.13 -2.36 50.17
CA LYS G 67 28.94 -1.80 49.55
C LYS G 67 28.64 -0.42 50.11
N ASP G 68 27.80 0.31 49.38
CA ASP G 68 27.34 1.63 49.79
C ASP G 68 26.03 1.93 49.07
N TYR G 69 25.35 2.96 49.55
CA TYR G 69 24.06 3.41 49.01
C TYR G 69 24.05 4.93 48.86
N THR G 70 25.08 5.47 48.21
CA THR G 70 25.19 6.91 48.01
C THR G 70 24.07 7.48 47.14
N LEU G 71 23.51 6.67 46.23
CA LEU G 71 22.45 7.04 45.28
C LEU G 71 22.71 8.33 44.49
N ALA H 211 -33.20 -19.22 24.51
CA ALA H 211 -33.48 -17.82 24.82
C ALA H 211 -33.72 -17.01 23.55
N LYS H 212 -33.94 -15.70 23.71
CA LYS H 212 -34.04 -14.83 22.55
C LYS H 212 -32.69 -14.57 21.91
N PHE H 213 -31.60 -14.89 22.61
CA PHE H 213 -30.27 -15.03 22.02
C PHE H 213 -30.31 -15.91 20.77
N ILE H 214 -30.87 -17.11 20.89
CA ILE H 214 -30.82 -18.08 19.81
C ILE H 214 -31.77 -17.70 18.68
N LEU H 215 -32.95 -17.17 19.02
CA LEU H 215 -33.91 -16.79 17.98
C LEU H 215 -33.43 -15.55 17.22
N SER H 216 -32.87 -14.58 17.94
CA SER H 216 -32.29 -13.41 17.28
C SER H 216 -31.07 -13.79 16.46
N ALA H 217 -30.26 -14.74 16.93
CA ALA H 217 -29.09 -15.17 16.18
C ALA H 217 -29.49 -15.95 14.93
N VAL H 218 -30.57 -16.73 15.00
CA VAL H 218 -31.05 -17.45 13.83
C VAL H 218 -31.62 -16.48 12.80
N THR H 219 -32.36 -15.46 13.26
CA THR H 219 -32.84 -14.41 12.36
C THR H 219 -31.68 -13.65 11.72
N ASP H 220 -30.64 -13.35 12.50
CA ASP H 220 -29.46 -12.65 11.98
C ASP H 220 -28.71 -13.50 10.97
N LEU H 221 -28.56 -14.80 11.24
CA LEU H 221 -27.90 -15.70 10.30
C LEU H 221 -28.67 -15.85 9.01
N ILE H 222 -30.01 -15.92 9.08
CA ILE H 222 -30.80 -16.06 7.86
C ILE H 222 -30.78 -14.76 7.04
N ILE H 223 -30.85 -13.59 7.70
CA ILE H 223 -30.82 -12.36 6.92
C ILE H 223 -29.43 -12.11 6.34
N GLN H 224 -28.37 -12.48 7.07
CA GLN H 224 -27.01 -12.32 6.53
C GLN H 224 -26.75 -13.29 5.39
N GLN H 225 -27.25 -14.53 5.51
CA GLN H 225 -27.05 -15.52 4.46
C GLN H 225 -27.86 -15.19 3.20
N ASN H 226 -29.06 -14.62 3.37
CA ASN H 226 -29.82 -14.25 2.19
C ASN H 226 -29.32 -12.94 1.58
N LEU H 227 -28.71 -12.08 2.39
CA LEU H 227 -28.04 -10.90 1.84
C LEU H 227 -26.80 -11.30 1.06
N LYS H 228 -26.06 -12.30 1.55
CA LYS H 228 -24.86 -12.76 0.86
C LYS H 228 -25.22 -13.53 -0.42
N LYS H 229 -26.30 -14.32 -0.38
CA LYS H 229 -26.75 -15.02 -1.58
C LYS H 229 -27.26 -14.05 -2.64
N ILE H 230 -28.05 -13.04 -2.23
CA ILE H 230 -28.52 -12.06 -3.20
C ILE H 230 -27.44 -11.06 -3.57
N GLY H 231 -26.32 -11.04 -2.85
CA GLY H 231 -25.11 -10.41 -3.33
C GLY H 231 -24.88 -8.97 -2.90
N ILE H 232 -25.60 -8.47 -1.89
CA ILE H 232 -25.27 -7.16 -1.36
C ILE H 232 -23.96 -7.23 -0.55
N ILE H 233 -23.77 -8.29 0.22
CA ILE H 233 -22.53 -8.44 0.98
C ILE H 233 -21.49 -9.00 0.02
C1 NAG I . -36.27 45.89 -32.65
C2 NAG I . -35.79 46.43 -34.01
C3 NAG I . -35.58 47.95 -33.93
C4 NAG I . -36.82 48.65 -33.41
C5 NAG I . -37.22 48.06 -32.06
C6 NAG I . -38.50 48.63 -31.51
C7 NAG I . -34.15 45.67 -35.68
C8 NAG I . -32.83 44.99 -35.89
N2 NAG I . -34.55 45.77 -34.40
O3 NAG I . -35.26 48.47 -35.22
O4 NAG I . -36.57 50.04 -33.26
O5 NAG I . -37.43 46.65 -32.21
O6 NAG I . -38.80 49.89 -32.09
O7 NAG I . -34.82 46.09 -36.61
CAA Y01 J . -20.98 0.62 -21.49
CBA Y01 J . -19.95 1.68 -21.82
CAB Y01 J . -18.54 1.15 -21.58
CAN Y01 J . -20.19 2.96 -21.04
CAJ Y01 J . -19.32 4.14 -21.40
CAO Y01 J . -19.55 4.65 -22.81
CBB Y01 J . -20.77 5.59 -23.00
CAC Y01 J . -20.95 6.47 -21.76
CBE Y01 J . -20.62 6.41 -24.30
CAP Y01 J . -19.87 5.62 -25.41
CAQ Y01 J . -20.39 6.14 -26.76
CBG Y01 J . -21.26 7.33 -26.39
CBI Y01 J . -21.89 6.93 -25.04
CAE Y01 J . -22.92 5.79 -25.18
CAU Y01 J . -22.55 8.19 -24.46
CAS Y01 J . -23.58 8.78 -25.44
CBF Y01 J . -23.02 9.08 -26.83
CBD Y01 J . -22.26 7.87 -27.41
CAK Y01 J . -21.54 8.28 -28.70
CAI Y01 J . -22.32 9.24 -29.54
CAZ Y01 J . -23.49 9.75 -29.21
CAV Y01 J . -24.31 10.54 -30.21
CBH Y01 J . -24.08 9.64 -27.81
CAD Y01 J . -25.31 8.71 -27.88
CAT Y01 J . -24.52 11.03 -27.34
CAR Y01 J . -25.37 11.80 -28.37
CBC Y01 J . -24.66 11.91 -29.69
OAW Y01 J . -25.57 12.50 -30.67
CAY Y01 J . -25.61 13.83 -30.77
OAG Y01 J . -24.99 14.58 -30.07
CAM Y01 J . -26.53 14.28 -31.87
CAL Y01 J . -26.60 15.77 -32.12
CAX Y01 J . -27.36 16.17 -33.38
OAH Y01 J . -27.46 17.39 -33.64
OAF Y01 J . -27.85 15.27 -34.09
CAA Y01 K . -22.25 9.46 -2.08
CBA Y01 K . -22.07 10.82 -1.43
CAB Y01 K . -22.06 10.69 0.09
CAN Y01 K . -23.13 11.82 -1.89
CAJ Y01 K . -22.95 13.24 -1.42
CAO Y01 K . -23.60 14.25 -2.34
CBB Y01 K . -23.76 15.67 -1.77
CAC Y01 K . -22.44 16.15 -1.19
CBE Y01 K . -24.33 16.61 -2.85
CAP Y01 K . -25.42 15.91 -3.73
CAQ Y01 K . -26.59 16.89 -3.83
CBG Y01 K . -25.89 18.22 -3.67
CBI Y01 K . -24.97 17.98 -2.44
CAE Y01 K . -25.76 17.83 -1.14
CAU Y01 K . -24.03 19.19 -2.37
CAS Y01 K . -24.80 20.52 -2.30
CBF Y01 K . -25.78 20.71 -3.46
CBD Y01 K . -26.73 19.51 -3.62
CAK Y01 K . -27.55 19.63 -4.89
CAI Y01 K . -27.97 21.04 -5.19
CAZ Y01 K . -27.62 22.10 -4.48
CAV Y01 K . -28.25 23.45 -4.76
CBH Y01 K . -26.54 22.06 -3.40
CAD Y01 K . -27.22 22.28 -2.03
CAT Y01 K . -25.53 23.21 -3.67
CAR Y01 K . -26.18 24.57 -3.94
CBC Y01 K . -27.19 24.49 -5.06
OAW Y01 K . -27.77 25.76 -5.53
CAY Y01 K . -28.45 26.56 -4.68
OAG Y01 K . -28.75 26.27 -3.55
CAM Y01 K . -28.79 27.87 -5.33
CAL Y01 K . -28.46 29.11 -4.52
CAX Y01 K . -28.70 30.43 -5.25
OAH Y01 K . -27.75 31.23 -5.34
OAF Y01 K . -29.83 30.64 -5.72
CAA Y01 L . -22.91 12.18 -8.62
CBA Y01 L . -22.20 12.92 -7.51
CAB Y01 L . -20.89 12.23 -7.15
CAN Y01 L . -21.98 14.39 -7.87
CAJ Y01 L . -23.20 15.27 -7.79
CAO Y01 L . -23.00 16.64 -8.43
CBB Y01 L . -24.26 17.51 -8.46
CAC Y01 L . -25.00 17.42 -7.12
CBE Y01 L . -23.90 18.97 -8.85
CAP Y01 L . -22.98 19.01 -10.10
CAQ Y01 L . -23.46 20.18 -10.98
CBG Y01 L . -24.26 21.03 -10.01
CBI Y01 L . -25.04 20.00 -9.17
CAE Y01 L . -26.16 19.32 -9.98
CAU Y01 L . -25.61 20.78 -7.98
CAS Y01 L . -26.50 21.95 -8.44
CBF Y01 L . -25.80 22.92 -9.41
CBD Y01 L . -25.12 22.16 -10.57
CAK Y01 L . -24.29 23.12 -11.41
CAI Y01 L . -24.97 24.44 -11.64
CAZ Y01 L . -26.11 24.80 -11.07
CAV Y01 L . -26.82 26.07 -11.50
CBH Y01 L . -26.75 24.04 -9.91
CAD Y01 L . -28.10 23.48 -10.39
CAT Y01 L . -26.99 25.05 -8.76
CAR Y01 L . -27.75 26.31 -9.21
CBC Y01 L . -27.05 27.02 -10.34
OAW Y01 L . -27.94 28.06 -10.84
CAY Y01 L . -27.41 29.10 -11.48
OAG Y01 L . -27.33 29.16 -12.68
CAM Y01 L . -26.99 30.19 -10.55
CAL Y01 L . -28.10 30.93 -9.83
CAX Y01 L . -28.78 32.01 -10.64
OAH Y01 L . -28.40 32.20 -11.81
OAF Y01 L . -29.69 32.67 -10.11
C1 NAG M . -35.10 42.75 -39.08
C2 NAG M . -35.61 41.44 -39.74
C3 NAG M . -37.13 41.46 -39.95
C4 NAG M . -37.84 41.80 -38.64
C5 NAG M . -37.33 43.15 -38.14
C6 NAG M . -37.98 43.57 -36.84
C7 NAG M . -34.88 41.85 -42.12
C8 NAG M . -34.07 41.27 -43.24
N2 NAG M . -34.90 41.12 -40.99
O3 NAG M . -37.56 40.19 -40.42
O4 NAG M . -39.24 41.85 -38.84
O5 NAG M . -35.92 43.07 -37.92
O6 NAG M . -37.90 44.98 -36.67
O7 NAG M . -35.48 42.91 -42.25
CAA Y01 N . -12.85 3.36 -21.20
CBA Y01 N . -13.32 3.11 -22.63
CAB Y01 N . -14.45 2.09 -22.66
CAN Y01 N . -13.72 4.42 -23.32
CAJ Y01 N . -14.25 4.27 -24.72
CAO Y01 N . -14.65 5.58 -25.34
CBB Y01 N . -15.32 5.49 -26.72
CAC Y01 N . -16.51 4.53 -26.65
CBE Y01 N . -15.71 6.90 -27.22
CAP Y01 N . -14.62 7.96 -26.86
CAQ Y01 N . -14.79 9.12 -27.87
CBG Y01 N . -15.98 8.72 -28.72
CBI Y01 N . -15.95 7.16 -28.74
CAE Y01 N . -14.77 6.62 -29.56
CAU Y01 N . -17.29 6.70 -29.32
CAS Y01 N . -17.58 7.33 -30.69
CBF Y01 N . -17.52 8.87 -30.67
CBD Y01 N . -16.20 9.38 -30.07
CAK Y01 N . -16.22 10.90 -29.93
CAI Y01 N . -16.93 11.60 -31.04
CAZ Y01 N . -17.58 11.00 -32.02
CAV Y01 N . -18.14 11.82 -33.17
CBH Y01 N . -17.86 9.51 -32.05
CAD Y01 N . -17.03 8.88 -33.18
CAT Y01 N . -19.38 9.29 -32.33
CAR Y01 N . -19.93 10.12 -33.49
CBC Y01 N . -19.64 11.59 -33.31
OAW Y01 N . -20.25 12.50 -34.29
CAY Y01 N . -19.84 12.50 -35.59
OAG Y01 N . -19.22 11.62 -36.11
CAM Y01 N . -20.26 13.75 -36.30
CAL Y01 N . -21.33 13.60 -37.36
CAX Y01 N . -21.51 14.80 -38.27
OAH Y01 N . -22.58 15.43 -38.21
OAF Y01 N . -20.58 15.11 -39.04
CAA Y01 O . -18.19 13.71 -3.07
CBA Y01 O . -17.18 14.54 -3.83
CAB Y01 O . -15.87 14.64 -3.05
CAN Y01 O . -17.73 15.94 -4.15
CAJ Y01 O . -19.00 15.96 -4.96
CAO Y01 O . -19.70 17.30 -4.92
CBB Y01 O . -19.43 18.22 -6.12
CAC Y01 O . -19.46 17.42 -7.42
CBE Y01 O . -20.39 19.43 -6.13
CAP Y01 O . -20.77 19.89 -4.69
CAQ Y01 O . -21.03 21.40 -4.74
CBG Y01 O . -21.03 21.72 -6.23
CBI Y01 O . -19.96 20.76 -6.82
CAE Y01 O . -18.54 21.14 -6.41
CAU Y01 O . -20.12 20.81 -8.35
CAS Y01 O . -19.97 22.24 -8.88
CBF Y01 O . -20.94 23.24 -8.23
CBD Y01 O . -20.90 23.17 -6.69
CAK Y01 O . -22.03 24.02 -6.10
CAI Y01 O . -22.24 25.30 -6.84
CAZ Y01 O . -21.61 25.65 -7.95
CAV Y01 O . -21.78 27.04 -8.54
CBH Y01 O . -20.75 24.68 -8.76
CAD Y01 O . -19.29 25.15 -8.65
CAT Y01 O . -21.21 24.73 -10.23
CAR Y01 O . -21.36 26.15 -10.79
CBC Y01 O . -22.29 26.98 -9.96
OAW Y01 O . -22.30 28.32 -10.52
CAY Y01 O . -23.35 29.11 -10.27
OAG Y01 O . -24.24 28.82 -9.51
CAM Y01 O . -23.31 30.37 -11.10
CAL Y01 O . -22.13 31.29 -10.86
CAX Y01 O . -22.17 32.59 -11.65
OAH Y01 O . -21.20 32.87 -12.37
OAF Y01 O . -23.19 33.30 -11.54
CAA Y01 P . -15.07 8.11 -19.68
CBA Y01 P . -16.48 7.85 -19.16
CAB Y01 P . -16.43 6.94 -17.94
CAN Y01 P . -17.39 7.28 -20.24
CAJ Y01 P . -17.16 7.83 -21.63
CAO Y01 P . -18.11 8.96 -21.98
CBB Y01 P . -17.65 9.87 -23.15
CAC Y01 P . -16.60 9.15 -24.00
CBE Y01 P . -18.88 10.34 -23.96
CAP Y01 P . -20.04 10.80 -23.03
CAQ Y01 P . -20.76 11.96 -23.74
CBG Y01 P . -20.22 11.92 -25.15
CBI Y01 P . -18.74 11.52 -24.98
CAE Y01 P . -17.90 12.65 -24.35
CAU Y01 P . -18.22 11.17 -26.38
CAS Y01 P . -18.40 12.33 -27.36
CBF Y01 P . -19.85 12.82 -27.47
CBD Y01 P . -20.46 13.11 -26.08
CAK Y01 P . -21.95 13.41 -26.21
CAI Y01 P . -22.29 14.19 -27.44
CAZ Y01 P . -21.43 14.55 -28.38
CAV Y01 P . -21.83 15.53 -29.46
CBH Y01 P . -20.01 14.00 -28.45
CAD Y01 P . -19.05 15.15 -28.12
CAT Y01 P . -19.76 13.51 -29.89
CAR Y01 P . -20.11 14.54 -30.96
CBC Y01 P . -21.55 14.97 -30.86
OAW Y01 P . -21.75 16.07 -31.79
CAY Y01 P . -22.88 16.12 -32.47
OAG Y01 P . -23.48 15.15 -32.84
CAM Y01 P . -23.34 17.54 -32.70
CAL Y01 P . -23.50 17.97 -34.14
CAX Y01 P . -24.09 19.35 -34.33
OAH Y01 P . -25.14 19.47 -35.00
OAF Y01 P . -23.51 20.32 -33.80
#